data_2EV8
#
_entry.id   2EV8
#
_cell.length_a   1.000
_cell.length_b   1.000
_cell.length_c   1.000
_cell.angle_alpha   90.00
_cell.angle_beta   90.00
_cell.angle_gamma   90.00
#
_symmetry.space_group_name_H-M   'P 1'
#
_entity_poly.entity_id   1
_entity_poly.type   'polypeptide(L)'
_entity_poly.pdbx_seq_one_letter_code
;MGHHHHHHSGHMVRLIQFEKVTEEPMGITLKLNEKQSCTVARILHGGMIHRQGSLHVGDEILEINGTNVTNHSVDQLQKA
MKETKGMISLKVIPNQQ
;
_entity_poly.pdbx_strand_id   A
#
# COMPACT_ATOMS: atom_id res chain seq x y z
N VAL A 13 -13.73 -5.44 2.12
CA VAL A 13 -12.33 -5.17 1.69
C VAL A 13 -12.28 -4.09 0.61
N ARG A 14 -11.08 -3.84 0.09
CA ARG A 14 -10.90 -2.84 -0.95
C ARG A 14 -9.60 -3.10 -1.71
N LEU A 15 -9.51 -2.61 -2.94
CA LEU A 15 -8.31 -2.81 -3.73
C LEU A 15 -7.85 -1.49 -4.37
N ILE A 16 -6.55 -1.38 -4.62
CA ILE A 16 -5.98 -0.19 -5.23
C ILE A 16 -4.99 -0.58 -6.31
N GLN A 17 -5.31 -0.22 -7.55
CA GLN A 17 -4.44 -0.54 -8.67
C GLN A 17 -3.76 0.71 -9.21
N PHE A 18 -2.43 0.72 -9.16
CA PHE A 18 -1.67 1.86 -9.65
C PHE A 18 -0.49 1.41 -10.50
N GLU A 19 0.18 2.37 -11.12
CA GLU A 19 1.33 2.08 -11.97
C GLU A 19 2.63 2.49 -11.28
N LYS A 20 3.54 1.53 -11.13
CA LYS A 20 4.83 1.79 -10.50
C LYS A 20 5.96 1.69 -11.52
N VAL A 21 6.35 2.84 -12.06
CA VAL A 21 7.42 2.91 -13.06
C VAL A 21 7.95 4.33 -13.16
N THR A 22 7.03 5.29 -13.09
CA THR A 22 7.35 6.72 -13.18
C THR A 22 8.68 7.05 -12.49
N GLU A 23 9.29 8.15 -12.90
CA GLU A 23 10.55 8.60 -12.32
C GLU A 23 10.30 9.45 -11.07
N GLU A 24 9.07 9.38 -10.57
CA GLU A 24 8.66 10.12 -9.40
C GLU A 24 7.40 9.48 -8.83
N PRO A 25 7.50 8.20 -8.44
CA PRO A 25 6.37 7.43 -7.91
C PRO A 25 5.52 8.23 -6.92
N MET A 26 4.36 7.66 -6.59
CA MET A 26 3.43 8.30 -5.66
C MET A 26 4.10 8.59 -4.32
N GLY A 27 5.11 7.79 -3.98
CA GLY A 27 5.79 7.98 -2.72
C GLY A 27 4.89 7.81 -1.52
N ILE A 28 4.67 6.56 -1.11
CA ILE A 28 3.81 6.27 0.03
C ILE A 28 4.50 5.35 1.03
N THR A 29 4.03 5.37 2.27
CA THR A 29 4.60 4.52 3.32
C THR A 29 3.52 4.05 4.27
N LEU A 30 3.78 2.94 4.97
CA LEU A 30 2.82 2.38 5.91
C LEU A 30 3.51 1.95 7.21
N LYS A 31 2.76 2.02 8.31
CA LYS A 31 3.28 1.64 9.61
C LYS A 31 2.29 0.71 10.32
N LEU A 32 2.81 -0.30 10.98
CA LEU A 32 1.97 -1.26 11.69
C LEU A 32 2.47 -1.48 13.12
N ASN A 33 1.57 -1.94 13.99
CA ASN A 33 1.90 -2.20 15.38
C ASN A 33 2.91 -3.35 15.49
N GLU A 34 2.98 -3.97 16.66
CA GLU A 34 3.91 -5.07 16.89
C GLU A 34 3.40 -6.38 16.28
N LYS A 35 2.30 -6.32 15.54
CA LYS A 35 1.73 -7.52 14.91
C LYS A 35 1.93 -7.50 13.39
N GLN A 36 2.71 -6.54 12.89
CA GLN A 36 2.95 -6.43 11.46
C GLN A 36 1.63 -6.39 10.69
N SER A 37 0.70 -5.56 11.16
CA SER A 37 -0.62 -5.44 10.55
C SER A 37 -0.61 -4.48 9.36
N CYS A 38 0.57 -4.11 8.90
CA CYS A 38 0.73 -3.19 7.76
C CYS A 38 -0.42 -2.19 7.67
N THR A 39 -0.31 -1.10 8.42
CA THR A 39 -1.33 -0.06 8.39
C THR A 39 -0.81 1.18 7.67
N VAL A 40 -1.46 1.53 6.57
CA VAL A 40 -1.07 2.70 5.78
C VAL A 40 -0.66 3.86 6.70
N ALA A 41 0.35 4.62 6.28
CA ALA A 41 0.85 5.72 7.09
C ALA A 41 0.77 7.06 6.37
N ARG A 42 1.64 7.28 5.40
CA ARG A 42 1.67 8.54 4.67
C ARG A 42 1.53 8.35 3.16
N ILE A 43 1.25 9.45 2.47
CA ILE A 43 1.09 9.43 1.02
C ILE A 43 1.51 10.77 0.42
N LEU A 44 2.68 10.80 -0.19
CA LEU A 44 3.19 12.03 -0.80
C LEU A 44 2.17 12.62 -1.77
N HIS A 45 2.03 13.94 -1.74
CA HIS A 45 1.09 14.63 -2.62
C HIS A 45 1.36 14.30 -4.08
N GLY A 46 0.28 14.14 -4.85
CA GLY A 46 0.42 13.83 -6.25
C GLY A 46 0.86 12.39 -6.49
N GLY A 47 0.96 12.00 -7.77
CA GLY A 47 1.37 10.66 -8.10
C GLY A 47 0.22 9.80 -8.56
N MET A 48 -0.48 9.17 -7.61
CA MET A 48 -1.61 8.31 -7.93
C MET A 48 -2.41 7.97 -6.68
N ILE A 49 -1.70 7.70 -5.58
CA ILE A 49 -2.36 7.37 -4.32
C ILE A 49 -3.11 8.57 -3.77
N HIS A 50 -2.38 9.61 -3.41
CA HIS A 50 -2.98 10.83 -2.87
C HIS A 50 -4.10 11.32 -3.79
N ARG A 51 -3.98 11.02 -5.07
CA ARG A 51 -4.98 11.42 -6.05
C ARG A 51 -6.10 10.39 -6.15
N GLN A 52 -5.79 9.15 -5.78
CA GLN A 52 -6.76 8.06 -5.83
C GLN A 52 -8.06 8.46 -5.14
N GLY A 53 -7.95 8.95 -3.92
CA GLY A 53 -9.12 9.36 -3.17
C GLY A 53 -9.73 8.23 -2.37
N SER A 54 -9.97 7.10 -3.04
CA SER A 54 -10.55 5.93 -2.39
C SER A 54 -9.66 5.44 -1.25
N LEU A 55 -8.39 5.83 -1.29
CA LEU A 55 -7.44 5.42 -0.25
C LEU A 55 -7.81 6.03 1.10
N HIS A 56 -7.41 5.37 2.17
CA HIS A 56 -7.70 5.84 3.52
C HIS A 56 -6.54 5.54 4.46
N VAL A 57 -5.75 6.57 4.79
CA VAL A 57 -4.62 6.42 5.68
C VAL A 57 -5.03 5.77 6.99
N GLY A 58 -4.15 4.93 7.53
CA GLY A 58 -4.44 4.25 8.78
C GLY A 58 -5.11 2.91 8.57
N ASP A 59 -5.60 2.67 7.35
CA ASP A 59 -6.26 1.42 7.04
C ASP A 59 -5.23 0.30 6.85
N GLU A 60 -5.56 -0.88 7.35
CA GLU A 60 -4.65 -2.02 7.24
C GLU A 60 -4.78 -2.70 5.88
N ILE A 61 -3.67 -3.27 5.42
CA ILE A 61 -3.63 -3.96 4.14
C ILE A 61 -3.31 -5.45 4.36
N LEU A 62 -4.16 -6.32 3.83
CA LEU A 62 -3.98 -7.76 4.00
C LEU A 62 -3.01 -8.34 2.99
N GLU A 63 -3.04 -7.85 1.76
CA GLU A 63 -2.16 -8.35 0.72
C GLU A 63 -2.19 -7.44 -0.50
N ILE A 64 -1.02 -7.24 -1.08
CA ILE A 64 -0.87 -6.39 -2.25
C ILE A 64 -0.32 -7.17 -3.45
N ASN A 65 -0.76 -6.78 -4.63
CA ASN A 65 -0.32 -7.43 -5.87
C ASN A 65 -0.29 -8.96 -5.73
N GLY A 66 -1.16 -9.49 -4.90
CA GLY A 66 -1.22 -10.93 -4.69
C GLY A 66 -0.14 -11.43 -3.75
N THR A 67 0.26 -10.58 -2.81
CA THR A 67 1.29 -10.93 -1.84
C THR A 67 0.75 -10.87 -0.42
N ASN A 68 0.80 -11.99 0.28
CA ASN A 68 0.32 -12.06 1.65
C ASN A 68 1.16 -11.17 2.55
N VAL A 69 0.86 -9.88 2.55
CA VAL A 69 1.60 -8.92 3.35
C VAL A 69 1.29 -9.07 4.84
N THR A 70 0.34 -9.94 5.17
CA THR A 70 -0.04 -10.16 6.55
C THR A 70 0.89 -11.16 7.24
N ASN A 71 2.19 -11.05 6.96
CA ASN A 71 3.18 -11.94 7.55
C ASN A 71 4.58 -11.33 7.47
N HIS A 72 4.96 -10.91 6.27
CA HIS A 72 6.28 -10.32 6.05
C HIS A 72 6.33 -8.88 6.56
N SER A 73 7.54 -8.40 6.85
CA SER A 73 7.72 -7.04 7.33
C SER A 73 7.33 -6.04 6.26
N VAL A 74 6.99 -4.83 6.67
CA VAL A 74 6.60 -3.80 5.72
C VAL A 74 7.71 -3.51 4.72
N ASP A 75 8.95 -3.52 5.18
CA ASP A 75 10.08 -3.26 4.30
C ASP A 75 10.12 -4.31 3.18
N GLN A 76 9.71 -5.53 3.52
CA GLN A 76 9.67 -6.61 2.54
C GLN A 76 8.63 -6.32 1.48
N LEU A 77 7.48 -5.81 1.91
CA LEU A 77 6.39 -5.49 1.00
C LEU A 77 6.72 -4.26 0.16
N GLN A 78 7.21 -3.20 0.82
CA GLN A 78 7.58 -1.98 0.12
C GLN A 78 8.39 -2.33 -1.11
N LYS A 79 9.40 -3.16 -0.92
CA LYS A 79 10.23 -3.61 -2.02
C LYS A 79 9.44 -4.61 -2.85
N ALA A 80 8.55 -5.37 -2.19
CA ALA A 80 7.71 -6.35 -2.87
C ALA A 80 6.85 -5.65 -3.91
N MET A 81 6.50 -4.40 -3.63
CA MET A 81 5.70 -3.62 -4.55
C MET A 81 6.55 -3.20 -5.73
N LYS A 82 7.74 -2.68 -5.42
CA LYS A 82 8.70 -2.27 -6.43
C LYS A 82 9.16 -3.50 -7.23
N GLU A 83 9.05 -4.66 -6.60
CA GLU A 83 9.45 -5.92 -7.21
C GLU A 83 8.80 -6.10 -8.58
N THR A 84 7.48 -6.13 -8.60
CA THR A 84 6.73 -6.30 -9.84
C THR A 84 6.92 -5.10 -10.76
N LYS A 85 6.64 -5.30 -12.05
CA LYS A 85 6.78 -4.24 -13.05
C LYS A 85 6.28 -2.90 -12.53
N GLY A 86 5.02 -2.85 -12.11
CA GLY A 86 4.46 -1.61 -11.60
C GLY A 86 3.01 -1.73 -11.18
N MET A 87 2.23 -2.49 -11.94
CA MET A 87 0.82 -2.67 -11.63
C MET A 87 0.64 -3.43 -10.32
N ILE A 88 0.24 -2.70 -9.27
CA ILE A 88 0.04 -3.32 -7.96
C ILE A 88 -1.41 -3.18 -7.50
N SER A 89 -1.88 -4.24 -6.84
CA SER A 89 -3.24 -4.27 -6.31
C SER A 89 -3.21 -4.50 -4.81
N LEU A 90 -3.37 -3.44 -4.03
CA LEU A 90 -3.32 -3.54 -2.58
C LEU A 90 -4.70 -3.76 -1.99
N LYS A 91 -4.82 -4.79 -1.16
CA LYS A 91 -6.07 -5.10 -0.50
C LYS A 91 -6.15 -4.39 0.83
N VAL A 92 -7.07 -3.43 0.94
CA VAL A 92 -7.23 -2.66 2.16
C VAL A 92 -8.62 -2.82 2.75
N ILE A 93 -8.75 -2.51 4.03
CA ILE A 93 -10.03 -2.62 4.71
C ILE A 93 -10.60 -1.23 5.02
N PRO A 94 -11.93 -1.07 4.92
CA PRO A 94 -12.60 0.20 5.17
C PRO A 94 -12.23 0.78 6.54
N ASN A 95 -12.09 2.11 6.58
CA ASN A 95 -11.74 2.79 7.83
C ASN A 95 -12.97 3.03 8.69
N GLN A 96 -13.54 1.94 9.21
CA GLN A 96 -14.72 2.03 10.05
C GLN A 96 -14.55 1.20 11.31
N GLN A 97 -13.33 1.17 11.84
CA GLN A 97 -13.03 0.41 13.04
C GLN A 97 -13.72 1.02 14.26
N VAL A 13 -13.78 -5.51 2.44
CA VAL A 13 -12.40 -5.32 1.91
C VAL A 13 -12.38 -4.33 0.75
N ARG A 14 -11.19 -4.11 0.20
CA ARG A 14 -11.02 -3.18 -0.91
C ARG A 14 -9.67 -3.41 -1.57
N LEU A 15 -9.53 -2.96 -2.81
CA LEU A 15 -8.27 -3.14 -3.53
C LEU A 15 -7.80 -1.83 -4.15
N ILE A 16 -6.49 -1.70 -4.32
CA ILE A 16 -5.90 -0.50 -4.89
C ILE A 16 -4.91 -0.88 -6.00
N GLN A 17 -5.21 -0.49 -7.22
CA GLN A 17 -4.34 -0.80 -8.35
C GLN A 17 -3.71 0.45 -8.92
N PHE A 18 -2.38 0.51 -8.87
CA PHE A 18 -1.65 1.65 -9.40
C PHE A 18 -0.46 1.20 -10.22
N GLU A 19 0.28 2.16 -10.77
CA GLU A 19 1.45 1.84 -11.59
C GLU A 19 2.74 2.35 -10.94
N LYS A 20 3.85 1.72 -11.28
CA LYS A 20 5.15 2.11 -10.76
C LYS A 20 6.04 2.59 -11.89
N VAL A 21 7.17 3.18 -11.54
CA VAL A 21 8.10 3.71 -12.54
C VAL A 21 7.47 4.87 -13.29
N THR A 22 7.68 6.08 -12.80
CA THR A 22 7.10 7.25 -13.42
C THR A 22 7.97 8.48 -13.18
N GLU A 23 7.53 9.62 -13.71
CA GLU A 23 8.25 10.88 -13.52
C GLU A 23 7.78 11.56 -12.25
N GLU A 24 7.11 10.78 -11.41
CA GLU A 24 6.58 11.24 -10.14
C GLU A 24 5.97 10.04 -9.40
N PRO A 25 6.81 9.03 -9.12
CA PRO A 25 6.37 7.81 -8.45
C PRO A 25 5.45 8.07 -7.26
N MET A 26 4.90 7.00 -6.70
CA MET A 26 4.00 7.11 -5.56
C MET A 26 4.71 6.75 -4.26
N GLY A 27 5.57 7.66 -3.78
CA GLY A 27 6.30 7.43 -2.55
C GLY A 27 5.39 7.27 -1.35
N ILE A 28 4.87 6.06 -1.17
CA ILE A 28 3.98 5.77 -0.06
C ILE A 28 4.68 4.98 1.04
N THR A 29 4.18 5.10 2.26
CA THR A 29 4.76 4.40 3.40
C THR A 29 3.66 3.97 4.37
N LEU A 30 3.94 2.97 5.18
CA LEU A 30 2.97 2.48 6.15
C LEU A 30 3.62 2.16 7.50
N LYS A 31 2.82 2.20 8.55
CA LYS A 31 3.30 1.91 9.90
C LYS A 31 2.43 0.84 10.57
N LEU A 32 3.07 -0.17 11.13
CA LEU A 32 2.34 -1.24 11.79
C LEU A 32 2.93 -1.54 13.17
N ASN A 33 2.10 -2.14 14.03
CA ASN A 33 2.53 -2.50 15.37
C ASN A 33 3.06 -3.94 15.39
N GLU A 34 3.18 -4.52 16.59
CA GLU A 34 3.67 -5.88 16.72
C GLU A 34 2.68 -6.88 16.11
N LYS A 35 1.45 -6.42 15.87
CA LYS A 35 0.41 -7.28 15.30
C LYS A 35 0.74 -7.68 13.87
N GLN A 36 1.65 -6.97 13.23
CA GLN A 36 2.03 -7.27 11.86
C GLN A 36 0.82 -7.12 10.93
N SER A 37 0.23 -5.93 10.92
CA SER A 37 -0.94 -5.66 10.11
C SER A 37 -0.73 -4.55 9.09
N CYS A 38 0.53 -4.15 8.91
CA CYS A 38 0.89 -3.09 7.95
C CYS A 38 -0.23 -2.06 7.78
N THR A 39 -0.25 -1.04 8.62
CA THR A 39 -1.26 0.00 8.50
C THR A 39 -0.70 1.20 7.76
N VAL A 40 -1.25 1.46 6.59
CA VAL A 40 -0.81 2.58 5.77
C VAL A 40 -0.45 3.79 6.63
N ALA A 41 0.52 4.59 6.18
CA ALA A 41 0.98 5.74 6.96
C ALA A 41 0.92 7.04 6.17
N ARG A 42 1.67 7.12 5.09
CA ARG A 42 1.71 8.35 4.30
C ARG A 42 1.82 8.07 2.80
N ILE A 43 1.70 9.13 2.01
CA ILE A 43 1.77 9.04 0.56
C ILE A 43 2.50 10.26 -0.01
N LEU A 44 3.35 10.04 -1.00
CA LEU A 44 4.10 11.13 -1.62
C LEU A 44 3.18 12.29 -1.99
N HIS A 45 3.76 13.49 -2.05
CA HIS A 45 2.99 14.69 -2.38
C HIS A 45 2.96 14.92 -3.90
N GLY A 46 1.75 15.03 -4.45
CA GLY A 46 1.62 15.24 -5.88
C GLY A 46 0.24 14.91 -6.38
N GLY A 47 0.00 13.62 -6.64
CA GLY A 47 -1.30 13.19 -7.13
C GLY A 47 -1.27 11.79 -7.69
N MET A 48 -1.67 10.81 -6.89
CA MET A 48 -1.69 9.42 -7.32
C MET A 48 -2.50 8.56 -6.35
N ILE A 49 -1.90 8.23 -5.21
CA ILE A 49 -2.57 7.41 -4.21
C ILE A 49 -3.56 8.24 -3.40
N HIS A 50 -3.12 9.44 -2.99
CA HIS A 50 -3.98 10.33 -2.22
C HIS A 50 -5.06 10.94 -3.10
N ARG A 51 -4.73 11.13 -4.38
CA ARG A 51 -5.68 11.70 -5.33
C ARG A 51 -6.57 10.63 -5.95
N GLN A 52 -6.15 9.36 -5.83
CA GLN A 52 -6.90 8.24 -6.38
C GLN A 52 -8.38 8.34 -6.01
N GLY A 53 -8.66 8.77 -4.78
CA GLY A 53 -10.02 8.90 -4.33
C GLY A 53 -10.51 7.68 -3.56
N SER A 54 -10.04 6.51 -3.98
CA SER A 54 -10.43 5.26 -3.33
C SER A 54 -9.35 4.79 -2.36
N LEU A 55 -8.82 5.72 -1.58
CA LEU A 55 -7.76 5.41 -0.62
C LEU A 55 -8.00 6.13 0.71
N HIS A 56 -7.53 5.54 1.79
CA HIS A 56 -7.68 6.12 3.12
C HIS A 56 -6.57 5.69 4.05
N VAL A 57 -5.58 6.55 4.22
CA VAL A 57 -4.43 6.27 5.08
C VAL A 57 -4.89 5.92 6.49
N GLY A 58 -4.16 5.00 7.12
CA GLY A 58 -4.51 4.57 8.45
C GLY A 58 -5.25 3.25 8.46
N ASP A 59 -5.62 2.78 7.26
CA ASP A 59 -6.33 1.52 7.12
C ASP A 59 -5.36 0.35 7.26
N GLU A 60 -5.83 -0.85 6.95
CA GLU A 60 -4.97 -2.03 7.05
C GLU A 60 -4.86 -2.73 5.70
N ILE A 61 -3.70 -3.31 5.44
CA ILE A 61 -3.42 -4.02 4.20
C ILE A 61 -3.24 -5.51 4.48
N LEU A 62 -4.04 -6.34 3.82
CA LEU A 62 -3.97 -7.78 4.01
C LEU A 62 -3.04 -8.46 3.00
N GLU A 63 -3.03 -7.96 1.77
CA GLU A 63 -2.19 -8.53 0.75
C GLU A 63 -2.08 -7.60 -0.45
N ILE A 64 -0.86 -7.42 -0.91
CA ILE A 64 -0.59 -6.56 -2.06
C ILE A 64 -0.11 -7.39 -3.24
N ASN A 65 -0.55 -6.98 -4.42
CA ASN A 65 -0.18 -7.66 -5.66
C ASN A 65 -0.28 -9.19 -5.51
N GLY A 66 -1.17 -9.65 -4.63
CA GLY A 66 -1.33 -11.07 -4.42
C GLY A 66 -0.26 -11.65 -3.51
N THR A 67 0.24 -10.83 -2.59
CA THR A 67 1.28 -11.27 -1.66
C THR A 67 0.83 -11.08 -0.21
N ASN A 68 1.14 -12.05 0.64
CA ASN A 68 0.78 -11.98 2.04
C ASN A 68 1.55 -10.88 2.74
N VAL A 69 1.02 -9.65 2.67
CA VAL A 69 1.66 -8.51 3.30
C VAL A 69 1.36 -8.43 4.79
N THR A 70 0.56 -9.37 5.27
CA THR A 70 0.21 -9.40 6.69
C THR A 70 0.94 -10.54 7.40
N ASN A 71 2.09 -10.94 6.85
CA ASN A 71 2.90 -12.00 7.43
C ASN A 71 4.37 -11.62 7.47
N HIS A 72 4.89 -11.19 6.31
CA HIS A 72 6.29 -10.79 6.22
C HIS A 72 6.46 -9.34 6.65
N SER A 73 7.69 -8.96 6.98
CA SER A 73 7.96 -7.58 7.39
C SER A 73 7.56 -6.62 6.30
N VAL A 74 7.07 -5.45 6.70
CA VAL A 74 6.65 -4.46 5.74
C VAL A 74 7.78 -4.06 4.81
N ASP A 75 9.01 -4.13 5.32
CA ASP A 75 10.18 -3.79 4.51
C ASP A 75 10.28 -4.75 3.33
N GLN A 76 9.90 -6.01 3.57
CA GLN A 76 9.93 -7.03 2.54
C GLN A 76 8.88 -6.75 1.48
N LEU A 77 7.69 -6.39 1.93
CA LEU A 77 6.59 -6.10 1.02
C LEU A 77 6.83 -4.81 0.26
N GLN A 78 7.23 -3.77 0.98
CA GLN A 78 7.50 -2.48 0.36
C GLN A 78 8.37 -2.69 -0.87
N LYS A 79 9.48 -3.41 -0.67
CA LYS A 79 10.36 -3.74 -1.76
C LYS A 79 9.65 -4.71 -2.70
N ALA A 80 8.82 -5.57 -2.12
CA ALA A 80 8.05 -6.55 -2.88
C ALA A 80 7.14 -5.83 -3.88
N MET A 81 6.71 -4.63 -3.50
CA MET A 81 5.87 -3.81 -4.36
C MET A 81 6.71 -3.32 -5.54
N LYS A 82 7.89 -2.81 -5.21
CA LYS A 82 8.82 -2.33 -6.21
C LYS A 82 9.28 -3.50 -7.08
N GLU A 83 9.25 -4.69 -6.48
CA GLU A 83 9.66 -5.91 -7.17
C GLU A 83 8.86 -6.10 -8.46
N THR A 84 7.55 -5.97 -8.35
CA THR A 84 6.66 -6.12 -9.51
C THR A 84 7.05 -5.17 -10.63
N LYS A 85 6.60 -5.49 -11.85
CA LYS A 85 6.90 -4.66 -13.01
C LYS A 85 6.48 -3.21 -12.78
N GLY A 86 5.31 -3.03 -12.17
CA GLY A 86 4.82 -1.69 -11.91
C GLY A 86 3.40 -1.66 -11.38
N MET A 87 2.59 -2.64 -11.78
CA MET A 87 1.19 -2.71 -11.34
C MET A 87 1.05 -3.51 -10.05
N ILE A 88 0.45 -2.88 -9.04
CA ILE A 88 0.24 -3.53 -7.76
C ILE A 88 -1.22 -3.43 -7.31
N SER A 89 -1.69 -4.47 -6.65
CA SER A 89 -3.06 -4.54 -6.14
C SER A 89 -3.06 -4.75 -4.63
N LEU A 90 -3.23 -3.66 -3.88
CA LEU A 90 -3.23 -3.74 -2.43
C LEU A 90 -4.64 -3.93 -1.89
N LYS A 91 -4.82 -4.98 -1.09
CA LYS A 91 -6.11 -5.26 -0.50
C LYS A 91 -6.19 -4.63 0.89
N VAL A 92 -7.08 -3.66 1.05
CA VAL A 92 -7.23 -2.97 2.32
C VAL A 92 -8.67 -3.02 2.82
N ILE A 93 -8.85 -2.69 4.09
CA ILE A 93 -10.19 -2.70 4.70
C ILE A 93 -10.74 -1.28 4.81
N PRO A 94 -12.07 -1.12 4.72
CA PRO A 94 -12.72 0.18 4.82
C PRO A 94 -12.43 0.87 6.15
N ASN A 95 -12.07 2.16 6.07
CA ASN A 95 -11.76 2.93 7.26
C ASN A 95 -13.01 3.17 8.10
N GLN A 96 -13.40 2.18 8.88
CA GLN A 96 -14.59 2.28 9.73
C GLN A 96 -14.20 2.23 11.21
N GLN A 97 -13.07 2.84 11.55
CA GLN A 97 -12.59 2.86 12.92
C GLN A 97 -11.59 4.00 13.13
N VAL A 13 -14.14 -5.16 2.27
CA VAL A 13 -12.76 -5.04 1.73
C VAL A 13 -12.71 -4.07 0.55
N ARG A 14 -11.49 -3.79 0.10
CA ARG A 14 -11.28 -2.87 -1.02
C ARG A 14 -9.86 -3.07 -1.54
N LEU A 15 -9.57 -2.55 -2.73
CA LEU A 15 -8.23 -2.69 -3.29
C LEU A 15 -7.77 -1.44 -4.03
N ILE A 16 -6.46 -1.25 -4.07
CA ILE A 16 -5.84 -0.13 -4.74
C ILE A 16 -4.89 -0.63 -5.83
N GLN A 17 -5.00 -0.10 -7.04
CA GLN A 17 -4.16 -0.54 -8.13
C GLN A 17 -3.30 0.59 -8.69
N PHE A 18 -2.00 0.39 -8.67
CA PHE A 18 -1.06 1.38 -9.19
C PHE A 18 0.08 0.69 -9.92
N GLU A 19 0.88 1.46 -10.64
CA GLU A 19 2.00 0.89 -11.37
C GLU A 19 3.26 1.75 -11.28
N LYS A 20 4.41 1.12 -11.46
CA LYS A 20 5.69 1.83 -11.42
C LYS A 20 5.96 2.50 -12.76
N VAL A 21 7.08 3.20 -12.86
CA VAL A 21 7.44 3.88 -14.10
C VAL A 21 6.34 4.86 -14.49
N THR A 22 6.10 5.84 -13.62
CA THR A 22 5.06 6.83 -13.82
C THR A 22 5.64 8.24 -13.86
N GLU A 23 6.97 8.35 -13.88
CA GLU A 23 7.62 9.66 -13.87
C GLU A 23 7.24 10.40 -12.59
N GLU A 24 6.68 9.65 -11.65
CA GLU A 24 6.24 10.17 -10.38
C GLU A 24 5.48 9.07 -9.65
N PRO A 25 6.15 7.93 -9.40
CA PRO A 25 5.55 6.78 -8.73
C PRO A 25 4.76 7.17 -7.48
N MET A 26 4.07 6.19 -6.91
CA MET A 26 3.27 6.40 -5.71
C MET A 26 4.12 6.19 -4.45
N GLY A 27 4.83 7.23 -4.02
CA GLY A 27 5.66 7.12 -2.84
C GLY A 27 4.85 7.09 -1.56
N ILE A 28 4.32 5.92 -1.22
CA ILE A 28 3.52 5.77 -0.02
C ILE A 28 4.26 4.96 1.05
N THR A 29 3.84 5.13 2.29
CA THR A 29 4.45 4.43 3.41
C THR A 29 3.37 3.97 4.40
N LEU A 30 3.69 2.95 5.19
CA LEU A 30 2.73 2.44 6.16
C LEU A 30 3.41 2.04 7.47
N LYS A 31 2.63 2.04 8.54
CA LYS A 31 3.13 1.68 9.86
C LYS A 31 2.25 0.61 10.49
N LEU A 32 2.88 -0.44 11.01
CA LEU A 32 2.14 -1.52 11.64
C LEU A 32 2.73 -1.87 13.01
N ASN A 33 1.91 -2.49 13.86
CA ASN A 33 2.35 -2.89 15.19
C ASN A 33 2.92 -4.31 15.14
N GLU A 34 3.01 -4.95 16.30
CA GLU A 34 3.54 -6.31 16.39
C GLU A 34 2.55 -7.32 15.78
N LYS A 35 1.33 -6.86 15.49
CA LYS A 35 0.31 -7.73 14.92
C LYS A 35 0.60 -8.07 13.47
N GLN A 36 1.45 -7.27 12.82
CA GLN A 36 1.79 -7.49 11.43
C GLN A 36 0.56 -7.28 10.55
N SER A 37 -0.03 -6.08 10.65
CA SER A 37 -1.22 -5.75 9.88
C SER A 37 -1.00 -4.62 8.89
N CYS A 38 0.26 -4.25 8.67
CA CYS A 38 0.62 -3.18 7.74
C CYS A 38 -0.47 -2.12 7.61
N THR A 39 -0.50 -1.16 8.54
CA THR A 39 -1.50 -0.11 8.48
C THR A 39 -0.92 1.11 7.78
N VAL A 40 -1.53 1.46 6.66
CA VAL A 40 -1.09 2.61 5.88
C VAL A 40 -0.68 3.78 6.78
N ALA A 41 0.29 4.56 6.34
CA ALA A 41 0.79 5.68 7.14
C ALA A 41 0.67 7.02 6.41
N ARG A 42 1.52 7.22 5.40
CA ARG A 42 1.53 8.47 4.65
C ARG A 42 1.58 8.23 3.15
N ILE A 43 1.42 9.30 2.39
CA ILE A 43 1.45 9.24 0.94
C ILE A 43 2.42 10.29 0.38
N LEU A 44 2.95 10.03 -0.83
CA LEU A 44 3.88 10.95 -1.46
C LEU A 44 3.28 12.34 -1.60
N HIS A 45 4.14 13.33 -1.73
CA HIS A 45 3.69 14.72 -1.87
C HIS A 45 3.23 15.01 -3.29
N GLY A 46 1.92 15.16 -3.47
CA GLY A 46 1.39 15.43 -4.79
C GLY A 46 1.71 14.34 -5.80
N GLY A 47 0.89 13.29 -5.82
CA GLY A 47 1.12 12.21 -6.74
C GLY A 47 -0.17 11.67 -7.34
N MET A 48 -0.30 10.35 -7.38
CA MET A 48 -1.49 9.71 -7.92
C MET A 48 -2.37 9.14 -6.82
N ILE A 49 -1.73 8.71 -5.72
CA ILE A 49 -2.45 8.15 -4.59
C ILE A 49 -3.44 9.16 -4.02
N HIS A 50 -2.94 10.26 -3.49
CA HIS A 50 -3.79 11.30 -2.93
C HIS A 50 -4.91 11.68 -3.90
N ARG A 51 -4.65 11.49 -5.19
CA ARG A 51 -5.63 11.81 -6.22
C ARG A 51 -6.57 10.63 -6.48
N GLN A 52 -6.12 9.42 -6.14
CA GLN A 52 -6.93 8.22 -6.36
C GLN A 52 -8.36 8.42 -5.86
N GLY A 53 -8.49 8.82 -4.61
CA GLY A 53 -9.82 9.03 -4.03
C GLY A 53 -10.32 7.81 -3.29
N SER A 54 -9.85 6.63 -3.70
CA SER A 54 -10.26 5.39 -3.07
C SER A 54 -9.23 4.94 -2.04
N LEU A 55 -8.53 5.90 -1.45
CA LEU A 55 -7.52 5.61 -0.44
C LEU A 55 -7.96 6.10 0.93
N HIS A 56 -7.43 5.47 1.98
CA HIS A 56 -7.78 5.85 3.34
C HIS A 56 -6.63 5.56 4.30
N VAL A 57 -5.84 6.58 4.59
CA VAL A 57 -4.70 6.45 5.50
C VAL A 57 -5.15 5.92 6.85
N GLY A 58 -4.29 5.10 7.46
CA GLY A 58 -4.60 4.53 8.75
C GLY A 58 -5.34 3.21 8.61
N ASP A 59 -5.83 2.93 7.40
CA ASP A 59 -6.55 1.69 7.15
C ASP A 59 -5.62 0.49 7.29
N GLU A 60 -6.14 -0.71 7.02
CA GLU A 60 -5.34 -1.91 7.12
C GLU A 60 -5.20 -2.59 5.76
N ILE A 61 -4.03 -3.17 5.53
CA ILE A 61 -3.73 -3.87 4.29
C ILE A 61 -3.53 -5.36 4.55
N LEU A 62 -4.20 -6.19 3.77
CA LEU A 62 -4.12 -7.64 3.95
C LEU A 62 -3.13 -8.29 2.99
N GLU A 63 -3.11 -7.80 1.75
CA GLU A 63 -2.22 -8.34 0.74
C GLU A 63 -2.06 -7.38 -0.43
N ILE A 64 -0.82 -7.19 -0.83
CA ILE A 64 -0.50 -6.31 -1.94
C ILE A 64 -0.09 -7.10 -3.18
N ASN A 65 -0.65 -6.73 -4.32
CA ASN A 65 -0.34 -7.40 -5.59
C ASN A 65 -0.43 -8.92 -5.43
N GLY A 66 -1.28 -9.38 -4.53
CA GLY A 66 -1.43 -10.80 -4.31
C GLY A 66 -0.31 -11.38 -3.45
N THR A 67 0.27 -10.52 -2.61
CA THR A 67 1.37 -10.94 -1.74
C THR A 67 0.97 -10.75 -0.27
N ASN A 68 1.28 -11.75 0.55
CA ASN A 68 0.95 -11.69 1.97
C ASN A 68 1.70 -10.53 2.64
N VAL A 69 1.11 -9.34 2.53
CA VAL A 69 1.71 -8.15 3.11
C VAL A 69 1.52 -8.11 4.63
N THR A 70 0.74 -9.04 5.15
CA THR A 70 0.48 -9.12 6.58
C THR A 70 1.48 -10.06 7.26
N ASN A 71 2.04 -10.99 6.50
CA ASN A 71 3.00 -11.95 7.03
C ASN A 71 4.41 -11.36 7.04
N HIS A 72 4.94 -11.08 5.85
CA HIS A 72 6.28 -10.52 5.73
C HIS A 72 6.31 -9.08 6.24
N SER A 73 7.46 -8.66 6.76
CA SER A 73 7.60 -7.30 7.27
C SER A 73 7.31 -6.30 6.15
N VAL A 74 6.87 -5.11 6.53
CA VAL A 74 6.55 -4.10 5.53
C VAL A 74 7.75 -3.77 4.67
N ASP A 75 8.93 -3.66 5.29
CA ASP A 75 10.15 -3.36 4.54
C ASP A 75 10.31 -4.32 3.37
N GLN A 76 9.86 -5.55 3.58
CA GLN A 76 9.93 -6.58 2.54
C GLN A 76 8.95 -6.28 1.42
N LEU A 77 7.71 -5.96 1.78
CA LEU A 77 6.69 -5.65 0.79
C LEU A 77 7.03 -4.38 0.03
N GLN A 78 7.37 -3.32 0.76
CA GLN A 78 7.73 -2.04 0.14
C GLN A 78 8.72 -2.32 -0.99
N LYS A 79 9.78 -3.05 -0.66
CA LYS A 79 10.77 -3.43 -1.64
C LYS A 79 10.13 -4.41 -2.62
N ALA A 80 9.22 -5.24 -2.10
CA ALA A 80 8.50 -6.21 -2.91
C ALA A 80 7.74 -5.49 -4.02
N MET A 81 7.36 -4.25 -3.74
CA MET A 81 6.65 -3.43 -4.72
C MET A 81 7.63 -3.03 -5.80
N LYS A 82 8.80 -2.57 -5.37
CA LYS A 82 9.85 -2.18 -6.29
C LYS A 82 10.36 -3.42 -7.03
N GLU A 83 10.11 -4.59 -6.43
CA GLU A 83 10.51 -5.86 -7.00
C GLU A 83 9.71 -6.18 -8.26
N THR A 84 8.41 -6.35 -8.09
CA THR A 84 7.51 -6.66 -9.21
C THR A 84 7.68 -5.65 -10.34
N LYS A 85 7.24 -6.05 -11.54
CA LYS A 85 7.33 -5.19 -12.72
C LYS A 85 6.98 -3.74 -12.39
N GLY A 86 5.92 -3.55 -11.62
CA GLY A 86 5.51 -2.21 -11.25
C GLY A 86 4.06 -2.14 -10.78
N MET A 87 3.22 -3.03 -11.31
CA MET A 87 1.81 -3.05 -10.93
C MET A 87 1.62 -3.62 -9.53
N ILE A 88 0.67 -3.05 -8.79
CA ILE A 88 0.39 -3.51 -7.43
C ILE A 88 -1.11 -3.48 -7.14
N SER A 89 -1.53 -4.31 -6.18
CA SER A 89 -2.92 -4.40 -5.79
C SER A 89 -3.04 -4.48 -4.27
N LEU A 90 -3.27 -3.34 -3.64
CA LEU A 90 -3.37 -3.29 -2.18
C LEU A 90 -4.80 -3.45 -1.71
N LYS A 91 -5.09 -4.59 -1.09
CA LYS A 91 -6.43 -4.86 -0.56
C LYS A 91 -6.52 -4.32 0.85
N VAL A 92 -7.38 -3.32 1.05
CA VAL A 92 -7.54 -2.72 2.36
C VAL A 92 -8.98 -2.76 2.84
N ILE A 93 -9.18 -2.43 4.11
CA ILE A 93 -10.52 -2.42 4.70
C ILE A 93 -10.99 -0.99 4.96
N PRO A 94 -12.31 -0.76 4.93
CA PRO A 94 -12.89 0.57 5.16
C PRO A 94 -12.48 1.14 6.51
N ASN A 95 -12.16 2.43 6.52
CA ASN A 95 -11.74 3.12 7.73
C ASN A 95 -12.89 3.19 8.75
N GLN A 96 -13.21 2.05 9.35
CA GLN A 96 -14.28 1.98 10.34
C GLN A 96 -13.84 1.21 11.57
N GLN A 97 -12.75 1.66 12.17
CA GLN A 97 -12.22 1.00 13.37
C GLN A 97 -11.83 2.04 14.43
N VAL A 13 -13.88 -6.16 0.84
CA VAL A 13 -12.52 -5.60 0.94
C VAL A 13 -12.35 -4.38 0.03
N ARG A 14 -11.11 -3.93 -0.14
CA ARG A 14 -10.83 -2.77 -0.99
C ARG A 14 -9.52 -2.95 -1.74
N LEU A 15 -9.59 -2.95 -3.07
CA LEU A 15 -8.39 -3.11 -3.88
C LEU A 15 -7.97 -1.78 -4.51
N ILE A 16 -6.68 -1.59 -4.66
CA ILE A 16 -6.14 -0.38 -5.26
C ILE A 16 -5.14 -0.73 -6.36
N GLN A 17 -5.46 -0.33 -7.59
CA GLN A 17 -4.58 -0.62 -8.71
C GLN A 17 -3.89 0.63 -9.20
N PHE A 18 -2.55 0.63 -9.14
CA PHE A 18 -1.79 1.78 -9.57
C PHE A 18 -0.54 1.36 -10.33
N GLU A 19 0.25 2.34 -10.77
CA GLU A 19 1.48 2.07 -11.49
C GLU A 19 2.70 2.45 -10.65
N LYS A 20 3.56 1.47 -10.40
CA LYS A 20 4.76 1.70 -9.61
C LYS A 20 6.01 1.70 -10.49
N VAL A 21 6.45 2.90 -10.86
CA VAL A 21 7.64 3.05 -11.69
C VAL A 21 7.98 4.54 -11.87
N THR A 22 7.53 5.13 -12.99
CA THR A 22 7.77 6.54 -13.27
C THR A 22 9.25 6.92 -13.10
N GLU A 23 9.59 8.10 -13.60
CA GLU A 23 10.96 8.60 -13.49
C GLU A 23 11.06 9.57 -12.31
N GLU A 24 10.08 9.49 -11.41
CA GLU A 24 10.02 10.33 -10.24
C GLU A 24 8.81 9.91 -9.39
N PRO A 25 8.89 8.74 -8.76
CA PRO A 25 7.81 8.20 -7.92
C PRO A 25 7.15 9.25 -7.05
N MET A 26 5.98 8.91 -6.50
CA MET A 26 5.25 9.83 -5.65
C MET A 26 5.83 9.87 -4.23
N GLY A 27 5.58 8.82 -3.46
CA GLY A 27 6.09 8.77 -2.10
C GLY A 27 5.04 8.33 -1.10
N ILE A 28 4.94 7.02 -0.86
CA ILE A 28 3.97 6.49 0.08
C ILE A 28 4.63 5.50 1.04
N THR A 29 4.16 5.50 2.29
CA THR A 29 4.71 4.60 3.30
C THR A 29 3.62 4.14 4.26
N LEU A 30 3.84 3.01 4.92
CA LEU A 30 2.88 2.46 5.88
C LEU A 30 3.56 2.14 7.20
N LYS A 31 2.76 2.11 8.27
CA LYS A 31 3.28 1.80 9.59
C LYS A 31 2.45 0.70 10.25
N LEU A 32 3.15 -0.25 10.87
CA LEU A 32 2.48 -1.36 11.53
C LEU A 32 3.01 -1.57 12.93
N ASN A 33 2.21 -2.21 13.78
CA ASN A 33 2.59 -2.48 15.15
C ASN A 33 3.45 -3.75 15.23
N GLU A 34 3.76 -4.17 16.45
CA GLU A 34 4.57 -5.37 16.66
C GLU A 34 4.00 -6.55 15.86
N LYS A 35 2.68 -6.58 15.72
CA LYS A 35 2.01 -7.64 14.99
C LYS A 35 2.36 -7.59 13.50
N GLN A 36 2.84 -6.44 13.05
CA GLN A 36 3.20 -6.26 11.65
C GLN A 36 1.99 -6.46 10.76
N SER A 37 0.95 -5.64 10.97
CA SER A 37 -0.29 -5.73 10.21
C SER A 37 -0.31 -4.77 9.03
N CYS A 38 0.85 -4.24 8.67
CA CYS A 38 0.97 -3.30 7.55
C CYS A 38 -0.21 -2.33 7.50
N THR A 39 -0.17 -1.32 8.35
CA THR A 39 -1.24 -0.32 8.38
C THR A 39 -0.78 0.94 7.67
N VAL A 40 -1.46 1.28 6.58
CA VAL A 40 -1.12 2.47 5.79
C VAL A 40 -0.74 3.63 6.70
N ALA A 41 0.21 4.45 6.25
CA ALA A 41 0.68 5.57 7.05
C ALA A 41 0.57 6.91 6.33
N ARG A 42 1.54 7.18 5.45
CA ARG A 42 1.55 8.45 4.72
C ARG A 42 1.42 8.24 3.21
N ILE A 43 1.00 9.29 2.53
CA ILE A 43 0.83 9.27 1.08
C ILE A 43 1.09 10.65 0.50
N LEU A 44 2.18 10.78 -0.24
CA LEU A 44 2.56 12.05 -0.86
C LEU A 44 1.37 12.66 -1.60
N HIS A 45 1.06 13.92 -1.28
CA HIS A 45 -0.05 14.63 -1.92
C HIS A 45 0.05 14.57 -3.44
N GLY A 46 -1.09 14.32 -4.08
CA GLY A 46 -1.11 14.25 -5.54
C GLY A 46 -0.09 13.26 -6.09
N GLY A 47 -0.38 11.98 -5.93
CA GLY A 47 0.52 10.95 -6.41
C GLY A 47 -0.12 9.57 -6.44
N MET A 48 -0.95 9.33 -7.44
CA MET A 48 -1.63 8.04 -7.60
C MET A 48 -2.56 7.77 -6.42
N ILE A 49 -1.98 7.36 -5.29
CA ILE A 49 -2.77 7.07 -4.10
C ILE A 49 -3.62 8.26 -3.67
N HIS A 50 -2.95 9.33 -3.28
CA HIS A 50 -3.65 10.55 -2.85
C HIS A 50 -4.71 10.96 -3.86
N ARG A 51 -4.45 10.67 -5.13
CA ARG A 51 -5.37 11.01 -6.20
C ARG A 51 -6.50 9.98 -6.30
N GLN A 52 -6.24 8.77 -5.80
CA GLN A 52 -7.23 7.69 -5.83
C GLN A 52 -8.56 8.16 -5.24
N GLY A 53 -8.52 8.56 -3.96
CA GLY A 53 -9.73 9.02 -3.30
C GLY A 53 -10.46 7.91 -2.57
N SER A 54 -10.20 6.66 -2.98
CA SER A 54 -10.83 5.51 -2.36
C SER A 54 -9.91 4.87 -1.33
N LEU A 55 -9.07 5.69 -0.71
CA LEU A 55 -8.13 5.21 0.30
C LEU A 55 -8.21 6.04 1.57
N HIS A 56 -7.77 5.45 2.68
CA HIS A 56 -7.77 6.14 3.97
C HIS A 56 -6.62 5.65 4.84
N VAL A 57 -5.55 6.44 4.90
CA VAL A 57 -4.38 6.09 5.69
C VAL A 57 -4.75 5.59 7.07
N GLY A 58 -3.82 4.89 7.71
CA GLY A 58 -4.08 4.35 9.03
C GLY A 58 -4.91 3.08 8.99
N ASP A 59 -5.29 2.65 7.79
CA ASP A 59 -6.08 1.45 7.61
C ASP A 59 -5.20 0.21 7.74
N GLU A 60 -5.76 -0.94 7.39
CA GLU A 60 -5.02 -2.20 7.46
C GLU A 60 -5.02 -2.92 6.12
N ILE A 61 -3.88 -3.49 5.77
CA ILE A 61 -3.72 -4.23 4.53
C ILE A 61 -3.44 -5.69 4.83
N LEU A 62 -3.91 -6.57 3.95
CA LEU A 62 -3.74 -8.00 4.13
C LEU A 62 -2.83 -8.60 3.06
N GLU A 63 -2.96 -8.09 1.85
CA GLU A 63 -2.18 -8.58 0.73
C GLU A 63 -2.26 -7.64 -0.45
N ILE A 64 -1.12 -7.43 -1.08
CA ILE A 64 -1.03 -6.56 -2.25
C ILE A 64 -0.44 -7.30 -3.45
N ASN A 65 -0.90 -6.90 -4.63
CA ASN A 65 -0.43 -7.52 -5.87
C ASN A 65 -0.37 -9.04 -5.77
N GLY A 66 -1.24 -9.61 -4.94
CA GLY A 66 -1.26 -11.04 -4.77
C GLY A 66 -0.17 -11.55 -3.84
N THR A 67 0.23 -10.69 -2.90
CA THR A 67 1.27 -11.05 -1.95
C THR A 67 0.75 -11.03 -0.52
N ASN A 68 0.89 -12.15 0.16
CA ASN A 68 0.43 -12.27 1.55
C ASN A 68 1.28 -11.37 2.44
N VAL A 69 0.95 -10.08 2.46
CA VAL A 69 1.68 -9.11 3.26
C VAL A 69 1.41 -9.28 4.75
N THR A 70 0.49 -10.18 5.08
CA THR A 70 0.14 -10.41 6.47
C THR A 70 1.08 -11.41 7.12
N ASN A 71 2.37 -11.29 6.81
CA ASN A 71 3.39 -12.19 7.37
C ASN A 71 4.77 -11.55 7.32
N HIS A 72 5.17 -11.12 6.12
CA HIS A 72 6.48 -10.49 5.93
C HIS A 72 6.49 -9.07 6.47
N SER A 73 7.70 -8.55 6.70
CA SER A 73 7.84 -7.19 7.20
C SER A 73 7.44 -6.18 6.14
N VAL A 74 7.09 -4.98 6.56
CA VAL A 74 6.68 -3.94 5.64
C VAL A 74 7.77 -3.63 4.63
N ASP A 75 9.03 -3.70 5.06
CA ASP A 75 10.16 -3.44 4.18
C ASP A 75 10.18 -4.46 3.05
N GLN A 76 9.78 -5.68 3.38
CA GLN A 76 9.72 -6.75 2.40
C GLN A 76 8.66 -6.47 1.35
N LEU A 77 7.51 -5.95 1.81
CA LEU A 77 6.41 -5.63 0.90
C LEU A 77 6.73 -4.39 0.08
N GLN A 78 7.22 -3.35 0.75
CA GLN A 78 7.56 -2.11 0.06
C GLN A 78 8.37 -2.43 -1.19
N LYS A 79 9.39 -3.27 -1.01
CA LYS A 79 10.20 -3.72 -2.13
C LYS A 79 9.40 -4.70 -2.97
N ALA A 80 8.53 -5.47 -2.30
CA ALA A 80 7.69 -6.44 -2.99
C ALA A 80 6.81 -5.74 -4.02
N MET A 81 6.46 -4.49 -3.71
CA MET A 81 5.64 -3.69 -4.60
C MET A 81 6.49 -3.25 -5.79
N LYS A 82 7.68 -2.74 -5.47
CA LYS A 82 8.63 -2.31 -6.49
C LYS A 82 9.09 -3.51 -7.31
N GLU A 83 8.96 -4.70 -6.71
CA GLU A 83 9.36 -5.94 -7.35
C GLU A 83 8.70 -6.09 -8.72
N THR A 84 7.37 -6.15 -8.72
CA THR A 84 6.61 -6.29 -9.96
C THR A 84 6.77 -5.06 -10.84
N LYS A 85 6.47 -5.23 -12.13
CA LYS A 85 6.58 -4.14 -13.12
C LYS A 85 6.08 -2.82 -12.54
N GLY A 86 4.85 -2.82 -12.04
CA GLY A 86 4.27 -1.61 -11.48
C GLY A 86 2.82 -1.77 -11.09
N MET A 87 2.06 -2.52 -11.87
CA MET A 87 0.64 -2.74 -11.60
C MET A 87 0.45 -3.50 -10.30
N ILE A 88 0.07 -2.79 -9.23
CA ILE A 88 -0.14 -3.42 -7.94
C ILE A 88 -1.59 -3.29 -7.49
N SER A 89 -2.08 -4.36 -6.87
CA SER A 89 -3.44 -4.42 -6.35
C SER A 89 -3.40 -4.68 -4.84
N LEU A 90 -3.56 -3.63 -4.05
CA LEU A 90 -3.51 -3.76 -2.60
C LEU A 90 -4.88 -3.99 -2.01
N LYS A 91 -4.98 -5.02 -1.18
CA LYS A 91 -6.22 -5.35 -0.51
C LYS A 91 -6.26 -4.66 0.84
N VAL A 92 -7.32 -3.90 1.09
CA VAL A 92 -7.45 -3.17 2.33
C VAL A 92 -8.89 -3.20 2.84
N ILE A 93 -9.03 -3.06 4.15
CA ILE A 93 -10.34 -3.06 4.78
C ILE A 93 -10.74 -1.64 5.22
N PRO A 94 -12.05 -1.37 5.36
CA PRO A 94 -12.54 -0.06 5.77
C PRO A 94 -11.84 0.46 7.02
N ASN A 95 -11.45 1.72 7.00
CA ASN A 95 -10.75 2.33 8.13
C ASN A 95 -11.73 2.95 9.13
N GLN A 96 -12.98 2.49 9.12
CA GLN A 96 -14.00 2.97 10.03
C GLN A 96 -14.04 4.51 10.05
N GLN A 97 -14.99 5.06 9.30
CA GLN A 97 -15.14 6.52 9.24
C GLN A 97 -13.89 7.17 8.63
N VAL A 13 -14.05 -6.05 2.15
CA VAL A 13 -12.65 -5.78 1.71
C VAL A 13 -12.63 -4.90 0.47
N ARG A 14 -11.42 -4.60 -0.01
CA ARG A 14 -11.25 -3.76 -1.18
C ARG A 14 -9.83 -3.93 -1.71
N LEU A 15 -9.56 -3.46 -2.92
CA LEU A 15 -8.23 -3.58 -3.50
C LEU A 15 -7.82 -2.31 -4.26
N ILE A 16 -6.52 -2.07 -4.29
CA ILE A 16 -5.97 -0.91 -4.99
C ILE A 16 -4.97 -1.35 -6.04
N GLN A 17 -5.26 -1.05 -7.30
CA GLN A 17 -4.38 -1.44 -8.39
C GLN A 17 -3.72 -0.22 -9.03
N PHE A 18 -2.40 -0.18 -8.96
CA PHE A 18 -1.65 0.93 -9.54
C PHE A 18 -0.45 0.44 -10.32
N GLU A 19 0.11 1.31 -11.15
CA GLU A 19 1.27 0.95 -11.97
C GLU A 19 2.53 1.62 -11.45
N LYS A 20 3.61 0.85 -11.33
CA LYS A 20 4.87 1.38 -10.84
C LYS A 20 5.68 1.99 -11.98
N VAL A 21 5.57 3.30 -12.13
CA VAL A 21 6.28 4.03 -13.17
C VAL A 21 5.89 5.51 -13.14
N THR A 22 4.98 5.92 -14.03
CA THR A 22 4.51 7.29 -14.07
C THR A 22 5.65 8.31 -14.01
N GLU A 23 5.30 9.59 -14.15
CA GLU A 23 6.27 10.67 -14.10
C GLU A 23 6.30 11.27 -12.69
N GLU A 24 5.75 10.51 -11.75
CA GLU A 24 5.67 10.89 -10.35
C GLU A 24 5.06 9.73 -9.56
N PRO A 25 5.82 8.63 -9.45
CA PRO A 25 5.37 7.42 -8.74
C PRO A 25 4.61 7.72 -7.45
N MET A 26 4.01 6.68 -6.88
CA MET A 26 3.25 6.82 -5.64
C MET A 26 4.05 7.59 -4.58
N GLY A 27 4.89 6.87 -3.83
CA GLY A 27 5.68 7.52 -2.80
C GLY A 27 5.01 7.47 -1.45
N ILE A 28 4.48 6.31 -1.08
CA ILE A 28 3.80 6.16 0.19
C ILE A 28 4.51 5.17 1.10
N THR A 29 4.08 5.13 2.35
CA THR A 29 4.66 4.24 3.35
C THR A 29 3.58 3.73 4.31
N LEU A 30 3.82 2.59 4.94
CA LEU A 30 2.85 2.03 5.87
C LEU A 30 3.50 1.71 7.22
N LYS A 31 2.72 1.84 8.27
CA LYS A 31 3.19 1.56 9.63
C LYS A 31 2.34 0.47 10.27
N LEU A 32 3.00 -0.55 10.79
CA LEU A 32 2.29 -1.66 11.42
C LEU A 32 2.89 -2.00 12.78
N ASN A 33 2.09 -2.64 13.62
CA ASN A 33 2.55 -3.02 14.95
C ASN A 33 3.20 -4.39 14.90
N GLU A 34 3.55 -4.93 16.06
CA GLU A 34 4.19 -6.25 16.13
C GLU A 34 3.32 -7.32 15.49
N LYS A 35 2.03 -7.04 15.36
CA LYS A 35 1.08 -7.98 14.76
C LYS A 35 1.29 -8.12 13.26
N GLN A 36 2.07 -7.22 12.67
CA GLN A 36 2.32 -7.26 11.22
C GLN A 36 1.01 -7.07 10.46
N SER A 37 0.31 -5.99 10.75
CA SER A 37 -0.96 -5.70 10.11
C SER A 37 -0.84 -4.67 8.99
N CYS A 38 0.40 -4.35 8.62
CA CYS A 38 0.66 -3.38 7.55
C CYS A 38 -0.43 -2.31 7.44
N THR A 39 -0.38 -1.31 8.32
CA THR A 39 -1.38 -0.26 8.30
C THR A 39 -0.80 1.00 7.66
N VAL A 40 -1.34 1.36 6.50
CA VAL A 40 -0.91 2.54 5.77
C VAL A 40 -0.47 3.65 6.73
N ALA A 41 0.56 4.41 6.35
CA ALA A 41 1.06 5.47 7.22
C ALA A 41 1.03 6.85 6.57
N ARG A 42 1.98 7.13 5.69
CA ARG A 42 2.05 8.43 5.05
C ARG A 42 2.14 8.34 3.53
N ILE A 43 2.03 9.50 2.88
CA ILE A 43 2.11 9.60 1.43
C ILE A 43 2.98 10.80 1.03
N LEU A 44 3.75 10.63 -0.05
CA LEU A 44 4.63 11.70 -0.52
C LEU A 44 3.86 13.01 -0.70
N HIS A 45 4.59 14.10 -0.89
CA HIS A 45 3.99 15.41 -1.08
C HIS A 45 3.56 15.62 -2.52
N GLY A 46 2.25 15.62 -2.75
CA GLY A 46 1.73 15.80 -4.09
C GLY A 46 2.22 14.75 -5.06
N GLY A 47 1.35 13.82 -5.42
CA GLY A 47 1.73 12.76 -6.34
C GLY A 47 0.54 12.18 -7.08
N MET A 48 0.08 11.02 -6.63
CA MET A 48 -1.05 10.36 -7.27
C MET A 48 -1.96 9.71 -6.22
N ILE A 49 -1.36 9.01 -5.27
CA ILE A 49 -2.10 8.34 -4.20
C ILE A 49 -3.13 9.28 -3.57
N HIS A 50 -2.64 10.37 -2.99
CA HIS A 50 -3.52 11.35 -2.36
C HIS A 50 -4.65 11.76 -3.30
N ARG A 51 -4.39 11.65 -4.60
CA ARG A 51 -5.36 12.00 -5.62
C ARG A 51 -6.29 10.82 -5.93
N GLN A 52 -5.81 9.62 -5.67
CA GLN A 52 -6.58 8.40 -5.92
C GLN A 52 -7.98 8.51 -5.32
N GLY A 53 -8.04 8.83 -4.04
CA GLY A 53 -9.32 8.96 -3.37
C GLY A 53 -9.79 7.65 -2.76
N SER A 54 -9.71 6.57 -3.54
CA SER A 54 -10.12 5.26 -3.07
C SER A 54 -9.35 4.86 -1.81
N LEU A 55 -8.13 5.37 -1.69
CA LEU A 55 -7.28 5.06 -0.53
C LEU A 55 -7.75 5.83 0.69
N HIS A 56 -7.12 5.55 1.83
CA HIS A 56 -7.46 6.20 3.08
C HIS A 56 -6.48 5.81 4.18
N VAL A 57 -5.43 6.62 4.35
CA VAL A 57 -4.41 6.37 5.36
C VAL A 57 -5.02 5.86 6.66
N GLY A 58 -4.29 4.97 7.32
CA GLY A 58 -4.77 4.39 8.56
C GLY A 58 -5.54 3.11 8.32
N ASP A 59 -5.88 2.85 7.06
CA ASP A 59 -6.62 1.65 6.71
C ASP A 59 -5.75 0.41 6.94
N GLU A 60 -6.33 -0.76 6.79
CA GLU A 60 -5.58 -1.99 7.01
C GLU A 60 -5.37 -2.74 5.69
N ILE A 61 -4.16 -3.25 5.51
CA ILE A 61 -3.78 -4.00 4.32
C ILE A 61 -3.52 -5.46 4.68
N LEU A 62 -4.03 -6.37 3.86
CA LEU A 62 -3.88 -7.80 4.13
C LEU A 62 -2.90 -8.46 3.16
N GLU A 63 -2.90 -8.01 1.91
CA GLU A 63 -2.02 -8.57 0.91
C GLU A 63 -1.89 -7.64 -0.28
N ILE A 64 -0.65 -7.43 -0.70
CA ILE A 64 -0.35 -6.57 -1.82
C ILE A 64 0.09 -7.39 -3.04
N ASN A 65 -0.38 -7.01 -4.21
CA ASN A 65 -0.04 -7.71 -5.45
C ASN A 65 -0.14 -9.22 -5.29
N GLY A 66 -1.04 -9.66 -4.40
CA GLY A 66 -1.20 -11.08 -4.17
C GLY A 66 -0.11 -11.65 -3.29
N THR A 67 0.43 -10.81 -2.40
CA THR A 67 1.50 -11.22 -1.50
C THR A 67 1.07 -11.00 -0.05
N ASN A 68 1.52 -11.89 0.84
CA ASN A 68 1.19 -11.79 2.25
C ASN A 68 1.91 -10.60 2.89
N VAL A 69 1.33 -9.42 2.73
CA VAL A 69 1.91 -8.21 3.29
C VAL A 69 1.71 -8.15 4.80
N THR A 70 0.86 -9.04 5.32
CA THR A 70 0.58 -9.09 6.74
C THR A 70 1.57 -10.00 7.46
N ASN A 71 2.24 -10.87 6.71
CA ASN A 71 3.20 -11.80 7.28
C ASN A 71 4.62 -11.24 7.23
N HIS A 72 5.11 -10.98 6.03
CA HIS A 72 6.45 -10.43 5.85
C HIS A 72 6.53 -8.99 6.36
N SER A 73 7.71 -8.57 6.78
CA SER A 73 7.90 -7.22 7.27
C SER A 73 7.57 -6.21 6.19
N VAL A 74 7.16 -5.01 6.60
CA VAL A 74 6.82 -3.97 5.66
C VAL A 74 7.97 -3.68 4.70
N ASP A 75 9.19 -3.68 5.22
CA ASP A 75 10.36 -3.43 4.40
C ASP A 75 10.45 -4.45 3.27
N GLN A 76 9.99 -5.66 3.56
CA GLN A 76 10.00 -6.74 2.58
C GLN A 76 9.00 -6.46 1.47
N LEU A 77 7.82 -5.98 1.84
CA LEU A 77 6.79 -5.68 0.86
C LEU A 77 7.12 -4.43 0.06
N GLN A 78 7.55 -3.38 0.76
CA GLN A 78 7.92 -2.13 0.09
C GLN A 78 8.83 -2.46 -1.07
N LYS A 79 9.87 -3.26 -0.80
CA LYS A 79 10.79 -3.68 -1.84
C LYS A 79 10.06 -4.65 -2.77
N ALA A 80 9.16 -5.44 -2.18
CA ALA A 80 8.36 -6.39 -2.96
C ALA A 80 7.58 -5.66 -4.03
N MET A 81 7.25 -4.40 -3.75
CA MET A 81 6.53 -3.56 -4.69
C MET A 81 7.47 -3.17 -5.82
N LYS A 82 8.67 -2.75 -5.42
CA LYS A 82 9.70 -2.39 -6.39
C LYS A 82 10.17 -3.63 -7.14
N GLU A 83 9.88 -4.80 -6.55
CA GLU A 83 10.25 -6.08 -7.13
C GLU A 83 9.45 -6.36 -8.40
N THR A 84 8.15 -6.59 -8.22
CA THR A 84 7.26 -6.88 -9.34
C THR A 84 7.37 -5.82 -10.43
N LYS A 85 6.93 -6.18 -11.64
CA LYS A 85 6.96 -5.27 -12.78
C LYS A 85 6.53 -3.86 -12.39
N GLY A 86 5.49 -3.77 -11.58
CA GLY A 86 5.00 -2.48 -11.13
C GLY A 86 3.52 -2.50 -10.79
N MET A 87 2.79 -3.44 -11.37
CA MET A 87 1.36 -3.57 -11.12
C MET A 87 1.11 -4.20 -9.75
N ILE A 88 0.76 -3.37 -8.77
CA ILE A 88 0.50 -3.84 -7.43
C ILE A 88 -1.00 -3.86 -7.12
N SER A 89 -1.39 -4.75 -6.22
CA SER A 89 -2.78 -4.88 -5.83
C SER A 89 -2.90 -4.92 -4.31
N LEU A 90 -3.22 -3.78 -3.71
CA LEU A 90 -3.32 -3.68 -2.26
C LEU A 90 -4.74 -3.93 -1.79
N LYS A 91 -4.95 -5.06 -1.10
CA LYS A 91 -6.26 -5.40 -0.57
C LYS A 91 -6.41 -4.79 0.81
N VAL A 92 -7.39 -3.89 0.96
CA VAL A 92 -7.61 -3.23 2.23
C VAL A 92 -9.06 -3.30 2.66
N ILE A 93 -9.32 -2.92 3.90
CA ILE A 93 -10.68 -2.92 4.43
C ILE A 93 -11.22 -1.50 4.52
N PRO A 94 -12.56 -1.34 4.49
CA PRO A 94 -13.19 -0.02 4.56
C PRO A 94 -12.84 0.72 5.86
N ASN A 95 -12.69 2.03 5.76
CA ASN A 95 -12.36 2.84 6.93
C ASN A 95 -13.55 3.64 7.40
N GLN A 96 -14.27 3.09 8.38
CA GLN A 96 -15.43 3.76 8.94
C GLN A 96 -14.98 4.96 9.78
N GLN A 97 -15.59 5.13 10.94
CA GLN A 97 -15.26 6.23 11.82
C GLN A 97 -14.48 5.74 13.04
N VAL A 13 -13.93 -5.84 1.70
CA VAL A 13 -12.51 -5.45 1.44
C VAL A 13 -12.43 -4.37 0.36
N ARG A 14 -11.21 -4.03 -0.01
CA ARG A 14 -10.97 -3.01 -1.03
C ARG A 14 -9.66 -3.27 -1.74
N LEU A 15 -9.52 -2.77 -2.97
CA LEU A 15 -8.29 -2.97 -3.71
C LEU A 15 -7.86 -1.68 -4.41
N ILE A 16 -6.55 -1.48 -4.51
CA ILE A 16 -6.00 -0.29 -5.13
C ILE A 16 -5.08 -0.69 -6.29
N GLN A 17 -5.44 -0.25 -7.50
CA GLN A 17 -4.63 -0.56 -8.68
C GLN A 17 -3.89 0.69 -9.15
N PHE A 18 -2.57 0.61 -9.14
CA PHE A 18 -1.76 1.74 -9.56
C PHE A 18 -0.61 1.30 -10.47
N GLU A 19 0.08 2.28 -11.05
CA GLU A 19 1.20 2.02 -11.94
C GLU A 19 2.52 2.39 -11.25
N LYS A 20 3.37 1.41 -11.02
CA LYS A 20 4.66 1.67 -10.38
C LYS A 20 5.78 1.77 -11.42
N VAL A 21 6.08 3.00 -11.81
CA VAL A 21 7.14 3.30 -12.77
C VAL A 21 7.36 4.82 -12.79
N THR A 22 6.68 5.52 -13.71
CA THR A 22 6.77 6.97 -13.81
C THR A 22 8.21 7.47 -13.79
N GLU A 23 8.37 8.77 -13.98
CA GLU A 23 9.70 9.39 -13.96
C GLU A 23 9.93 10.08 -12.61
N GLU A 24 9.14 9.68 -11.62
CA GLU A 24 9.20 10.21 -10.28
C GLU A 24 8.11 9.58 -9.43
N PRO A 25 8.35 8.35 -8.95
CA PRO A 25 7.38 7.61 -8.14
C PRO A 25 6.58 8.49 -7.19
N MET A 26 5.38 8.05 -6.86
CA MET A 26 4.50 8.80 -5.96
C MET A 26 5.16 9.02 -4.61
N GLY A 27 5.19 7.99 -3.78
CA GLY A 27 5.79 8.11 -2.46
C GLY A 27 4.83 7.78 -1.34
N ILE A 28 4.83 6.52 -0.91
CA ILE A 28 3.94 6.08 0.16
C ILE A 28 4.72 5.35 1.25
N THR A 29 4.14 5.29 2.45
CA THR A 29 4.78 4.63 3.58
C THR A 29 3.74 3.96 4.48
N LEU A 30 4.18 2.96 5.25
CA LEU A 30 3.30 2.24 6.16
C LEU A 30 3.76 2.41 7.60
N LYS A 31 2.91 1.94 8.51
CA LYS A 31 3.20 1.98 9.93
C LYS A 31 2.40 0.89 10.62
N LEU A 32 3.09 -0.03 11.27
CA LEU A 32 2.42 -1.13 11.95
C LEU A 32 2.94 -1.32 13.37
N ASN A 33 2.12 -1.94 14.20
CA ASN A 33 2.49 -2.19 15.59
C ASN A 33 3.38 -3.42 15.68
N GLU A 34 3.46 -4.03 16.87
CA GLU A 34 4.28 -5.22 17.06
C GLU A 34 3.63 -6.45 16.43
N LYS A 35 2.44 -6.28 15.84
CA LYS A 35 1.73 -7.38 15.22
C LYS A 35 2.08 -7.53 13.75
N GLN A 36 2.67 -6.49 13.16
CA GLN A 36 3.04 -6.51 11.75
C GLN A 36 1.79 -6.59 10.88
N SER A 37 0.88 -5.64 11.07
CA SER A 37 -0.37 -5.61 10.31
C SER A 37 -0.31 -4.59 9.17
N CYS A 38 0.87 -4.09 8.87
CA CYS A 38 1.07 -3.12 7.79
C CYS A 38 -0.10 -2.16 7.68
N THR A 39 -0.04 -1.06 8.43
CA THR A 39 -1.10 -0.07 8.39
C THR A 39 -0.69 1.13 7.54
N VAL A 40 -1.52 1.47 6.57
CA VAL A 40 -1.23 2.61 5.70
C VAL A 40 -0.89 3.84 6.53
N ALA A 41 0.31 4.35 6.31
CA ALA A 41 0.79 5.51 7.06
C ALA A 41 0.54 6.82 6.32
N ARG A 42 1.40 7.12 5.35
CA ARG A 42 1.28 8.37 4.60
C ARG A 42 1.46 8.16 3.11
N ILE A 43 1.05 9.17 2.34
CA ILE A 43 1.15 9.15 0.88
C ILE A 43 1.71 10.48 0.38
N LEU A 44 2.28 10.47 -0.83
CA LEU A 44 2.84 11.68 -1.41
C LEU A 44 1.73 12.55 -1.99
N HIS A 45 1.53 13.72 -1.40
CA HIS A 45 0.52 14.66 -1.87
C HIS A 45 0.83 15.16 -3.27
N GLY A 46 -0.07 14.90 -4.20
CA GLY A 46 0.13 15.34 -5.57
C GLY A 46 0.46 14.18 -6.49
N GLY A 47 1.07 13.14 -5.95
CA GLY A 47 1.43 11.98 -6.74
C GLY A 47 0.22 11.27 -7.30
N MET A 48 0.40 10.00 -7.65
CA MET A 48 -0.69 9.20 -8.20
C MET A 48 -1.57 8.62 -7.10
N ILE A 49 -0.93 8.15 -6.03
CA ILE A 49 -1.65 7.58 -4.90
C ILE A 49 -2.60 8.60 -4.28
N HIS A 50 -2.04 9.66 -3.71
CA HIS A 50 -2.83 10.72 -3.10
C HIS A 50 -3.99 11.15 -4.00
N ARG A 51 -3.81 10.99 -5.31
CA ARG A 51 -4.84 11.37 -6.27
C ARG A 51 -5.89 10.27 -6.43
N GLN A 52 -5.49 9.03 -6.15
CA GLN A 52 -6.40 7.89 -6.27
C GLN A 52 -7.74 8.18 -5.61
N GLY A 53 -7.71 8.44 -4.30
CA GLY A 53 -8.93 8.73 -3.58
C GLY A 53 -9.54 7.49 -2.95
N SER A 54 -9.59 6.40 -3.72
CA SER A 54 -10.14 5.14 -3.23
C SER A 54 -9.40 4.67 -1.99
N LEU A 55 -8.14 5.06 -1.87
CA LEU A 55 -7.32 4.68 -0.72
C LEU A 55 -7.82 5.34 0.56
N HIS A 56 -7.19 4.98 1.67
CA HIS A 56 -7.56 5.52 2.97
C HIS A 56 -6.49 5.20 4.01
N VAL A 57 -5.67 6.20 4.34
CA VAL A 57 -4.59 6.01 5.31
C VAL A 57 -5.13 5.44 6.63
N GLY A 58 -4.25 4.80 7.37
CA GLY A 58 -4.63 4.21 8.64
C GLY A 58 -5.27 2.85 8.50
N ASP A 59 -5.77 2.53 7.31
CA ASP A 59 -6.41 1.25 7.05
C ASP A 59 -5.35 0.16 6.89
N GLU A 60 -5.68 -1.04 7.35
CA GLU A 60 -4.76 -2.16 7.27
C GLU A 60 -4.86 -2.84 5.89
N ILE A 61 -3.78 -3.46 5.48
CA ILE A 61 -3.73 -4.15 4.20
C ILE A 61 -3.40 -5.64 4.41
N LEU A 62 -4.27 -6.50 3.88
CA LEU A 62 -4.10 -7.95 4.02
C LEU A 62 -3.16 -8.52 2.97
N GLU A 63 -3.18 -7.94 1.77
CA GLU A 63 -2.32 -8.42 0.69
C GLU A 63 -2.37 -7.48 -0.50
N ILE A 64 -1.21 -7.25 -1.08
CA ILE A 64 -1.09 -6.38 -2.25
C ILE A 64 -0.42 -7.10 -3.40
N ASN A 65 -0.70 -6.66 -4.61
CA ASN A 65 -0.11 -7.29 -5.79
C ASN A 65 -0.22 -8.81 -5.74
N GLY A 66 -1.22 -9.31 -5.03
CA GLY A 66 -1.39 -10.74 -4.89
C GLY A 66 -0.38 -11.35 -3.95
N THR A 67 0.05 -10.57 -2.97
CA THR A 67 1.02 -11.02 -1.98
C THR A 67 0.44 -10.95 -0.58
N ASN A 68 0.40 -12.08 0.10
CA ASN A 68 -0.12 -12.14 1.47
C ASN A 68 0.75 -11.33 2.41
N VAL A 69 0.58 -10.01 2.36
CA VAL A 69 1.36 -9.10 3.20
C VAL A 69 1.06 -9.32 4.68
N THR A 70 -0.01 -10.05 4.98
CA THR A 70 -0.40 -10.32 6.35
C THR A 70 0.80 -10.69 7.22
N ASN A 71 1.27 -11.92 7.09
CA ASN A 71 2.41 -12.40 7.86
C ASN A 71 3.72 -12.00 7.19
N HIS A 72 3.94 -10.70 7.06
CA HIS A 72 5.15 -10.17 6.43
C HIS A 72 5.51 -8.80 6.99
N SER A 73 6.80 -8.46 6.92
CA SER A 73 7.25 -7.16 7.40
C SER A 73 6.93 -6.08 6.39
N VAL A 74 6.66 -4.88 6.87
CA VAL A 74 6.34 -3.78 5.98
C VAL A 74 7.46 -3.50 4.98
N ASP A 75 8.69 -3.40 5.49
CA ASP A 75 9.84 -3.15 4.63
C ASP A 75 9.87 -4.14 3.48
N GLN A 76 9.39 -5.35 3.75
CA GLN A 76 9.36 -6.40 2.74
C GLN A 76 8.34 -6.04 1.66
N LEU A 77 7.14 -5.62 2.08
CA LEU A 77 6.09 -5.26 1.14
C LEU A 77 6.47 -4.02 0.35
N GLN A 78 6.94 -2.97 1.06
CA GLN A 78 7.34 -1.75 0.39
C GLN A 78 8.22 -2.08 -0.81
N LYS A 79 9.23 -2.91 -0.56
CA LYS A 79 10.10 -3.36 -1.63
C LYS A 79 9.35 -4.34 -2.52
N ALA A 80 8.43 -5.11 -1.90
CA ALA A 80 7.63 -6.07 -2.65
C ALA A 80 6.81 -5.36 -3.71
N MET A 81 6.46 -4.10 -3.44
CA MET A 81 5.70 -3.30 -4.38
C MET A 81 6.63 -2.89 -5.51
N LYS A 82 7.81 -2.42 -5.15
CA LYS A 82 8.82 -2.03 -6.14
C LYS A 82 9.27 -3.27 -6.90
N GLU A 83 9.11 -4.43 -6.27
CA GLU A 83 9.50 -5.71 -6.86
C GLU A 83 8.77 -5.94 -8.17
N THR A 84 7.44 -6.02 -8.10
CA THR A 84 6.61 -6.26 -9.26
C THR A 84 6.90 -5.23 -10.37
N LYS A 85 6.52 -5.57 -11.60
CA LYS A 85 6.74 -4.69 -12.74
C LYS A 85 6.23 -3.28 -12.46
N GLY A 86 4.96 -3.17 -12.09
CA GLY A 86 4.39 -1.87 -11.80
C GLY A 86 2.96 -1.94 -11.29
N MET A 87 2.10 -2.62 -12.03
CA MET A 87 0.69 -2.76 -11.65
C MET A 87 0.55 -3.50 -10.32
N ILE A 88 -0.01 -2.82 -9.32
CA ILE A 88 -0.21 -3.42 -8.01
C ILE A 88 -1.65 -3.31 -7.55
N SER A 89 -2.10 -4.37 -6.90
CA SER A 89 -3.45 -4.45 -6.35
C SER A 89 -3.37 -4.59 -4.84
N LEU A 90 -3.57 -3.49 -4.13
CA LEU A 90 -3.49 -3.49 -2.67
C LEU A 90 -4.84 -3.75 -2.03
N LYS A 91 -4.90 -4.82 -1.24
CA LYS A 91 -6.13 -5.18 -0.55
C LYS A 91 -6.20 -4.47 0.79
N VAL A 92 -7.19 -3.60 0.97
CA VAL A 92 -7.34 -2.85 2.20
C VAL A 92 -8.74 -3.01 2.77
N ILE A 93 -8.88 -2.75 4.06
CA ILE A 93 -10.16 -2.84 4.73
C ILE A 93 -10.72 -1.46 5.05
N PRO A 94 -12.04 -1.29 4.95
CA PRO A 94 -12.71 -0.02 5.22
C PRO A 94 -12.28 0.59 6.56
N ASN A 95 -11.97 1.87 6.54
CA ASN A 95 -11.54 2.57 7.75
C ASN A 95 -12.64 2.58 8.80
N GLN A 96 -12.77 1.48 9.52
CA GLN A 96 -13.80 1.36 10.56
C GLN A 96 -13.18 0.95 11.89
N GLN A 97 -11.97 1.46 12.16
CA GLN A 97 -11.27 1.15 13.39
C GLN A 97 -11.78 2.01 14.55
N VAL A 13 -13.67 -5.11 1.64
CA VAL A 13 -12.29 -4.97 1.13
C VAL A 13 -12.21 -3.94 0.01
N ARG A 14 -10.99 -3.66 -0.44
CA ARG A 14 -10.75 -2.69 -1.50
C ARG A 14 -9.39 -2.95 -2.13
N LEU A 15 -9.20 -2.51 -3.36
CA LEU A 15 -7.92 -2.70 -4.02
C LEU A 15 -7.51 -1.50 -4.85
N ILE A 16 -6.21 -1.24 -4.89
CA ILE A 16 -5.67 -0.12 -5.65
C ILE A 16 -4.64 -0.63 -6.66
N GLN A 17 -4.81 -0.23 -7.92
CA GLN A 17 -3.89 -0.67 -8.96
C GLN A 17 -3.10 0.50 -9.52
N PHE A 18 -1.79 0.42 -9.37
CA PHE A 18 -0.91 1.48 -9.88
C PHE A 18 0.35 0.88 -10.50
N GLU A 19 0.85 1.53 -11.55
CA GLU A 19 2.05 1.05 -12.25
C GLU A 19 3.31 1.69 -11.68
N LYS A 20 4.43 1.00 -11.84
CA LYS A 20 5.71 1.51 -11.36
C LYS A 20 6.18 2.67 -12.22
N VAL A 21 7.33 3.24 -11.87
CA VAL A 21 7.89 4.36 -12.60
C VAL A 21 6.99 5.58 -12.48
N THR A 22 5.94 5.63 -13.28
CA THR A 22 4.99 6.74 -13.24
C THR A 22 5.67 8.08 -13.48
N GLU A 23 6.91 8.05 -13.98
CA GLU A 23 7.66 9.28 -14.24
C GLU A 23 7.70 10.15 -12.97
N GLU A 24 7.45 9.51 -11.83
CA GLU A 24 7.42 10.15 -10.52
C GLU A 24 6.56 9.32 -9.58
N PRO A 25 7.10 8.22 -9.05
CA PRO A 25 6.37 7.32 -8.16
C PRO A 25 5.50 8.07 -7.16
N MET A 26 4.36 7.47 -6.83
CA MET A 26 3.43 8.07 -5.89
C MET A 26 4.13 8.56 -4.62
N GLY A 27 4.44 7.61 -3.73
CA GLY A 27 5.12 7.97 -2.49
C GLY A 27 4.26 7.67 -1.27
N ILE A 28 4.32 6.44 -0.78
CA ILE A 28 3.53 6.04 0.37
C ILE A 28 4.32 5.11 1.30
N THR A 29 3.96 5.11 2.58
CA THR A 29 4.61 4.26 3.56
C THR A 29 3.58 3.79 4.59
N LEU A 30 3.76 2.58 5.11
CA LEU A 30 2.85 2.02 6.10
C LEU A 30 3.53 1.77 7.43
N LYS A 31 2.78 1.96 8.50
CA LYS A 31 3.29 1.75 9.85
C LYS A 31 2.42 0.72 10.57
N LEU A 32 3.06 -0.26 11.18
CA LEU A 32 2.33 -1.30 11.89
C LEU A 32 2.91 -1.51 13.29
N ASN A 33 2.09 -2.05 14.18
CA ASN A 33 2.52 -2.33 15.55
C ASN A 33 3.31 -3.65 15.60
N GLU A 34 3.41 -4.23 16.78
CA GLU A 34 4.13 -5.49 16.94
C GLU A 34 3.28 -6.68 16.49
N LYS A 35 2.12 -6.41 15.92
CA LYS A 35 1.22 -7.46 15.44
C LYS A 35 1.43 -7.74 13.96
N GLN A 36 2.15 -6.87 13.27
CA GLN A 36 2.39 -7.04 11.84
C GLN A 36 1.10 -6.92 11.05
N SER A 37 0.38 -5.83 11.28
CA SER A 37 -0.90 -5.60 10.61
C SER A 37 -0.79 -4.58 9.48
N CYS A 38 0.45 -4.23 9.13
CA CYS A 38 0.71 -3.27 8.05
C CYS A 38 -0.39 -2.23 7.92
N THR A 39 -0.31 -1.14 8.70
CA THR A 39 -1.31 -0.10 8.64
C THR A 39 -0.74 1.13 7.94
N VAL A 40 -1.26 1.44 6.77
CA VAL A 40 -0.82 2.60 5.99
C VAL A 40 -0.42 3.75 6.91
N ALA A 41 0.59 4.51 6.51
CA ALA A 41 1.08 5.62 7.34
C ALA A 41 1.13 6.94 6.61
N ARG A 42 1.97 7.03 5.58
CA ARG A 42 2.12 8.28 4.84
C ARG A 42 1.50 8.19 3.44
N ILE A 43 1.46 9.34 2.77
CA ILE A 43 0.92 9.43 1.42
C ILE A 43 1.44 10.69 0.74
N LEU A 44 1.97 10.53 -0.48
CA LEU A 44 2.51 11.65 -1.24
C LEU A 44 1.49 12.78 -1.36
N HIS A 45 1.98 14.02 -1.31
CA HIS A 45 1.11 15.18 -1.40
C HIS A 45 0.77 15.49 -2.86
N GLY A 46 -0.45 15.16 -3.28
CA GLY A 46 -0.87 15.41 -4.64
C GLY A 46 -0.06 14.63 -5.65
N GLY A 47 -0.75 14.00 -6.60
CA GLY A 47 -0.08 13.22 -7.61
C GLY A 47 -0.92 12.06 -8.12
N MET A 48 -0.95 10.97 -7.35
CA MET A 48 -1.72 9.80 -7.72
C MET A 48 -2.62 9.35 -6.58
N ILE A 49 -2.02 8.89 -5.49
CA ILE A 49 -2.77 8.43 -4.33
C ILE A 49 -3.73 9.50 -3.83
N HIS A 50 -3.18 10.66 -3.47
CA HIS A 50 -3.99 11.78 -2.98
C HIS A 50 -5.20 12.01 -3.89
N ARG A 51 -5.04 11.69 -5.17
CA ARG A 51 -6.12 11.87 -6.14
C ARG A 51 -7.03 10.63 -6.18
N GLN A 52 -6.47 9.48 -5.83
CA GLN A 52 -7.24 8.24 -5.84
C GLN A 52 -8.54 8.39 -5.06
N GLY A 53 -8.45 8.94 -3.87
CA GLY A 53 -9.64 9.13 -3.05
C GLY A 53 -9.99 7.90 -2.24
N SER A 54 -10.14 6.76 -2.93
CA SER A 54 -10.48 5.50 -2.27
C SER A 54 -9.49 5.19 -1.15
N LEU A 55 -8.26 5.69 -1.29
CA LEU A 55 -7.22 5.45 -0.30
C LEU A 55 -7.57 6.14 1.01
N HIS A 56 -7.15 5.53 2.12
CA HIS A 56 -7.41 6.08 3.45
C HIS A 56 -6.32 5.68 4.43
N VAL A 57 -5.36 6.58 4.61
CA VAL A 57 -4.25 6.34 5.53
C VAL A 57 -4.74 5.87 6.89
N GLY A 58 -4.02 4.94 7.49
CA GLY A 58 -4.41 4.41 8.77
C GLY A 58 -5.12 3.07 8.65
N ASP A 59 -5.52 2.73 7.43
CA ASP A 59 -6.22 1.48 7.17
C ASP A 59 -5.23 0.32 7.15
N GLU A 60 -5.73 -0.88 6.87
CA GLU A 60 -4.89 -2.07 6.82
C GLU A 60 -4.95 -2.73 5.44
N ILE A 61 -3.83 -3.33 5.05
CA ILE A 61 -3.75 -4.01 3.77
C ILE A 61 -3.45 -5.50 3.98
N LEU A 62 -4.36 -6.34 3.52
CA LEU A 62 -4.24 -7.79 3.69
C LEU A 62 -3.22 -8.41 2.73
N GLU A 63 -3.23 -7.97 1.48
CA GLU A 63 -2.32 -8.50 0.49
C GLU A 63 -2.19 -7.57 -0.71
N ILE A 64 -0.95 -7.36 -1.12
CA ILE A 64 -0.66 -6.50 -2.26
C ILE A 64 -0.06 -7.30 -3.40
N ASN A 65 -0.30 -6.82 -4.61
CA ASN A 65 0.21 -7.46 -5.82
C ASN A 65 0.14 -8.98 -5.74
N GLY A 66 -0.86 -9.51 -5.03
CA GLY A 66 -1.01 -10.95 -4.91
C GLY A 66 -0.05 -11.56 -3.90
N THR A 67 0.33 -10.78 -2.88
CA THR A 67 1.25 -11.24 -1.86
C THR A 67 0.69 -10.99 -0.46
N ASN A 68 0.95 -11.93 0.44
CA ASN A 68 0.47 -11.81 1.81
C ASN A 68 1.27 -10.75 2.58
N VAL A 69 0.79 -9.51 2.54
CA VAL A 69 1.46 -8.42 3.23
C VAL A 69 1.14 -8.44 4.72
N THR A 70 0.20 -9.30 5.12
CA THR A 70 -0.19 -9.42 6.51
C THR A 70 0.53 -10.58 7.18
N ASN A 71 1.70 -10.93 6.67
CA ASN A 71 2.48 -12.03 7.22
C ASN A 71 3.96 -11.68 7.30
N HIS A 72 4.52 -11.25 6.17
CA HIS A 72 5.94 -10.87 6.11
C HIS A 72 6.13 -9.44 6.59
N SER A 73 7.35 -9.12 7.01
CA SER A 73 7.66 -7.78 7.48
C SER A 73 7.36 -6.75 6.41
N VAL A 74 6.98 -5.54 6.83
CA VAL A 74 6.67 -4.49 5.90
C VAL A 74 7.85 -4.17 4.99
N ASP A 75 9.06 -4.28 5.53
CA ASP A 75 10.25 -4.02 4.75
C ASP A 75 10.33 -5.00 3.57
N GLN A 76 9.84 -6.21 3.79
CA GLN A 76 9.82 -7.23 2.76
C GLN A 76 8.81 -6.88 1.68
N LEU A 77 7.61 -6.50 2.09
CA LEU A 77 6.56 -6.15 1.14
C LEU A 77 6.94 -4.89 0.36
N GLN A 78 7.38 -3.86 1.09
CA GLN A 78 7.78 -2.60 0.46
C GLN A 78 8.70 -2.92 -0.71
N LYS A 79 9.73 -3.70 -0.43
CA LYS A 79 10.65 -4.12 -1.48
C LYS A 79 9.93 -5.07 -2.42
N ALA A 80 9.00 -5.85 -1.86
CA ALA A 80 8.20 -6.78 -2.65
C ALA A 80 7.41 -6.02 -3.71
N MET A 81 7.11 -4.76 -3.41
CA MET A 81 6.39 -3.90 -4.33
C MET A 81 7.33 -3.52 -5.46
N LYS A 82 8.54 -3.12 -5.08
CA LYS A 82 9.56 -2.76 -6.05
C LYS A 82 9.98 -4.01 -6.82
N GLU A 83 9.67 -5.17 -6.25
CA GLU A 83 10.00 -6.46 -6.84
C GLU A 83 9.11 -6.73 -8.06
N THR A 84 7.80 -6.61 -7.87
CA THR A 84 6.84 -6.85 -8.94
C THR A 84 7.17 -6.03 -10.19
N LYS A 85 6.63 -6.46 -11.32
CA LYS A 85 6.86 -5.78 -12.59
C LYS A 85 6.63 -4.27 -12.47
N GLY A 86 5.41 -3.88 -12.09
CA GLY A 86 5.10 -2.48 -11.95
C GLY A 86 3.69 -2.23 -11.46
N MET A 87 2.76 -3.09 -11.87
CA MET A 87 1.37 -2.94 -11.47
C MET A 87 1.09 -3.69 -10.16
N ILE A 88 0.75 -2.94 -9.12
CA ILE A 88 0.46 -3.53 -7.82
C ILE A 88 -1.01 -3.40 -7.45
N SER A 89 -1.52 -4.43 -6.79
CA SER A 89 -2.91 -4.47 -6.35
C SER A 89 -2.95 -4.69 -4.84
N LEU A 90 -3.12 -3.60 -4.09
CA LEU A 90 -3.16 -3.67 -2.63
C LEU A 90 -4.58 -3.83 -2.11
N LYS A 91 -4.81 -4.89 -1.36
CA LYS A 91 -6.12 -5.14 -0.78
C LYS A 91 -6.27 -4.45 0.57
N VAL A 92 -7.00 -3.35 0.58
CA VAL A 92 -7.20 -2.58 1.80
C VAL A 92 -8.61 -2.77 2.34
N ILE A 93 -8.81 -2.39 3.60
CA ILE A 93 -10.12 -2.52 4.24
C ILE A 93 -10.70 -1.15 4.55
N PRO A 94 -12.04 -1.01 4.48
CA PRO A 94 -12.72 0.25 4.76
C PRO A 94 -12.21 0.93 6.02
N ASN A 95 -11.81 2.19 5.87
CA ASN A 95 -11.28 2.96 7.00
C ASN A 95 -12.33 3.13 8.09
N GLN A 96 -12.49 2.10 8.91
CA GLN A 96 -13.46 2.13 10.00
C GLN A 96 -12.81 2.58 11.30
N GLN A 97 -11.95 3.60 11.21
CA GLN A 97 -11.26 4.13 12.38
C GLN A 97 -10.43 3.03 13.06
N VAL A 13 -14.15 -5.68 2.09
CA VAL A 13 -12.78 -5.47 1.58
C VAL A 13 -12.78 -4.54 0.37
N ARG A 14 -11.58 -4.23 -0.13
CA ARG A 14 -11.44 -3.35 -1.28
C ARG A 14 -10.03 -3.50 -1.87
N LEU A 15 -9.83 -3.04 -3.09
CA LEU A 15 -8.53 -3.15 -3.72
C LEU A 15 -8.06 -1.81 -4.29
N ILE A 16 -6.74 -1.62 -4.32
CA ILE A 16 -6.14 -0.40 -4.83
C ILE A 16 -5.18 -0.74 -5.96
N GLN A 17 -5.33 -0.08 -7.10
CA GLN A 17 -4.46 -0.34 -8.24
C GLN A 17 -3.66 0.89 -8.64
N PHE A 18 -2.34 0.77 -8.57
CA PHE A 18 -1.46 1.86 -8.95
C PHE A 18 -0.29 1.32 -9.78
N GLU A 19 0.60 2.22 -10.20
CA GLU A 19 1.75 1.82 -11.01
C GLU A 19 3.05 2.41 -10.47
N LYS A 20 4.12 1.63 -10.55
CA LYS A 20 5.43 2.08 -10.08
C LYS A 20 6.25 2.62 -11.26
N VAL A 21 7.24 3.44 -10.96
CA VAL A 21 8.08 4.03 -12.00
C VAL A 21 7.31 5.10 -12.75
N THR A 22 7.58 6.36 -12.42
CA THR A 22 6.88 7.47 -13.05
C THR A 22 7.66 8.77 -12.89
N GLU A 23 7.10 9.86 -13.42
CA GLU A 23 7.73 11.17 -13.31
C GLU A 23 7.25 11.87 -12.04
N GLU A 24 6.65 11.07 -11.16
CA GLU A 24 6.12 11.54 -9.89
C GLU A 24 5.69 10.31 -9.09
N PRO A 25 6.64 9.40 -8.82
CA PRO A 25 6.37 8.15 -8.10
C PRO A 25 5.46 8.34 -6.89
N MET A 26 4.99 7.23 -6.34
CA MET A 26 4.11 7.24 -5.19
C MET A 26 4.88 6.99 -3.90
N GLY A 27 5.50 8.04 -3.38
CA GLY A 27 6.26 7.92 -2.15
C GLY A 27 5.39 7.70 -0.94
N ILE A 28 4.69 6.56 -0.92
CA ILE A 28 3.80 6.22 0.20
C ILE A 28 4.47 5.24 1.16
N THR A 29 4.04 5.26 2.41
CA THR A 29 4.59 4.38 3.43
C THR A 29 3.50 3.95 4.41
N LEU A 30 3.65 2.75 4.95
CA LEU A 30 2.69 2.21 5.90
C LEU A 30 3.35 1.93 7.25
N LYS A 31 2.60 2.15 8.32
CA LYS A 31 3.11 1.91 9.67
C LYS A 31 2.23 0.90 10.39
N LEU A 32 2.85 -0.13 10.97
CA LEU A 32 2.12 -1.16 11.68
C LEU A 32 2.74 -1.44 13.05
N ASN A 33 1.94 -1.98 13.96
CA ASN A 33 2.42 -2.31 15.30
C ASN A 33 3.39 -3.49 15.25
N GLU A 34 3.80 -3.97 16.41
CA GLU A 34 4.73 -5.09 16.48
C GLU A 34 4.17 -6.32 15.78
N LYS A 35 2.85 -6.35 15.60
CA LYS A 35 2.19 -7.48 14.94
C LYS A 35 2.34 -7.44 13.43
N GLN A 36 2.95 -6.38 12.90
CA GLN A 36 3.13 -6.25 11.46
C GLN A 36 1.78 -6.24 10.76
N SER A 37 0.88 -5.39 11.25
CA SER A 37 -0.47 -5.28 10.70
C SER A 37 -0.54 -4.34 9.49
N CYS A 38 0.62 -3.98 8.96
CA CYS A 38 0.72 -3.07 7.81
C CYS A 38 -0.43 -2.07 7.74
N THR A 39 -0.36 -1.00 8.52
CA THR A 39 -1.40 0.01 8.51
C THR A 39 -0.91 1.27 7.79
N VAL A 40 -1.47 1.53 6.62
CA VAL A 40 -1.12 2.69 5.81
C VAL A 40 -0.75 3.89 6.69
N ALA A 41 0.28 4.63 6.29
CA ALA A 41 0.72 5.77 7.08
C ALA A 41 0.72 7.08 6.29
N ARG A 42 1.71 7.27 5.44
CA ARG A 42 1.82 8.50 4.66
C ARG A 42 1.71 8.25 3.17
N ILE A 43 1.47 9.33 2.43
CA ILE A 43 1.34 9.27 0.98
C ILE A 43 1.97 10.51 0.35
N LEU A 44 3.00 10.30 -0.47
CA LEU A 44 3.68 11.40 -1.15
C LEU A 44 2.69 12.26 -1.92
N HIS A 45 2.91 13.57 -1.90
CA HIS A 45 2.03 14.50 -2.61
C HIS A 45 2.40 14.56 -4.09
N GLY A 46 1.58 13.91 -4.91
CA GLY A 46 1.84 13.90 -6.35
C GLY A 46 0.74 13.21 -7.12
N GLY A 47 0.67 11.88 -7.01
CA GLY A 47 -0.34 11.13 -7.71
C GLY A 47 -0.45 9.69 -7.24
N MET A 48 -0.95 8.82 -8.12
CA MET A 48 -1.09 7.40 -7.80
C MET A 48 -2.11 7.21 -6.67
N ILE A 49 -1.65 7.25 -5.43
CA ILE A 49 -2.54 7.08 -4.27
C ILE A 49 -3.29 8.37 -3.98
N HIS A 50 -2.55 9.42 -3.64
CA HIS A 50 -3.13 10.72 -3.34
C HIS A 50 -4.21 11.09 -4.35
N ARG A 51 -3.99 10.72 -5.61
CA ARG A 51 -4.94 11.01 -6.68
C ARG A 51 -6.00 9.91 -6.78
N GLN A 52 -5.64 8.70 -6.36
CA GLN A 52 -6.55 7.56 -6.40
C GLN A 52 -7.93 7.94 -5.88
N GLY A 53 -7.98 8.89 -4.96
CA GLY A 53 -9.25 9.32 -4.40
C GLY A 53 -10.04 8.17 -3.80
N SER A 54 -9.33 7.09 -3.45
CA SER A 54 -9.96 5.91 -2.87
C SER A 54 -9.07 5.31 -1.78
N LEU A 55 -8.23 6.14 -1.18
CA LEU A 55 -7.32 5.69 -0.13
C LEU A 55 -7.58 6.44 1.17
N HIS A 56 -7.52 5.71 2.29
CA HIS A 56 -7.75 6.31 3.60
C HIS A 56 -6.67 5.88 4.57
N VAL A 57 -5.71 6.78 4.81
CA VAL A 57 -4.60 6.51 5.72
C VAL A 57 -5.09 5.86 7.02
N GLY A 58 -4.30 4.93 7.52
CA GLY A 58 -4.65 4.24 8.74
C GLY A 58 -5.40 2.95 8.47
N ASP A 59 -5.89 2.80 7.23
CA ASP A 59 -6.62 1.59 6.85
C ASP A 59 -5.72 0.36 6.98
N GLU A 60 -6.28 -0.81 6.76
CA GLU A 60 -5.51 -2.04 6.87
C GLU A 60 -5.35 -2.71 5.50
N ILE A 61 -4.17 -3.26 5.27
CA ILE A 61 -3.85 -3.93 4.03
C ILE A 61 -3.61 -5.43 4.28
N LEU A 62 -4.39 -6.27 3.60
CA LEU A 62 -4.29 -7.72 3.79
C LEU A 62 -3.32 -8.35 2.80
N GLU A 63 -3.30 -7.84 1.58
CA GLU A 63 -2.42 -8.37 0.55
C GLU A 63 -2.28 -7.41 -0.61
N ILE A 64 -1.05 -7.20 -1.02
CA ILE A 64 -0.75 -6.30 -2.13
C ILE A 64 -0.23 -7.08 -3.33
N ASN A 65 -0.63 -6.63 -4.51
CA ASN A 65 -0.24 -7.27 -5.76
C ASN A 65 -0.32 -8.80 -5.67
N GLY A 66 -1.24 -9.29 -4.85
CA GLY A 66 -1.40 -10.73 -4.69
C GLY A 66 -0.38 -11.34 -3.77
N THR A 67 0.10 -10.55 -2.80
CA THR A 67 1.10 -11.01 -1.85
C THR A 67 0.60 -10.85 -0.41
N ASN A 68 0.96 -11.79 0.45
CA ASN A 68 0.56 -11.74 1.85
C ASN A 68 1.32 -10.65 2.60
N VAL A 69 0.77 -9.44 2.58
CA VAL A 69 1.40 -8.31 3.26
C VAL A 69 1.08 -8.31 4.75
N THR A 70 0.29 -9.29 5.19
CA THR A 70 -0.08 -9.40 6.60
C THR A 70 0.65 -10.57 7.25
N ASN A 71 1.86 -10.85 6.77
CA ASN A 71 2.66 -11.95 7.29
C ASN A 71 4.14 -11.57 7.32
N HIS A 72 4.66 -11.14 6.16
CA HIS A 72 6.07 -10.75 6.06
C HIS A 72 6.26 -9.33 6.57
N SER A 73 7.51 -8.97 6.85
CA SER A 73 7.82 -7.63 7.33
C SER A 73 7.41 -6.59 6.30
N VAL A 74 6.99 -5.44 6.77
CA VAL A 74 6.57 -4.37 5.86
C VAL A 74 7.67 -3.99 4.89
N ASP A 75 8.92 -4.14 5.33
CA ASP A 75 10.07 -3.83 4.48
C ASP A 75 10.13 -4.82 3.33
N GLN A 76 9.71 -6.06 3.61
CA GLN A 76 9.70 -7.11 2.60
C GLN A 76 8.66 -6.80 1.54
N LEU A 77 7.49 -6.33 1.99
CA LEU A 77 6.41 -6.00 1.07
C LEU A 77 6.73 -4.73 0.29
N GLN A 78 7.21 -3.71 1.00
CA GLN A 78 7.57 -2.45 0.36
C GLN A 78 8.40 -2.73 -0.88
N LYS A 79 9.44 -3.53 -0.71
CA LYS A 79 10.28 -3.93 -1.83
C LYS A 79 9.51 -4.89 -2.71
N ALA A 80 8.62 -5.68 -2.10
CA ALA A 80 7.80 -6.62 -2.83
C ALA A 80 6.94 -5.89 -3.86
N MET A 81 6.58 -4.66 -3.51
CA MET A 81 5.78 -3.82 -4.40
C MET A 81 6.65 -3.37 -5.56
N LYS A 82 7.84 -2.89 -5.22
CA LYS A 82 8.80 -2.45 -6.23
C LYS A 82 9.27 -3.66 -7.04
N GLU A 83 9.18 -4.83 -6.44
CA GLU A 83 9.58 -6.08 -7.08
C GLU A 83 8.86 -6.28 -8.40
N THR A 84 7.53 -6.36 -8.35
CA THR A 84 6.71 -6.56 -9.53
C THR A 84 7.02 -5.52 -10.61
N LYS A 85 6.65 -5.84 -11.85
CA LYS A 85 6.89 -4.96 -12.99
C LYS A 85 6.57 -3.50 -12.65
N GLY A 86 5.55 -3.28 -11.84
CA GLY A 86 5.19 -1.93 -11.46
C GLY A 86 3.78 -1.83 -10.89
N MET A 87 2.81 -2.39 -11.60
CA MET A 87 1.42 -2.35 -11.16
C MET A 87 1.24 -3.12 -9.85
N ILE A 88 0.41 -2.58 -8.95
CA ILE A 88 0.15 -3.21 -7.67
C ILE A 88 -1.34 -3.23 -7.35
N SER A 89 -1.75 -4.24 -6.60
CA SER A 89 -3.14 -4.40 -6.19
C SER A 89 -3.23 -4.55 -4.67
N LEU A 90 -3.51 -3.45 -3.98
CA LEU A 90 -3.59 -3.47 -2.52
C LEU A 90 -5.00 -3.73 -2.04
N LYS A 91 -5.19 -4.84 -1.32
CA LYS A 91 -6.48 -5.19 -0.77
C LYS A 91 -6.62 -4.60 0.63
N VAL A 92 -7.52 -3.64 0.80
CA VAL A 92 -7.71 -3.01 2.10
C VAL A 92 -9.15 -3.10 2.57
N ILE A 93 -9.35 -2.74 3.84
CA ILE A 93 -10.68 -2.76 4.43
C ILE A 93 -11.18 -1.33 4.69
N PRO A 94 -12.50 -1.14 4.78
CA PRO A 94 -13.10 0.18 5.03
C PRO A 94 -12.48 0.88 6.23
N ASN A 95 -12.03 2.11 6.02
CA ASN A 95 -11.41 2.89 7.09
C ASN A 95 -12.43 3.21 8.19
N GLN A 96 -12.72 2.23 9.04
CA GLN A 96 -13.67 2.42 10.12
C GLN A 96 -13.08 1.94 11.45
N GLN A 97 -11.76 2.04 11.57
CA GLN A 97 -11.07 1.62 12.78
C GLN A 97 -11.34 0.15 13.09
N VAL A 13 -13.78 -4.75 2.28
CA VAL A 13 -12.43 -4.71 1.69
C VAL A 13 -12.37 -3.73 0.52
N ARG A 14 -11.16 -3.50 0.01
CA ARG A 14 -10.94 -2.59 -1.10
C ARG A 14 -9.58 -2.84 -1.71
N LEU A 15 -9.33 -2.30 -2.90
CA LEU A 15 -8.03 -2.50 -3.54
C LEU A 15 -7.57 -1.23 -4.26
N ILE A 16 -6.25 -1.10 -4.38
CA ILE A 16 -5.65 0.06 -5.05
C ILE A 16 -4.69 -0.42 -6.13
N GLN A 17 -4.61 0.32 -7.24
CA GLN A 17 -3.72 -0.06 -8.33
C GLN A 17 -2.85 1.11 -8.78
N PHE A 18 -1.54 0.92 -8.71
CA PHE A 18 -0.59 1.94 -9.12
C PHE A 18 0.66 1.29 -9.72
N GLU A 19 1.25 1.96 -10.71
CA GLU A 19 2.45 1.43 -11.36
C GLU A 19 3.68 2.28 -11.07
N LYS A 20 4.85 1.65 -11.15
CA LYS A 20 6.11 2.34 -10.92
C LYS A 20 6.34 3.44 -11.94
N VAL A 21 7.45 4.15 -11.82
CA VAL A 21 7.79 5.23 -12.72
C VAL A 21 6.79 6.37 -12.59
N THR A 22 5.70 6.29 -13.34
CA THR A 22 4.65 7.30 -13.29
C THR A 22 5.21 8.72 -13.39
N GLU A 23 4.31 9.70 -13.44
CA GLU A 23 4.71 11.11 -13.51
C GLU A 23 4.70 11.71 -12.11
N GLU A 24 4.68 10.83 -11.12
CA GLU A 24 4.65 11.20 -9.71
C GLU A 24 4.59 9.93 -8.87
N PRO A 25 5.74 9.25 -8.68
CA PRO A 25 5.84 8.01 -7.92
C PRO A 25 4.88 7.93 -6.74
N MET A 26 4.53 6.71 -6.35
CA MET A 26 3.62 6.47 -5.25
C MET A 26 4.11 7.14 -3.97
N GLY A 27 5.35 6.85 -3.59
CA GLY A 27 5.93 7.43 -2.39
C GLY A 27 5.05 7.19 -1.17
N ILE A 28 4.71 5.93 -0.93
CA ILE A 28 3.86 5.56 0.20
C ILE A 28 4.59 4.65 1.19
N THR A 29 4.17 4.70 2.44
CA THR A 29 4.78 3.88 3.49
C THR A 29 3.72 3.45 4.49
N LEU A 30 3.89 2.26 5.06
CA LEU A 30 2.95 1.74 6.03
C LEU A 30 3.65 1.38 7.35
N LYS A 31 2.95 1.60 8.45
CA LYS A 31 3.49 1.31 9.77
C LYS A 31 2.52 0.42 10.55
N LEU A 32 3.07 -0.59 11.23
CA LEU A 32 2.24 -1.51 12.00
C LEU A 32 2.79 -1.70 13.41
N ASN A 33 1.91 -2.11 14.32
CA ASN A 33 2.30 -2.33 15.71
C ASN A 33 3.32 -3.46 15.82
N GLU A 34 3.45 -4.05 17.00
CA GLU A 34 4.40 -5.13 17.22
C GLU A 34 3.85 -6.47 16.69
N LYS A 35 2.69 -6.44 16.04
CA LYS A 35 2.08 -7.64 15.50
C LYS A 35 2.23 -7.73 13.98
N GLN A 36 2.90 -6.74 13.39
CA GLN A 36 3.10 -6.71 11.94
C GLN A 36 1.76 -6.69 11.22
N SER A 37 0.88 -5.80 11.66
CA SER A 37 -0.45 -5.67 11.09
C SER A 37 -0.46 -4.75 9.86
N CYS A 38 0.73 -4.44 9.34
CA CYS A 38 0.89 -3.57 8.17
C CYS A 38 -0.24 -2.55 8.03
N THR A 39 -0.13 -1.44 8.74
CA THR A 39 -1.15 -0.39 8.65
C THR A 39 -0.61 0.80 7.87
N VAL A 40 -1.24 1.07 6.73
CA VAL A 40 -0.86 2.18 5.87
C VAL A 40 -0.53 3.42 6.71
N ALA A 41 0.51 4.16 6.30
CA ALA A 41 0.93 5.33 7.04
C ALA A 41 0.94 6.61 6.18
N ARG A 42 1.99 6.78 5.40
CA ARG A 42 2.12 7.96 4.55
C ARG A 42 1.62 7.72 3.14
N ILE A 43 1.56 8.81 2.36
CA ILE A 43 1.11 8.75 0.98
C ILE A 43 1.52 10.01 0.23
N LEU A 44 2.40 9.85 -0.76
CA LEU A 44 2.88 10.99 -1.54
C LEU A 44 1.72 11.77 -2.14
N HIS A 45 1.68 13.07 -1.82
CA HIS A 45 0.62 13.94 -2.33
C HIS A 45 1.01 14.55 -3.67
N GLY A 46 0.04 14.67 -4.57
CA GLY A 46 0.30 15.23 -5.88
C GLY A 46 -0.71 14.81 -6.92
N GLY A 47 -0.35 13.79 -7.70
CA GLY A 47 -1.26 13.29 -8.73
C GLY A 47 -1.05 11.83 -9.03
N MET A 48 -1.22 10.98 -8.01
CA MET A 48 -1.05 9.54 -8.19
C MET A 48 -1.80 8.79 -7.09
N ILE A 49 -1.12 8.46 -6.00
CA ILE A 49 -1.75 7.73 -4.90
C ILE A 49 -2.74 8.64 -4.17
N HIS A 50 -2.21 9.68 -3.53
CA HIS A 50 -3.04 10.63 -2.80
C HIS A 50 -4.16 11.16 -3.69
N ARG A 51 -3.93 11.15 -5.00
CA ARG A 51 -4.91 11.64 -5.96
C ARG A 51 -6.02 10.61 -6.17
N GLN A 52 -5.67 9.33 -6.04
CA GLN A 52 -6.64 8.25 -6.22
C GLN A 52 -7.93 8.54 -5.45
N GLY A 53 -7.79 8.86 -4.16
CA GLY A 53 -8.95 9.15 -3.35
C GLY A 53 -9.50 7.92 -2.65
N SER A 54 -9.63 6.84 -3.41
CA SER A 54 -10.14 5.58 -2.86
C SER A 54 -9.31 5.12 -1.67
N LEU A 55 -8.04 5.51 -1.65
CA LEU A 55 -7.15 5.12 -0.57
C LEU A 55 -7.48 5.87 0.72
N HIS A 56 -6.78 5.53 1.79
CA HIS A 56 -6.99 6.15 3.09
C HIS A 56 -6.01 5.61 4.11
N VAL A 57 -4.91 6.34 4.32
CA VAL A 57 -3.89 5.91 5.28
C VAL A 57 -4.49 5.48 6.60
N GLY A 58 -3.73 4.72 7.35
CA GLY A 58 -4.20 4.22 8.64
C GLY A 58 -4.95 2.92 8.52
N ASP A 59 -5.53 2.66 7.34
CA ASP A 59 -6.27 1.43 7.11
C ASP A 59 -5.35 0.22 7.28
N GLU A 60 -5.82 -0.94 6.85
CA GLU A 60 -5.04 -2.16 6.96
C GLU A 60 -4.89 -2.84 5.60
N ILE A 61 -3.78 -3.53 5.42
CA ILE A 61 -3.51 -4.24 4.17
C ILE A 61 -3.42 -5.74 4.42
N LEU A 62 -4.16 -6.52 3.63
CA LEU A 62 -4.18 -7.97 3.78
C LEU A 62 -3.22 -8.65 2.81
N GLU A 63 -3.17 -8.14 1.59
CA GLU A 63 -2.29 -8.71 0.57
C GLU A 63 -2.11 -7.73 -0.58
N ILE A 64 -0.88 -7.57 -0.98
CA ILE A 64 -0.55 -6.66 -2.09
C ILE A 64 0.00 -7.44 -3.29
N ASN A 65 -0.36 -6.95 -4.47
CA ASN A 65 0.07 -7.58 -5.72
C ASN A 65 -0.04 -9.10 -5.66
N GLY A 66 -1.00 -9.60 -4.88
CA GLY A 66 -1.19 -11.03 -4.75
C GLY A 66 -0.19 -11.67 -3.80
N THR A 67 0.26 -10.90 -2.81
CA THR A 67 1.22 -11.39 -1.84
C THR A 67 0.69 -11.22 -0.41
N ASN A 68 1.07 -12.15 0.46
CA ASN A 68 0.63 -12.10 1.85
C ASN A 68 1.40 -11.03 2.63
N VAL A 69 0.87 -9.82 2.63
CA VAL A 69 1.51 -8.71 3.35
C VAL A 69 1.16 -8.76 4.84
N THR A 70 0.31 -9.71 5.23
CA THR A 70 -0.08 -9.86 6.63
C THR A 70 0.71 -10.98 7.29
N ASN A 71 1.97 -11.14 6.89
CA ASN A 71 2.82 -12.19 7.45
C ASN A 71 4.29 -11.76 7.43
N HIS A 72 4.80 -11.47 6.24
CA HIS A 72 6.20 -11.06 6.09
C HIS A 72 6.40 -9.63 6.58
N SER A 73 7.64 -9.27 6.87
CA SER A 73 7.95 -7.93 7.34
C SER A 73 7.54 -6.89 6.30
N VAL A 74 7.15 -5.71 6.77
CA VAL A 74 6.73 -4.66 5.87
C VAL A 74 7.83 -4.29 4.88
N ASP A 75 9.07 -4.35 5.33
CA ASP A 75 10.20 -4.04 4.45
C ASP A 75 10.25 -5.04 3.30
N GLN A 76 9.83 -6.26 3.58
CA GLN A 76 9.80 -7.31 2.56
C GLN A 76 8.74 -7.00 1.51
N LEU A 77 7.56 -6.62 1.99
CA LEU A 77 6.45 -6.29 1.09
C LEU A 77 6.75 -5.03 0.30
N GLN A 78 7.22 -4.00 0.99
CA GLN A 78 7.56 -2.73 0.34
C GLN A 78 8.38 -3.02 -0.92
N LYS A 79 9.46 -3.78 -0.73
CA LYS A 79 10.29 -4.16 -1.85
C LYS A 79 9.54 -5.16 -2.71
N ALA A 80 8.68 -5.96 -2.08
CA ALA A 80 7.87 -6.94 -2.79
C ALA A 80 7.01 -6.24 -3.83
N MET A 81 6.61 -5.01 -3.51
CA MET A 81 5.79 -4.22 -4.41
C MET A 81 6.66 -3.78 -5.59
N LYS A 82 7.84 -3.25 -5.25
CA LYS A 82 8.79 -2.82 -6.27
C LYS A 82 9.34 -4.02 -7.02
N GLU A 83 9.15 -5.21 -6.45
CA GLU A 83 9.61 -6.46 -7.05
C GLU A 83 8.98 -6.69 -8.41
N THR A 84 7.67 -6.93 -8.42
CA THR A 84 6.95 -7.21 -9.66
C THR A 84 6.82 -5.96 -10.53
N LYS A 85 7.46 -6.01 -11.70
CA LYS A 85 7.43 -4.91 -12.67
C LYS A 85 7.25 -3.54 -12.01
N GLY A 86 6.01 -3.08 -11.87
CA GLY A 86 5.75 -1.79 -11.26
C GLY A 86 4.32 -1.63 -10.79
N MET A 87 3.38 -2.31 -11.45
CA MET A 87 1.97 -2.22 -11.08
C MET A 87 1.68 -3.08 -9.85
N ILE A 88 1.03 -2.48 -8.85
CA ILE A 88 0.70 -3.21 -7.63
C ILE A 88 -0.80 -3.13 -7.33
N SER A 89 -1.28 -4.18 -6.66
CA SER A 89 -2.69 -4.27 -6.29
C SER A 89 -2.81 -4.59 -4.80
N LEU A 90 -2.93 -3.55 -3.98
CA LEU A 90 -3.04 -3.73 -2.53
C LEU A 90 -4.49 -3.79 -2.09
N LYS A 91 -4.81 -4.78 -1.27
CA LYS A 91 -6.16 -4.92 -0.74
C LYS A 91 -6.21 -4.33 0.66
N VAL A 92 -7.02 -3.28 0.82
CA VAL A 92 -7.13 -2.63 2.12
C VAL A 92 -8.57 -2.55 2.60
N ILE A 93 -8.74 -2.18 3.86
CA ILE A 93 -10.07 -2.07 4.45
C ILE A 93 -10.41 -0.60 4.71
N PRO A 94 -11.65 -0.18 4.38
CA PRO A 94 -12.09 1.20 4.59
C PRO A 94 -12.12 1.58 6.07
N ASN A 95 -11.47 2.69 6.41
CA ASN A 95 -11.42 3.15 7.80
C ASN A 95 -12.82 3.48 8.31
N GLN A 96 -13.55 2.44 8.73
CA GLN A 96 -14.89 2.61 9.24
C GLN A 96 -14.92 3.55 10.44
N GLN A 97 -15.00 4.83 10.16
CA GLN A 97 -15.02 5.86 11.19
C GLN A 97 -16.35 5.84 11.94
N VAL A 13 -13.89 -6.07 2.09
CA VAL A 13 -12.52 -5.76 1.61
C VAL A 13 -12.56 -4.80 0.42
N ARG A 14 -11.38 -4.47 -0.09
CA ARG A 14 -11.27 -3.57 -1.23
C ARG A 14 -9.88 -3.66 -1.84
N LEU A 15 -9.74 -3.24 -3.10
CA LEU A 15 -8.43 -3.30 -3.75
C LEU A 15 -8.15 -2.03 -4.56
N ILE A 16 -6.87 -1.68 -4.63
CA ILE A 16 -6.43 -0.51 -5.38
C ILE A 16 -5.39 -0.92 -6.41
N GLN A 17 -5.61 -0.54 -7.66
CA GLN A 17 -4.68 -0.90 -8.72
C GLN A 17 -4.02 0.33 -9.33
N PHE A 18 -2.71 0.40 -9.22
CA PHE A 18 -1.96 1.52 -9.77
C PHE A 18 -0.68 1.03 -10.44
N GLU A 19 0.11 1.97 -10.97
CA GLU A 19 1.36 1.61 -11.64
C GLU A 19 2.56 2.09 -10.83
N LYS A 20 3.59 1.25 -10.77
CA LYS A 20 4.81 1.58 -10.05
C LYS A 20 5.83 2.23 -10.98
N VAL A 21 6.98 2.59 -10.42
CA VAL A 21 8.05 3.23 -11.18
C VAL A 21 7.67 4.66 -11.52
N THR A 22 6.96 4.85 -12.64
CA THR A 22 6.51 6.15 -13.08
C THR A 22 7.63 7.20 -13.07
N GLU A 23 7.34 8.37 -13.60
CA GLU A 23 8.31 9.46 -13.63
C GLU A 23 8.15 10.36 -12.41
N GLU A 24 7.41 9.84 -11.43
CA GLU A 24 7.16 10.54 -10.19
C GLU A 24 6.53 9.54 -9.21
N PRO A 25 7.31 8.51 -8.81
CA PRO A 25 6.86 7.46 -7.91
C PRO A 25 5.94 7.97 -6.79
N MET A 26 5.21 7.04 -6.19
CA MET A 26 4.29 7.37 -5.11
C MET A 26 4.96 7.17 -3.75
N GLY A 27 5.60 8.22 -3.25
CA GLY A 27 6.26 8.15 -1.96
C GLY A 27 5.29 7.86 -0.83
N ILE A 28 4.88 6.60 -0.71
CA ILE A 28 3.94 6.20 0.33
C ILE A 28 4.63 5.32 1.37
N THR A 29 4.10 5.32 2.58
CA THR A 29 4.66 4.52 3.66
C THR A 29 3.54 4.02 4.58
N LEU A 30 3.75 2.83 5.14
CA LEU A 30 2.76 2.23 6.04
C LEU A 30 3.39 1.90 7.38
N LYS A 31 2.59 2.07 8.44
CA LYS A 31 3.05 1.80 9.79
C LYS A 31 2.14 0.79 10.47
N LEU A 32 2.74 -0.19 11.14
CA LEU A 32 1.96 -1.21 11.83
C LEU A 32 2.44 -1.42 13.25
N ASN A 33 1.57 -1.94 14.11
CA ASN A 33 1.90 -2.19 15.50
C ASN A 33 3.02 -3.24 15.61
N GLU A 34 3.15 -3.87 16.77
CA GLU A 34 4.17 -4.87 16.98
C GLU A 34 3.78 -6.23 16.39
N LYS A 35 2.63 -6.27 15.70
CA LYS A 35 2.15 -7.50 15.08
C LYS A 35 2.36 -7.49 13.57
N GLN A 36 2.97 -6.43 13.05
CA GLN A 36 3.22 -6.32 11.61
C GLN A 36 1.90 -6.34 10.84
N SER A 37 0.95 -5.55 11.31
CA SER A 37 -0.38 -5.48 10.69
C SER A 37 -0.40 -4.53 9.48
N CYS A 38 0.79 -4.13 9.04
CA CYS A 38 0.93 -3.23 7.89
C CYS A 38 -0.26 -2.29 7.72
N THR A 39 -0.27 -1.19 8.46
CA THR A 39 -1.36 -0.21 8.34
C THR A 39 -0.87 1.04 7.65
N VAL A 40 -1.47 1.35 6.51
CA VAL A 40 -1.10 2.53 5.73
C VAL A 40 -0.83 3.73 6.65
N ALA A 41 0.21 4.49 6.33
CA ALA A 41 0.58 5.64 7.15
C ALA A 41 0.51 6.96 6.39
N ARG A 42 1.54 7.24 5.58
CA ARG A 42 1.60 8.48 4.83
C ARG A 42 1.70 8.25 3.33
N ILE A 43 1.49 9.33 2.57
CA ILE A 43 1.56 9.29 1.12
C ILE A 43 2.18 10.59 0.59
N LEU A 44 2.95 10.48 -0.48
CA LEU A 44 3.60 11.64 -1.07
C LEU A 44 2.57 12.71 -1.42
N HIS A 45 3.01 13.97 -1.46
CA HIS A 45 2.11 15.08 -1.78
C HIS A 45 1.66 14.99 -3.23
N GLY A 46 0.42 14.57 -3.43
CA GLY A 46 -0.12 14.44 -4.78
C GLY A 46 0.74 13.59 -5.67
N GLY A 47 0.51 12.28 -5.65
CA GLY A 47 1.28 11.37 -6.47
C GLY A 47 0.60 10.03 -6.68
N MET A 48 -0.35 10.00 -7.62
CA MET A 48 -1.09 8.78 -7.93
C MET A 48 -1.94 8.33 -6.74
N ILE A 49 -1.29 7.86 -5.68
CA ILE A 49 -2.00 7.40 -4.49
C ILE A 49 -2.89 8.51 -3.93
N HIS A 50 -2.26 9.58 -3.45
CA HIS A 50 -2.99 10.71 -2.89
C HIS A 50 -4.02 11.24 -3.88
N ARG A 51 -3.72 11.09 -5.17
CA ARG A 51 -4.61 11.55 -6.23
C ARG A 51 -5.70 10.52 -6.51
N GLN A 52 -5.48 9.28 -6.06
CA GLN A 52 -6.45 8.20 -6.26
C GLN A 52 -7.85 8.64 -5.83
N GLY A 53 -7.97 9.11 -4.59
CA GLY A 53 -9.26 9.54 -4.09
C GLY A 53 -9.97 8.45 -3.31
N SER A 54 -9.73 7.20 -3.69
CA SER A 54 -10.35 6.06 -3.03
C SER A 54 -9.40 5.45 -2.00
N LEU A 55 -8.54 6.28 -1.42
CA LEU A 55 -7.57 5.82 -0.43
C LEU A 55 -7.73 6.58 0.88
N HIS A 56 -7.46 5.90 1.99
CA HIS A 56 -7.56 6.50 3.30
C HIS A 56 -6.50 5.91 4.24
N VAL A 57 -5.39 6.63 4.38
CA VAL A 57 -4.30 6.17 5.23
C VAL A 57 -4.81 5.69 6.58
N GLY A 58 -4.00 4.91 7.27
CA GLY A 58 -4.39 4.37 8.55
C GLY A 58 -5.16 3.07 8.43
N ASP A 59 -5.68 2.81 7.23
CA ASP A 59 -6.42 1.59 6.98
C ASP A 59 -5.55 0.36 7.21
N GLU A 60 -6.04 -0.80 6.81
CA GLU A 60 -5.27 -2.03 6.98
C GLU A 60 -5.13 -2.77 5.65
N ILE A 61 -3.96 -3.37 5.46
CA ILE A 61 -3.67 -4.12 4.25
C ILE A 61 -3.39 -5.59 4.57
N LEU A 62 -3.91 -6.48 3.73
CA LEU A 62 -3.74 -7.91 3.94
C LEU A 62 -2.78 -8.53 2.93
N GLU A 63 -2.83 -8.02 1.71
CA GLU A 63 -1.97 -8.52 0.65
C GLU A 63 -2.00 -7.58 -0.55
N ILE A 64 -0.84 -7.34 -1.12
CA ILE A 64 -0.71 -6.47 -2.28
C ILE A 64 -0.18 -7.23 -3.49
N ASN A 65 -0.62 -6.80 -4.66
CA ASN A 65 -0.21 -7.42 -5.92
C ASN A 65 -0.20 -8.95 -5.82
N GLY A 66 -1.07 -9.50 -4.98
CA GLY A 66 -1.13 -10.94 -4.82
C GLY A 66 -0.06 -11.48 -3.89
N THR A 67 0.35 -10.66 -2.93
CA THR A 67 1.38 -11.05 -1.97
C THR A 67 0.84 -10.99 -0.54
N ASN A 68 0.88 -12.14 0.13
CA ASN A 68 0.41 -12.23 1.51
C ASN A 68 1.29 -11.39 2.42
N VAL A 69 1.06 -10.08 2.42
CA VAL A 69 1.83 -9.16 3.23
C VAL A 69 1.60 -9.39 4.73
N THR A 70 0.56 -10.16 5.05
CA THR A 70 0.23 -10.44 6.44
C THR A 70 1.40 -11.08 7.19
N ASN A 71 2.35 -11.65 6.43
CA ASN A 71 3.51 -12.30 7.04
C ASN A 71 4.75 -11.42 6.95
N HIS A 72 5.29 -11.28 5.74
CA HIS A 72 6.50 -10.47 5.52
C HIS A 72 6.40 -9.12 6.22
N SER A 73 7.55 -8.48 6.43
CA SER A 73 7.60 -7.18 7.08
C SER A 73 7.29 -6.08 6.08
N VAL A 74 6.88 -4.92 6.59
CA VAL A 74 6.55 -3.79 5.74
C VAL A 74 7.66 -3.49 4.72
N ASP A 75 8.89 -3.32 5.21
CA ASP A 75 10.02 -3.04 4.32
C ASP A 75 10.09 -4.05 3.19
N GLN A 76 9.70 -5.29 3.50
CA GLN A 76 9.70 -6.34 2.50
C GLN A 76 8.64 -6.07 1.44
N LEU A 77 7.47 -5.63 1.88
CA LEU A 77 6.38 -5.33 0.97
C LEU A 77 6.68 -4.09 0.14
N GLN A 78 7.10 -3.00 0.81
CA GLN A 78 7.43 -1.77 0.12
C GLN A 78 8.28 -2.09 -1.11
N LYS A 79 9.33 -2.88 -0.89
CA LYS A 79 10.18 -3.29 -1.98
C LYS A 79 9.45 -4.33 -2.82
N ALA A 80 8.61 -5.13 -2.17
CA ALA A 80 7.82 -6.15 -2.85
C ALA A 80 6.95 -5.50 -3.92
N MET A 81 6.55 -4.26 -3.66
CA MET A 81 5.72 -3.51 -4.59
C MET A 81 6.60 -3.07 -5.75
N LYS A 82 7.76 -2.51 -5.42
CA LYS A 82 8.71 -2.06 -6.42
C LYS A 82 9.25 -3.27 -7.18
N GLU A 83 9.12 -4.45 -6.57
CA GLU A 83 9.59 -5.69 -7.16
C GLU A 83 8.89 -5.97 -8.48
N THR A 84 7.60 -6.30 -8.40
CA THR A 84 6.80 -6.60 -9.58
C THR A 84 6.82 -5.44 -10.58
N LYS A 85 6.48 -5.76 -11.82
CA LYS A 85 6.45 -4.76 -12.91
C LYS A 85 6.02 -3.39 -12.40
N GLY A 86 4.71 -3.22 -12.19
CA GLY A 86 4.20 -1.95 -11.71
C GLY A 86 2.76 -2.04 -11.25
N MET A 87 1.96 -2.85 -11.93
CA MET A 87 0.56 -3.01 -11.59
C MET A 87 0.40 -3.68 -10.23
N ILE A 88 0.09 -2.88 -9.21
CA ILE A 88 -0.09 -3.40 -7.86
C ILE A 88 -1.56 -3.41 -7.47
N SER A 89 -1.94 -4.42 -6.70
CA SER A 89 -3.30 -4.58 -6.22
C SER A 89 -3.30 -4.77 -4.71
N LEU A 90 -3.51 -3.68 -3.97
CA LEU A 90 -3.51 -3.74 -2.52
C LEU A 90 -4.89 -3.98 -1.96
N LYS A 91 -5.03 -5.06 -1.20
CA LYS A 91 -6.30 -5.40 -0.58
C LYS A 91 -6.41 -4.73 0.78
N VAL A 92 -7.31 -3.75 0.90
CA VAL A 92 -7.49 -3.04 2.16
C VAL A 92 -8.92 -3.11 2.66
N ILE A 93 -9.12 -2.75 3.92
CA ILE A 93 -10.43 -2.77 4.53
C ILE A 93 -10.94 -1.35 4.78
N PRO A 94 -12.27 -1.15 4.76
CA PRO A 94 -12.88 0.16 4.98
C PRO A 94 -12.34 0.85 6.24
N ASN A 95 -12.08 2.14 6.11
CA ASN A 95 -11.55 2.92 7.23
C ASN A 95 -12.69 3.46 8.09
N GLN A 96 -13.45 2.55 8.70
CA GLN A 96 -14.57 2.93 9.55
C GLN A 96 -14.30 2.52 11.00
N GLN A 97 -13.03 2.52 11.39
CA GLN A 97 -12.65 2.15 12.75
C GLN A 97 -12.52 3.39 13.64
N VAL A 13 -13.91 -5.77 1.99
CA VAL A 13 -12.52 -5.45 1.58
C VAL A 13 -12.49 -4.52 0.37
N ARG A 14 -11.30 -4.11 -0.01
CA ARG A 14 -11.12 -3.22 -1.16
C ARG A 14 -9.73 -3.42 -1.75
N LEU A 15 -9.51 -2.95 -2.97
CA LEU A 15 -8.22 -3.10 -3.61
C LEU A 15 -7.79 -1.82 -4.31
N ILE A 16 -6.47 -1.63 -4.41
CA ILE A 16 -5.91 -0.44 -5.07
C ILE A 16 -4.93 -0.86 -6.15
N GLN A 17 -5.16 -0.40 -7.37
CA GLN A 17 -4.29 -0.76 -8.49
C GLN A 17 -3.58 0.47 -9.03
N PHE A 18 -2.24 0.45 -8.96
CA PHE A 18 -1.44 1.55 -9.48
C PHE A 18 -0.30 1.03 -10.34
N GLU A 19 0.53 1.94 -10.85
CA GLU A 19 1.66 1.55 -11.69
C GLU A 19 2.94 2.22 -11.25
N LYS A 20 4.07 1.55 -11.51
CA LYS A 20 5.38 2.09 -11.16
C LYS A 20 5.90 2.98 -12.28
N VAL A 21 6.87 3.83 -11.96
CA VAL A 21 7.43 4.73 -12.96
C VAL A 21 6.38 5.73 -13.42
N THR A 22 6.52 6.98 -13.02
CA THR A 22 5.54 8.00 -13.39
C THR A 22 6.07 9.39 -13.08
N GLU A 23 5.27 10.41 -13.43
CA GLU A 23 5.66 11.80 -13.18
C GLU A 23 5.19 12.25 -11.80
N GLU A 24 4.84 11.27 -10.97
CA GLU A 24 4.36 11.51 -9.62
C GLU A 24 4.21 10.18 -8.89
N PRO A 25 5.30 9.40 -8.81
CA PRO A 25 5.29 8.09 -8.17
C PRO A 25 4.47 8.07 -6.89
N MET A 26 3.78 6.96 -6.68
CA MET A 26 2.93 6.79 -5.49
C MET A 26 3.64 7.28 -4.23
N GLY A 27 4.75 6.64 -3.89
CA GLY A 27 5.51 7.03 -2.72
C GLY A 27 4.69 7.00 -1.45
N ILE A 28 4.32 5.79 -1.00
CA ILE A 28 3.54 5.64 0.21
C ILE A 28 4.26 4.73 1.21
N THR A 29 4.20 5.11 2.48
CA THR A 29 4.81 4.34 3.55
C THR A 29 3.74 3.88 4.53
N LEU A 30 4.04 2.81 5.26
CA LEU A 30 3.09 2.28 6.23
C LEU A 30 3.77 1.85 7.51
N LYS A 31 3.02 1.87 8.60
CA LYS A 31 3.53 1.49 9.91
C LYS A 31 2.62 0.45 10.56
N LEU A 32 3.22 -0.60 11.11
CA LEU A 32 2.46 -1.66 11.76
C LEU A 32 3.03 -2.01 13.13
N ASN A 33 2.20 -2.59 13.98
CA ASN A 33 2.62 -2.98 15.32
C ASN A 33 3.22 -4.37 15.33
N GLU A 34 3.35 -4.95 16.53
CA GLU A 34 3.93 -6.28 16.68
C GLU A 34 2.99 -7.35 16.14
N LYS A 35 1.75 -6.97 15.85
CA LYS A 35 0.77 -7.92 15.30
C LYS A 35 0.97 -8.13 13.81
N GLN A 36 1.98 -7.49 13.24
CA GLN A 36 2.28 -7.61 11.82
C GLN A 36 1.10 -7.11 10.98
N SER A 37 0.57 -5.97 11.36
CA SER A 37 -0.54 -5.38 10.62
C SER A 37 -0.11 -4.14 9.88
N CYS A 38 0.37 -4.35 8.68
CA CYS A 38 0.82 -3.27 7.80
C CYS A 38 -0.24 -2.18 7.68
N THR A 39 -0.20 -1.21 8.58
CA THR A 39 -1.17 -0.12 8.52
C THR A 39 -0.56 1.07 7.80
N VAL A 40 -1.16 1.41 6.66
CA VAL A 40 -0.71 2.54 5.86
C VAL A 40 -0.27 3.70 6.75
N ALA A 41 0.62 4.55 6.25
CA ALA A 41 1.11 5.67 7.07
C ALA A 41 1.12 7.00 6.33
N ARG A 42 2.10 7.19 5.45
CA ARG A 42 2.22 8.45 4.73
C ARG A 42 2.24 8.25 3.22
N ILE A 43 2.01 9.34 2.50
CA ILE A 43 1.99 9.33 1.04
C ILE A 43 2.77 10.52 0.48
N LEU A 44 3.32 10.35 -0.72
CA LEU A 44 4.08 11.40 -1.36
C LEU A 44 3.15 12.53 -1.82
N HIS A 45 3.61 13.77 -1.66
CA HIS A 45 2.83 14.93 -2.06
C HIS A 45 2.53 14.90 -3.55
N GLY A 46 1.25 14.81 -3.89
CA GLY A 46 0.84 14.78 -5.28
C GLY A 46 1.35 13.55 -6.00
N GLY A 47 0.64 12.43 -5.85
CA GLY A 47 1.05 11.21 -6.50
C GLY A 47 -0.13 10.38 -6.99
N MET A 48 -0.06 9.08 -6.79
CA MET A 48 -1.14 8.19 -7.22
C MET A 48 -2.07 7.87 -6.05
N ILE A 49 -1.50 7.59 -4.89
CA ILE A 49 -2.29 7.28 -3.71
C ILE A 49 -3.18 8.46 -3.32
N HIS A 50 -2.55 9.60 -3.07
CA HIS A 50 -3.29 10.80 -2.68
C HIS A 50 -4.33 11.16 -3.74
N ARG A 51 -4.07 10.76 -4.98
CA ARG A 51 -4.98 11.04 -6.09
C ARG A 51 -6.04 9.95 -6.21
N GLN A 52 -5.70 8.74 -5.78
CA GLN A 52 -6.61 7.61 -5.85
C GLN A 52 -7.95 7.95 -5.19
N GLY A 53 -7.88 8.40 -3.94
CA GLY A 53 -9.09 8.76 -3.22
C GLY A 53 -9.70 7.56 -2.51
N SER A 54 -9.90 6.47 -3.24
CA SER A 54 -10.48 5.26 -2.68
C SER A 54 -9.71 4.80 -1.44
N LEU A 55 -8.43 5.14 -1.39
CA LEU A 55 -7.59 4.78 -0.26
C LEU A 55 -7.93 5.60 0.98
N HIS A 56 -7.28 5.28 2.09
CA HIS A 56 -7.50 5.98 3.34
C HIS A 56 -6.42 5.64 4.36
N VAL A 57 -5.41 6.51 4.44
CA VAL A 57 -4.29 6.30 5.37
C VAL A 57 -4.78 5.81 6.73
N GLY A 58 -3.95 5.01 7.37
CA GLY A 58 -4.30 4.45 8.67
C GLY A 58 -5.15 3.21 8.53
N ASP A 59 -5.47 2.83 7.28
CA ASP A 59 -6.26 1.64 7.03
C ASP A 59 -5.44 0.39 7.25
N GLU A 60 -5.97 -0.76 6.88
CA GLU A 60 -5.25 -2.01 7.05
C GLU A 60 -5.10 -2.74 5.72
N ILE A 61 -3.92 -3.29 5.51
CA ILE A 61 -3.60 -4.03 4.29
C ILE A 61 -3.41 -5.51 4.61
N LEU A 62 -3.99 -6.37 3.79
CA LEU A 62 -3.90 -7.81 4.01
C LEU A 62 -2.93 -8.49 3.04
N GLU A 63 -2.92 -8.00 1.80
CA GLU A 63 -2.04 -8.56 0.79
C GLU A 63 -1.95 -7.65 -0.41
N ILE A 64 -0.73 -7.44 -0.86
CA ILE A 64 -0.47 -6.58 -2.02
C ILE A 64 0.02 -7.40 -3.20
N ASN A 65 -0.40 -6.99 -4.38
CA ASN A 65 -0.03 -7.67 -5.62
C ASN A 65 -0.08 -9.20 -5.48
N GLY A 66 -0.97 -9.67 -4.61
CA GLY A 66 -1.10 -11.11 -4.41
C GLY A 66 -0.03 -11.68 -3.49
N THR A 67 0.46 -10.85 -2.56
CA THR A 67 1.49 -11.28 -1.62
C THR A 67 1.04 -11.07 -0.19
N ASN A 68 1.34 -12.04 0.67
CA ASN A 68 0.97 -11.96 2.08
C ASN A 68 1.74 -10.84 2.76
N VAL A 69 1.18 -9.63 2.71
CA VAL A 69 1.80 -8.46 3.31
C VAL A 69 1.53 -8.39 4.81
N THR A 70 0.72 -9.31 5.30
CA THR A 70 0.39 -9.36 6.72
C THR A 70 1.18 -10.46 7.43
N ASN A 71 2.36 -10.75 6.92
CA ASN A 71 3.21 -11.79 7.50
C ASN A 71 4.68 -11.38 7.51
N HIS A 72 5.19 -11.01 6.35
CA HIS A 72 6.58 -10.59 6.22
C HIS A 72 6.74 -9.13 6.62
N SER A 73 7.98 -8.74 6.94
CA SER A 73 8.25 -7.35 7.33
C SER A 73 7.83 -6.41 6.23
N VAL A 74 7.38 -5.22 6.61
CA VAL A 74 6.94 -4.24 5.64
C VAL A 74 8.04 -3.90 4.65
N ASP A 75 9.29 -3.92 5.11
CA ASP A 75 10.42 -3.62 4.23
C ASP A 75 10.48 -4.65 3.10
N GLN A 76 10.09 -5.88 3.42
CA GLN A 76 10.09 -6.96 2.44
C GLN A 76 9.00 -6.73 1.40
N LEU A 77 7.82 -6.34 1.86
CA LEU A 77 6.69 -6.10 0.96
C LEU A 77 6.91 -4.84 0.14
N GLN A 78 7.31 -3.76 0.81
CA GLN A 78 7.57 -2.50 0.12
C GLN A 78 8.44 -2.77 -1.11
N LYS A 79 9.52 -3.50 -0.91
CA LYS A 79 10.39 -3.88 -2.00
C LYS A 79 9.66 -4.89 -2.88
N ALA A 80 8.84 -5.74 -2.23
CA ALA A 80 8.05 -6.74 -2.94
C ALA A 80 7.16 -6.06 -3.98
N MET A 81 6.76 -4.84 -3.66
CA MET A 81 5.93 -4.06 -4.56
C MET A 81 6.77 -3.63 -5.74
N LYS A 82 7.95 -3.08 -5.44
CA LYS A 82 8.88 -2.66 -6.48
C LYS A 82 9.38 -3.87 -7.26
N GLU A 83 9.33 -5.03 -6.61
CA GLU A 83 9.76 -6.28 -7.22
C GLU A 83 9.04 -6.52 -8.55
N THR A 84 7.71 -6.43 -8.51
CA THR A 84 6.90 -6.64 -9.72
C THR A 84 7.21 -5.59 -10.77
N LYS A 85 6.84 -5.90 -12.02
CA LYS A 85 7.09 -5.00 -13.15
C LYS A 85 6.83 -3.54 -12.78
N GLY A 86 5.74 -3.29 -12.06
CA GLY A 86 5.42 -1.93 -11.66
C GLY A 86 4.01 -1.79 -11.12
N MET A 87 3.11 -2.65 -11.58
CA MET A 87 1.71 -2.60 -11.13
C MET A 87 1.53 -3.35 -9.82
N ILE A 88 0.71 -2.80 -8.93
CA ILE A 88 0.46 -3.42 -7.64
C ILE A 88 -1.03 -3.42 -7.30
N SER A 89 -1.45 -4.42 -6.53
CA SER A 89 -2.84 -4.57 -6.12
C SER A 89 -2.92 -4.78 -4.61
N LEU A 90 -3.11 -3.70 -3.87
CA LEU A 90 -3.18 -3.78 -2.41
C LEU A 90 -4.62 -3.95 -1.92
N LYS A 91 -4.84 -4.97 -1.11
CA LYS A 91 -6.17 -5.24 -0.56
C LYS A 91 -6.28 -4.58 0.82
N VAL A 92 -7.21 -3.64 0.96
CA VAL A 92 -7.39 -2.94 2.22
C VAL A 92 -8.85 -2.92 2.66
N ILE A 93 -9.05 -2.53 3.92
CA ILE A 93 -10.39 -2.44 4.48
C ILE A 93 -10.81 -0.97 4.62
N PRO A 94 -12.10 -0.67 4.40
CA PRO A 94 -12.61 0.70 4.51
C PRO A 94 -12.48 1.26 5.92
N ASN A 95 -12.11 2.54 6.01
CA ASN A 95 -11.96 3.21 7.28
C ASN A 95 -12.91 4.40 7.39
N GLN A 96 -14.20 4.10 7.44
CA GLN A 96 -15.22 5.15 7.53
C GLN A 96 -15.43 5.60 8.97
N GLN A 97 -14.34 5.95 9.64
CA GLN A 97 -14.40 6.41 11.02
C GLN A 97 -15.17 5.42 11.90
N VAL A 13 -14.07 -5.36 1.50
CA VAL A 13 -12.65 -5.12 1.17
C VAL A 13 -12.52 -4.12 0.03
N ARG A 14 -11.28 -3.86 -0.38
CA ARG A 14 -11.00 -2.93 -1.46
C ARG A 14 -9.60 -3.17 -2.00
N LEU A 15 -9.34 -2.74 -3.23
CA LEU A 15 -8.02 -2.93 -3.83
C LEU A 15 -7.50 -1.64 -4.45
N ILE A 16 -6.19 -1.48 -4.44
CA ILE A 16 -5.54 -0.31 -5.01
C ILE A 16 -4.58 -0.72 -6.11
N GLN A 17 -4.86 -0.28 -7.34
CA GLN A 17 -4.03 -0.64 -8.47
C GLN A 17 -3.27 0.57 -8.99
N PHE A 18 -1.95 0.50 -8.94
CA PHE A 18 -1.11 1.59 -9.42
C PHE A 18 0.03 1.04 -10.28
N GLU A 19 0.85 1.94 -10.82
CA GLU A 19 1.97 1.54 -11.67
C GLU A 19 3.25 2.27 -11.27
N LYS A 20 4.38 1.57 -11.37
CA LYS A 20 5.67 2.16 -11.04
C LYS A 20 6.16 3.02 -12.20
N VAL A 21 7.07 3.94 -11.91
CA VAL A 21 7.60 4.83 -12.94
C VAL A 21 6.52 5.78 -13.42
N THR A 22 6.61 7.04 -13.02
CA THR A 22 5.60 8.02 -13.42
C THR A 22 6.07 9.44 -13.11
N GLU A 23 5.25 10.43 -13.50
CA GLU A 23 5.57 11.83 -13.24
C GLU A 23 5.03 12.27 -11.89
N GLU A 24 4.71 11.28 -11.05
CA GLU A 24 4.17 11.52 -9.73
C GLU A 24 4.07 10.19 -8.98
N PRO A 25 5.21 9.49 -8.84
CA PRO A 25 5.28 8.19 -8.17
C PRO A 25 4.38 8.10 -6.95
N MET A 26 3.94 6.89 -6.63
CA MET A 26 3.07 6.66 -5.48
C MET A 26 3.72 7.18 -4.19
N GLY A 27 4.90 6.66 -3.88
CA GLY A 27 5.60 7.07 -2.67
C GLY A 27 4.74 6.92 -1.43
N ILE A 28 4.43 5.67 -1.09
CA ILE A 28 3.60 5.40 0.09
C ILE A 28 4.29 4.42 1.05
N THR A 29 4.03 4.62 2.34
CA THR A 29 4.61 3.77 3.37
C THR A 29 3.55 3.38 4.40
N LEU A 30 3.80 2.27 5.10
CA LEU A 30 2.86 1.80 6.11
C LEU A 30 3.57 1.51 7.42
N LYS A 31 2.87 1.75 8.52
CA LYS A 31 3.41 1.50 9.84
C LYS A 31 2.50 0.53 10.59
N LEU A 32 3.11 -0.49 11.18
CA LEU A 32 2.34 -1.48 11.92
C LEU A 32 2.94 -1.75 13.30
N ASN A 33 2.11 -2.25 14.20
CA ASN A 33 2.57 -2.57 15.55
C ASN A 33 3.26 -3.92 15.57
N GLU A 34 3.44 -4.48 16.76
CA GLU A 34 4.10 -5.78 16.90
C GLU A 34 3.19 -6.92 16.42
N LYS A 35 1.94 -6.59 16.10
CA LYS A 35 0.97 -7.58 15.62
C LYS A 35 1.15 -7.88 14.14
N GLN A 36 1.87 -7.00 13.42
CA GLN A 36 2.08 -7.18 11.99
C GLN A 36 0.77 -6.98 11.23
N SER A 37 0.11 -5.86 11.48
CA SER A 37 -1.16 -5.56 10.84
C SER A 37 -1.02 -4.56 9.68
N CYS A 38 0.22 -4.30 9.29
CA CYS A 38 0.52 -3.38 8.19
C CYS A 38 -0.54 -2.28 8.04
N THR A 39 -0.38 -1.19 8.78
CA THR A 39 -1.33 -0.10 8.70
C THR A 39 -0.76 1.06 7.88
N VAL A 40 -1.39 1.33 6.75
CA VAL A 40 -0.96 2.40 5.85
C VAL A 40 -0.46 3.61 6.64
N ALA A 41 0.52 4.33 6.10
CA ALA A 41 1.08 5.48 6.79
C ALA A 41 1.27 6.69 5.88
N ARG A 42 2.27 6.65 5.01
CA ARG A 42 2.56 7.78 4.13
C ARG A 42 1.93 7.62 2.75
N ILE A 43 1.75 8.75 2.08
CA ILE A 43 1.19 8.78 0.74
C ILE A 43 1.66 10.05 0.01
N LEU A 44 2.61 9.88 -0.91
CA LEU A 44 3.17 11.00 -1.66
C LEU A 44 2.07 11.92 -2.19
N HIS A 45 2.05 13.15 -1.70
CA HIS A 45 1.06 14.13 -2.13
C HIS A 45 1.16 14.39 -3.62
N GLY A 46 0.00 14.53 -4.27
CA GLY A 46 -0.01 14.77 -5.70
C GLY A 46 0.53 13.59 -6.50
N GLY A 47 0.65 12.44 -5.85
CA GLY A 47 1.15 11.26 -6.51
C GLY A 47 0.05 10.37 -7.04
N MET A 48 0.42 9.17 -7.48
CA MET A 48 -0.57 8.23 -8.01
C MET A 48 -1.64 7.91 -6.98
N ILE A 49 -1.20 7.54 -5.77
CA ILE A 49 -2.13 7.21 -4.69
C ILE A 49 -2.91 8.45 -4.25
N HIS A 50 -2.19 9.47 -3.80
CA HIS A 50 -2.82 10.70 -3.35
C HIS A 50 -3.87 11.20 -4.35
N ARG A 51 -3.67 10.84 -5.62
CA ARG A 51 -4.59 11.24 -6.67
C ARG A 51 -5.75 10.25 -6.79
N GLN A 52 -5.51 9.00 -6.39
CA GLN A 52 -6.54 7.97 -6.46
C GLN A 52 -7.82 8.42 -5.76
N GLY A 53 -7.69 8.86 -4.52
CA GLY A 53 -8.85 9.31 -3.77
C GLY A 53 -9.48 8.21 -2.94
N SER A 54 -9.19 6.97 -3.30
CA SER A 54 -9.74 5.82 -2.57
C SER A 54 -8.75 5.30 -1.55
N LEU A 55 -7.85 6.17 -1.09
CA LEU A 55 -6.85 5.79 -0.09
C LEU A 55 -6.95 6.67 1.15
N HIS A 56 -7.00 6.02 2.31
CA HIS A 56 -7.11 6.74 3.57
C HIS A 56 -6.06 6.24 4.56
N VAL A 57 -4.98 7.01 4.71
CA VAL A 57 -3.90 6.66 5.63
C VAL A 57 -4.45 6.24 6.98
N GLY A 58 -4.11 5.02 7.38
CA GLY A 58 -4.56 4.50 8.65
C GLY A 58 -5.30 3.17 8.49
N ASP A 59 -5.80 2.91 7.28
CA ASP A 59 -6.52 1.69 7.01
C ASP A 59 -5.61 0.48 7.21
N GLU A 60 -6.10 -0.69 6.82
CA GLU A 60 -5.32 -1.91 6.96
C GLU A 60 -5.16 -2.62 5.62
N ILE A 61 -4.01 -3.26 5.44
CA ILE A 61 -3.71 -4.00 4.22
C ILE A 61 -3.58 -5.49 4.50
N LEU A 62 -4.26 -6.30 3.71
CA LEU A 62 -4.24 -7.75 3.90
C LEU A 62 -3.26 -8.43 2.94
N GLU A 63 -3.21 -7.95 1.71
CA GLU A 63 -2.33 -8.52 0.71
C GLU A 63 -2.18 -7.58 -0.47
N ILE A 64 -0.95 -7.39 -0.89
CA ILE A 64 -0.64 -6.53 -2.02
C ILE A 64 -0.13 -7.33 -3.20
N ASN A 65 -0.51 -6.91 -4.39
CA ASN A 65 -0.12 -7.58 -5.63
C ASN A 65 -0.22 -9.10 -5.50
N GLY A 66 -1.14 -9.56 -4.67
CA GLY A 66 -1.32 -10.99 -4.47
C GLY A 66 -0.29 -11.59 -3.53
N THR A 67 0.18 -10.78 -2.59
CA THR A 67 1.17 -11.23 -1.61
C THR A 67 0.67 -11.03 -0.19
N ASN A 68 1.05 -11.93 0.71
CA ASN A 68 0.63 -11.86 2.10
C ASN A 68 1.39 -10.75 2.84
N VAL A 69 0.83 -9.54 2.81
CA VAL A 69 1.45 -8.40 3.48
C VAL A 69 1.11 -8.39 4.97
N THR A 70 0.28 -9.34 5.40
CA THR A 70 -0.10 -9.44 6.81
C THR A 70 0.72 -10.51 7.52
N ASN A 71 1.96 -10.70 7.07
CA ASN A 71 2.84 -11.70 7.67
C ASN A 71 4.29 -11.25 7.63
N HIS A 72 4.83 -11.11 6.43
CA HIS A 72 6.22 -10.69 6.26
C HIS A 72 6.40 -9.26 6.75
N SER A 73 7.66 -8.89 7.04
CA SER A 73 7.95 -7.53 7.51
C SER A 73 7.54 -6.52 6.46
N VAL A 74 7.16 -5.33 6.92
CA VAL A 74 6.74 -4.28 6.02
C VAL A 74 7.82 -3.95 4.99
N ASP A 75 9.07 -3.95 5.41
CA ASP A 75 10.17 -3.67 4.51
C ASP A 75 10.18 -4.68 3.37
N GLN A 76 9.77 -5.91 3.67
CA GLN A 76 9.72 -6.97 2.69
C GLN A 76 8.64 -6.68 1.65
N LEU A 77 7.47 -6.26 2.12
CA LEU A 77 6.36 -5.96 1.22
C LEU A 77 6.62 -4.70 0.42
N GLN A 78 7.05 -3.63 1.11
CA GLN A 78 7.36 -2.38 0.44
C GLN A 78 8.20 -2.64 -0.80
N LYS A 79 9.25 -3.45 -0.61
CA LYS A 79 10.11 -3.83 -1.71
C LYS A 79 9.37 -4.84 -2.59
N ALA A 80 8.53 -5.66 -1.95
CA ALA A 80 7.73 -6.65 -2.67
C ALA A 80 6.86 -5.97 -3.72
N MET A 81 6.48 -4.73 -3.43
CA MET A 81 5.67 -3.94 -4.35
C MET A 81 6.56 -3.44 -5.49
N LYS A 82 7.70 -2.87 -5.11
CA LYS A 82 8.66 -2.37 -6.08
C LYS A 82 9.21 -3.53 -6.90
N GLU A 83 9.15 -4.73 -6.32
CA GLU A 83 9.64 -5.94 -6.97
C GLU A 83 9.04 -6.09 -8.37
N THR A 84 7.71 -6.14 -8.44
CA THR A 84 7.01 -6.30 -9.70
C THR A 84 7.35 -5.15 -10.66
N LYS A 85 7.12 -5.38 -11.95
CA LYS A 85 7.39 -4.38 -12.98
C LYS A 85 6.91 -3.00 -12.56
N GLY A 86 5.85 -2.96 -11.78
CA GLY A 86 5.31 -1.68 -11.32
C GLY A 86 3.84 -1.74 -10.96
N MET A 87 3.13 -2.74 -11.47
CA MET A 87 1.71 -2.90 -11.19
C MET A 87 1.48 -3.63 -9.87
N ILE A 88 0.77 -2.97 -8.94
CA ILE A 88 0.48 -3.57 -7.65
C ILE A 88 -1.00 -3.44 -7.28
N SER A 89 -1.50 -4.46 -6.62
CA SER A 89 -2.89 -4.49 -6.17
C SER A 89 -2.95 -4.64 -4.65
N LEU A 90 -3.15 -3.53 -3.96
CA LEU A 90 -3.20 -3.54 -2.50
C LEU A 90 -4.61 -3.72 -1.98
N LYS A 91 -4.83 -4.82 -1.27
CA LYS A 91 -6.14 -5.11 -0.70
C LYS A 91 -6.25 -4.48 0.69
N VAL A 92 -7.18 -3.54 0.84
CA VAL A 92 -7.37 -2.87 2.10
C VAL A 92 -8.83 -2.85 2.52
N ILE A 93 -9.07 -2.51 3.78
CA ILE A 93 -10.43 -2.44 4.31
C ILE A 93 -10.88 -1.00 4.46
N PRO A 94 -12.19 -0.72 4.26
CA PRO A 94 -12.75 0.62 4.37
C PRO A 94 -12.24 1.36 5.60
N ASN A 95 -11.80 2.59 5.40
CA ASN A 95 -11.28 3.42 6.49
C ASN A 95 -12.35 3.67 7.53
N GLN A 96 -12.55 2.70 8.42
CA GLN A 96 -13.55 2.82 9.47
C GLN A 96 -12.94 2.48 10.83
N GLN A 97 -11.65 2.76 10.98
CA GLN A 97 -10.95 2.48 12.23
C GLN A 97 -9.68 3.32 12.33
N VAL A 13 -13.77 -5.57 1.96
CA VAL A 13 -12.38 -5.25 1.56
C VAL A 13 -12.35 -4.22 0.44
N ARG A 14 -11.15 -3.94 -0.06
CA ARG A 14 -10.98 -2.96 -1.13
C ARG A 14 -9.62 -3.16 -1.80
N LEU A 15 -9.52 -2.82 -3.09
CA LEU A 15 -8.26 -2.97 -3.80
C LEU A 15 -7.83 -1.65 -4.44
N ILE A 16 -6.52 -1.45 -4.51
CA ILE A 16 -5.97 -0.23 -5.10
C ILE A 16 -5.04 -0.60 -6.25
N GLN A 17 -5.37 -0.15 -7.45
CA GLN A 17 -4.56 -0.45 -8.63
C GLN A 17 -3.86 0.79 -9.15
N PHE A 18 -2.53 0.76 -9.15
CA PHE A 18 -1.75 1.88 -9.64
C PHE A 18 -0.64 1.41 -10.58
N GLU A 19 0.05 2.37 -11.19
CA GLU A 19 1.14 2.05 -12.12
C GLU A 19 2.49 2.44 -11.54
N LYS A 20 3.40 1.47 -11.45
CA LYS A 20 4.73 1.73 -10.92
C LYS A 20 5.75 1.75 -12.07
N VAL A 21 6.05 2.96 -12.55
CA VAL A 21 7.00 3.15 -13.64
C VAL A 21 7.47 4.59 -13.68
N THR A 22 6.53 5.50 -13.41
CA THR A 22 6.79 6.95 -13.40
C THR A 22 8.21 7.28 -12.94
N GLU A 23 8.74 8.41 -13.41
CA GLU A 23 10.07 8.85 -13.04
C GLU A 23 10.03 9.67 -11.76
N GLU A 24 8.93 9.55 -11.02
CA GLU A 24 8.74 10.25 -9.76
C GLU A 24 7.62 9.59 -8.97
N PRO A 25 7.80 8.31 -8.61
CA PRO A 25 6.80 7.55 -7.86
C PRO A 25 6.10 8.39 -6.80
N MET A 26 4.90 7.96 -6.43
CA MET A 26 4.11 8.68 -5.42
C MET A 26 4.92 8.85 -4.12
N GLY A 27 5.09 7.75 -3.39
CA GLY A 27 5.82 7.80 -2.14
C GLY A 27 4.93 7.57 -0.94
N ILE A 28 4.51 6.33 -0.75
CA ILE A 28 3.64 5.97 0.36
C ILE A 28 4.36 5.06 1.36
N THR A 29 3.96 5.14 2.63
CA THR A 29 4.56 4.34 3.68
C THR A 29 3.50 3.82 4.64
N LEU A 30 3.68 2.59 5.11
CA LEU A 30 2.73 1.99 6.04
C LEU A 30 3.39 1.65 7.36
N LYS A 31 2.65 1.87 8.45
CA LYS A 31 3.14 1.60 9.79
C LYS A 31 2.22 0.62 10.52
N LEU A 32 2.81 -0.37 11.16
CA LEU A 32 2.03 -1.37 11.90
C LEU A 32 2.58 -1.58 13.30
N ASN A 33 1.72 -2.06 14.19
CA ASN A 33 2.12 -2.31 15.58
C ASN A 33 3.13 -3.46 15.65
N GLU A 34 3.26 -4.06 16.82
CA GLU A 34 4.20 -5.16 17.02
C GLU A 34 3.69 -6.47 16.42
N LYS A 35 2.56 -6.43 15.73
CA LYS A 35 1.99 -7.63 15.13
C LYS A 35 2.15 -7.63 13.61
N GLN A 36 2.85 -6.63 13.07
CA GLN A 36 3.06 -6.53 11.63
C GLN A 36 1.72 -6.51 10.90
N SER A 37 0.81 -5.67 11.39
CA SER A 37 -0.52 -5.55 10.79
C SER A 37 -0.54 -4.60 9.60
N CYS A 38 0.63 -4.24 9.11
CA CYS A 38 0.78 -3.34 7.96
C CYS A 38 -0.37 -2.35 7.83
N THR A 39 -0.31 -1.26 8.59
CA THR A 39 -1.35 -0.24 8.53
C THR A 39 -0.80 1.02 7.87
N VAL A 40 -1.31 1.33 6.68
CA VAL A 40 -0.89 2.52 5.94
C VAL A 40 -0.52 3.66 6.88
N ALA A 41 0.45 4.45 6.49
CA ALA A 41 0.89 5.55 7.34
C ALA A 41 0.93 6.89 6.61
N ARG A 42 1.19 6.87 5.31
CA ARG A 42 1.27 8.13 4.56
C ARG A 42 0.99 7.93 3.08
N ILE A 43 0.89 9.06 2.37
CA ILE A 43 0.64 9.08 0.95
C ILE A 43 1.07 10.41 0.35
N LEU A 44 2.25 10.43 -0.25
CA LEU A 44 2.79 11.64 -0.86
C LEU A 44 1.75 12.34 -1.74
N HIS A 45 1.65 13.66 -1.59
CA HIS A 45 0.69 14.44 -2.37
C HIS A 45 1.18 14.64 -3.79
N GLY A 46 0.37 14.24 -4.76
CA GLY A 46 0.74 14.39 -6.16
C GLY A 46 1.45 13.17 -6.70
N GLY A 47 0.71 12.08 -6.85
CA GLY A 47 1.29 10.85 -7.37
C GLY A 47 0.27 9.95 -8.02
N MET A 48 -0.21 8.95 -7.28
CA MET A 48 -1.20 8.01 -7.79
C MET A 48 -2.25 7.68 -6.73
N ILE A 49 -1.79 7.42 -5.51
CA ILE A 49 -2.69 7.10 -4.41
C ILE A 49 -3.45 8.34 -3.95
N HIS A 50 -2.71 9.36 -3.53
CA HIS A 50 -3.31 10.61 -3.06
C HIS A 50 -4.40 11.07 -4.03
N ARG A 51 -4.23 10.75 -5.31
CA ARG A 51 -5.19 11.13 -6.33
C ARG A 51 -6.31 10.10 -6.44
N GLN A 52 -6.01 8.87 -6.07
CA GLN A 52 -6.98 7.78 -6.10
C GLN A 52 -8.31 8.20 -5.49
N GLY A 53 -8.25 8.68 -4.25
CA GLY A 53 -9.45 9.12 -3.56
C GLY A 53 -10.08 8.02 -2.73
N SER A 54 -9.78 6.78 -3.06
CA SER A 54 -10.32 5.63 -2.33
C SER A 54 -9.33 5.13 -1.29
N LEU A 55 -8.46 6.03 -0.81
CA LEU A 55 -7.47 5.67 0.20
C LEU A 55 -7.59 6.55 1.43
N HIS A 56 -7.53 5.92 2.60
CA HIS A 56 -7.62 6.63 3.87
C HIS A 56 -6.56 6.14 4.84
N VAL A 57 -5.49 6.92 4.98
CA VAL A 57 -4.40 6.56 5.87
C VAL A 57 -4.91 6.08 7.23
N GLY A 58 -4.24 5.09 7.78
CA GLY A 58 -4.65 4.53 9.06
C GLY A 58 -5.42 3.23 8.91
N ASP A 59 -5.59 2.77 7.67
CA ASP A 59 -6.29 1.52 7.41
C ASP A 59 -5.33 0.34 7.48
N GLU A 60 -5.75 -0.81 6.98
CA GLU A 60 -4.92 -2.00 7.01
C GLU A 60 -4.76 -2.60 5.63
N ILE A 61 -3.57 -3.15 5.37
CA ILE A 61 -3.26 -3.77 4.09
C ILE A 61 -3.06 -5.27 4.28
N LEU A 62 -4.01 -6.07 3.78
CA LEU A 62 -3.94 -7.52 3.92
C LEU A 62 -2.99 -8.15 2.91
N GLU A 63 -2.91 -7.57 1.72
CA GLU A 63 -2.04 -8.09 0.67
C GLU A 63 -2.04 -7.18 -0.54
N ILE A 64 -0.86 -6.98 -1.09
CA ILE A 64 -0.69 -6.12 -2.26
C ILE A 64 -0.21 -6.92 -3.47
N ASN A 65 -0.64 -6.51 -4.64
CA ASN A 65 -0.26 -7.18 -5.90
C ASN A 65 -0.31 -8.71 -5.76
N GLY A 66 -1.20 -9.20 -4.90
CA GLY A 66 -1.32 -10.62 -4.70
C GLY A 66 -0.25 -11.18 -3.78
N THR A 67 0.21 -10.36 -2.85
CA THR A 67 1.23 -10.76 -1.89
C THR A 67 0.71 -10.68 -0.47
N ASN A 68 0.69 -11.82 0.22
CA ASN A 68 0.22 -11.88 1.60
C ASN A 68 1.10 -11.02 2.49
N VAL A 69 0.83 -9.72 2.52
CA VAL A 69 1.59 -8.79 3.34
C VAL A 69 1.33 -8.99 4.82
N THR A 70 0.33 -9.83 5.13
CA THR A 70 -0.02 -10.10 6.51
C THR A 70 0.83 -11.21 7.11
N ASN A 71 2.13 -11.21 6.77
CA ASN A 71 3.05 -12.21 7.28
C ASN A 71 4.49 -11.71 7.24
N HIS A 72 4.86 -11.11 6.11
CA HIS A 72 6.22 -10.58 5.95
C HIS A 72 6.33 -9.17 6.52
N SER A 73 7.56 -8.73 6.75
CA SER A 73 7.79 -7.39 7.28
C SER A 73 7.41 -6.34 6.25
N VAL A 74 7.10 -5.14 6.72
CA VAL A 74 6.71 -4.06 5.83
C VAL A 74 7.82 -3.73 4.84
N ASP A 75 9.06 -3.62 5.33
CA ASP A 75 10.20 -3.32 4.48
C ASP A 75 10.25 -4.30 3.30
N GLN A 76 9.83 -5.53 3.56
CA GLN A 76 9.80 -6.55 2.53
C GLN A 76 8.75 -6.22 1.49
N LEU A 77 7.55 -5.86 1.95
CA LEU A 77 6.45 -5.51 1.07
C LEU A 77 6.77 -4.26 0.26
N GLN A 78 7.19 -3.20 0.95
CA GLN A 78 7.54 -1.95 0.28
C GLN A 78 8.41 -2.25 -0.94
N LYS A 79 9.46 -3.02 -0.72
CA LYS A 79 10.33 -3.43 -1.81
C LYS A 79 9.59 -4.44 -2.67
N ALA A 80 8.73 -5.25 -2.04
CA ALA A 80 7.94 -6.24 -2.76
C ALA A 80 7.07 -5.56 -3.82
N MET A 81 6.69 -4.32 -3.53
CA MET A 81 5.89 -3.54 -4.45
C MET A 81 6.75 -3.10 -5.62
N LYS A 82 7.93 -2.58 -5.27
CA LYS A 82 8.89 -2.15 -6.28
C LYS A 82 9.39 -3.36 -7.06
N GLU A 83 9.28 -4.54 -6.43
CA GLU A 83 9.71 -5.79 -7.04
C GLU A 83 8.96 -6.05 -8.34
N THR A 84 7.67 -6.31 -8.23
CA THR A 84 6.82 -6.59 -9.39
C THR A 84 6.92 -5.48 -10.43
N LYS A 85 6.54 -5.81 -11.66
CA LYS A 85 6.57 -4.86 -12.77
C LYS A 85 6.17 -3.44 -12.33
N GLY A 86 4.86 -3.18 -12.32
CA GLY A 86 4.39 -1.86 -11.92
C GLY A 86 2.95 -1.88 -11.43
N MET A 87 2.10 -2.60 -12.15
CA MET A 87 0.69 -2.70 -11.78
C MET A 87 0.52 -3.43 -10.45
N ILE A 88 0.13 -2.69 -9.42
CA ILE A 88 -0.05 -3.28 -8.10
C ILE A 88 -1.49 -3.18 -7.62
N SER A 89 -1.93 -4.23 -6.93
CA SER A 89 -3.28 -4.29 -6.38
C SER A 89 -3.21 -4.39 -4.86
N LEU A 90 -3.44 -3.26 -4.19
CA LEU A 90 -3.38 -3.22 -2.73
C LEU A 90 -4.72 -3.51 -2.09
N LYS A 91 -4.80 -4.61 -1.37
CA LYS A 91 -6.03 -4.99 -0.70
C LYS A 91 -6.07 -4.40 0.71
N VAL A 92 -7.01 -3.49 0.94
CA VAL A 92 -7.14 -2.84 2.23
C VAL A 92 -8.58 -2.86 2.72
N ILE A 93 -8.78 -2.54 3.99
CA ILE A 93 -10.11 -2.52 4.57
C ILE A 93 -10.60 -1.08 4.74
N PRO A 94 -11.89 -0.82 4.45
CA PRO A 94 -12.48 0.51 4.57
C PRO A 94 -12.23 1.13 5.94
N ASN A 95 -11.89 2.41 5.93
CA ASN A 95 -11.61 3.14 7.18
C ASN A 95 -12.87 3.26 8.03
N GLN A 96 -13.27 2.15 8.65
CA GLN A 96 -14.45 2.14 9.50
C GLN A 96 -14.14 1.54 10.87
N GLN A 97 -12.90 1.73 11.33
CA GLN A 97 -12.48 1.21 12.62
C GLN A 97 -13.21 1.92 13.75
N VAL A 13 -13.70 -5.74 1.97
CA VAL A 13 -12.32 -5.38 1.60
C VAL A 13 -12.30 -4.37 0.46
N ARG A 14 -11.10 -4.01 0.02
CA ARG A 14 -10.93 -3.05 -1.06
C ARG A 14 -9.58 -3.27 -1.73
N LEU A 15 -9.41 -2.75 -2.95
CA LEU A 15 -8.15 -2.92 -3.66
C LEU A 15 -7.66 -1.57 -4.21
N ILE A 16 -6.35 -1.47 -4.36
CA ILE A 16 -5.72 -0.27 -4.88
C ILE A 16 -4.75 -0.62 -6.00
N GLN A 17 -5.04 -0.13 -7.21
CA GLN A 17 -4.18 -0.41 -8.35
C GLN A 17 -3.48 0.83 -8.85
N PHE A 18 -2.16 0.81 -8.81
CA PHE A 18 -1.37 1.94 -9.27
C PHE A 18 -0.26 1.46 -10.20
N GLU A 19 0.40 2.40 -10.89
CA GLU A 19 1.48 2.05 -11.80
C GLU A 19 2.82 2.57 -11.32
N LYS A 20 3.85 1.72 -11.40
CA LYS A 20 5.19 2.12 -10.99
C LYS A 20 5.89 2.84 -12.13
N VAL A 21 6.94 3.58 -11.81
CA VAL A 21 7.69 4.33 -12.82
C VAL A 21 6.85 5.46 -13.38
N THR A 22 7.21 6.70 -13.04
CA THR A 22 6.47 7.85 -13.51
C THR A 22 7.19 9.15 -13.16
N GLU A 23 6.64 10.27 -13.62
CA GLU A 23 7.22 11.58 -13.35
C GLU A 23 6.66 12.14 -12.05
N GLU A 24 6.05 11.27 -11.26
CA GLU A 24 5.45 11.63 -9.98
C GLU A 24 5.03 10.36 -9.25
N PRO A 25 5.99 9.45 -9.01
CA PRO A 25 5.73 8.19 -8.33
C PRO A 25 4.86 8.35 -7.09
N MET A 26 4.46 7.22 -6.50
CA MET A 26 3.63 7.24 -5.30
C MET A 26 4.45 6.82 -4.07
N GLY A 27 5.34 7.70 -3.64
CA GLY A 27 6.16 7.41 -2.49
C GLY A 27 5.34 7.27 -1.22
N ILE A 28 4.73 6.11 -1.04
CA ILE A 28 3.91 5.85 0.13
C ILE A 28 4.57 4.84 1.07
N THR A 29 4.20 4.89 2.34
CA THR A 29 4.75 3.99 3.34
C THR A 29 3.70 3.63 4.38
N LEU A 30 3.89 2.49 5.05
CA LEU A 30 2.94 2.04 6.06
C LEU A 30 3.64 1.78 7.39
N LYS A 31 2.91 2.01 8.47
CA LYS A 31 3.44 1.81 9.81
C LYS A 31 2.58 0.79 10.56
N LEU A 32 3.24 -0.21 11.13
CA LEU A 32 2.53 -1.25 11.86
C LEU A 32 3.17 -1.50 13.23
N ASN A 33 2.38 -2.04 14.15
CA ASN A 33 2.87 -2.35 15.48
C ASN A 33 3.61 -3.68 15.48
N GLU A 34 3.76 -4.28 16.66
CA GLU A 34 4.46 -5.56 16.77
C GLU A 34 3.57 -6.73 16.32
N LYS A 35 2.34 -6.42 15.91
CA LYS A 35 1.41 -7.44 15.47
C LYS A 35 1.55 -7.71 13.97
N GLN A 36 2.25 -6.84 13.26
CA GLN A 36 2.44 -7.00 11.82
C GLN A 36 1.12 -6.83 11.09
N SER A 37 0.44 -5.72 11.37
CA SER A 37 -0.86 -5.44 10.74
C SER A 37 -0.73 -4.42 9.61
N CYS A 38 0.50 -4.12 9.22
CA CYS A 38 0.77 -3.17 8.14
C CYS A 38 -0.32 -2.11 8.00
N THR A 39 -0.22 -1.05 8.80
CA THR A 39 -1.22 0.02 8.74
C THR A 39 -0.67 1.20 7.97
N VAL A 40 -1.33 1.52 6.85
CA VAL A 40 -0.93 2.64 6.00
C VAL A 40 -0.48 3.82 6.85
N ALA A 41 0.60 4.49 6.43
CA ALA A 41 1.13 5.62 7.17
C ALA A 41 1.13 6.91 6.37
N ARG A 42 2.12 7.06 5.48
CA ARG A 42 2.24 8.27 4.69
C ARG A 42 1.97 8.01 3.21
N ILE A 43 1.80 9.10 2.46
CA ILE A 43 1.55 9.03 1.02
C ILE A 43 2.11 10.26 0.31
N LEU A 44 2.95 10.02 -0.68
CA LEU A 44 3.56 11.11 -1.44
C LEU A 44 2.48 11.99 -2.07
N HIS A 45 2.50 13.28 -1.74
CA HIS A 45 1.53 14.22 -2.28
C HIS A 45 1.82 14.52 -3.74
N GLY A 46 1.02 13.93 -4.64
CA GLY A 46 1.21 14.14 -6.05
C GLY A 46 -0.04 13.85 -6.86
N GLY A 47 0.00 12.77 -7.64
CA GLY A 47 -1.14 12.40 -8.45
C GLY A 47 -1.30 10.90 -8.60
N MET A 48 -1.04 10.17 -7.51
CA MET A 48 -1.16 8.72 -7.53
C MET A 48 -2.08 8.23 -6.41
N ILE A 49 -1.53 8.05 -5.21
CA ILE A 49 -2.32 7.59 -4.08
C ILE A 49 -3.13 8.74 -3.48
N HIS A 50 -2.43 9.77 -3.02
CA HIS A 50 -3.08 10.93 -2.43
C HIS A 50 -4.25 11.41 -3.30
N ARG A 51 -4.11 11.23 -4.61
CA ARG A 51 -5.14 11.63 -5.56
C ARG A 51 -6.16 10.51 -5.75
N GLN A 52 -5.73 9.26 -5.54
CA GLN A 52 -6.60 8.10 -5.69
C GLN A 52 -7.96 8.34 -5.02
N GLY A 53 -7.93 8.86 -3.81
CA GLY A 53 -9.16 9.13 -3.08
C GLY A 53 -9.66 7.91 -2.31
N SER A 54 -9.79 6.78 -3.01
CA SER A 54 -10.26 5.55 -2.40
C SER A 54 -9.42 5.19 -1.18
N LEU A 55 -8.16 5.64 -1.17
CA LEU A 55 -7.26 5.36 -0.07
C LEU A 55 -7.65 6.15 1.17
N HIS A 56 -7.09 5.75 2.31
CA HIS A 56 -7.39 6.41 3.57
C HIS A 56 -6.35 6.04 4.63
N VAL A 57 -5.35 6.91 4.79
CA VAL A 57 -4.28 6.69 5.76
C VAL A 57 -4.82 6.21 7.09
N GLY A 58 -4.31 5.07 7.55
CA GLY A 58 -4.75 4.51 8.80
C GLY A 58 -5.44 3.17 8.61
N ASP A 59 -5.85 2.87 7.38
CA ASP A 59 -6.52 1.62 7.08
C ASP A 59 -5.58 0.45 7.35
N GLU A 60 -5.97 -0.74 6.90
CA GLU A 60 -5.13 -1.92 7.09
C GLU A 60 -4.95 -2.69 5.79
N ILE A 61 -3.76 -3.27 5.63
CA ILE A 61 -3.43 -4.03 4.44
C ILE A 61 -3.20 -5.50 4.80
N LEU A 62 -3.69 -6.40 3.95
CA LEU A 62 -3.54 -7.83 4.20
C LEU A 62 -2.63 -8.49 3.17
N GLU A 63 -2.66 -7.99 1.94
CA GLU A 63 -1.84 -8.54 0.88
C GLU A 63 -1.83 -7.62 -0.33
N ILE A 64 -0.64 -7.44 -0.89
CA ILE A 64 -0.47 -6.58 -2.06
C ILE A 64 0.01 -7.36 -3.27
N ASN A 65 -0.42 -6.93 -4.44
CA ASN A 65 -0.05 -7.57 -5.70
C ASN A 65 -0.10 -9.10 -5.59
N GLY A 66 -0.98 -9.60 -4.74
CA GLY A 66 -1.11 -11.03 -4.57
C GLY A 66 -0.05 -11.62 -3.65
N THR A 67 0.41 -10.80 -2.71
CA THR A 67 1.43 -11.24 -1.75
C THR A 67 0.91 -11.16 -0.33
N ASN A 68 0.92 -12.30 0.36
CA ASN A 68 0.47 -12.36 1.74
C ASN A 68 1.38 -11.52 2.63
N VAL A 69 1.11 -10.22 2.70
CA VAL A 69 1.91 -9.31 3.50
C VAL A 69 1.66 -9.53 4.99
N THR A 70 0.69 -10.39 5.32
CA THR A 70 0.36 -10.66 6.70
C THR A 70 1.27 -11.76 7.28
N ASN A 71 2.56 -11.71 6.94
CA ASN A 71 3.50 -12.70 7.43
C ASN A 71 4.92 -12.14 7.41
N HIS A 72 5.31 -11.56 6.27
CA HIS A 72 6.64 -10.98 6.11
C HIS A 72 6.65 -9.53 6.59
N SER A 73 7.83 -9.04 6.95
CA SER A 73 7.97 -7.65 7.40
C SER A 73 7.54 -6.70 6.31
N VAL A 74 7.06 -5.53 6.70
CA VAL A 74 6.61 -4.55 5.73
C VAL A 74 7.72 -4.19 4.74
N ASP A 75 8.95 -4.10 5.23
CA ASP A 75 10.08 -3.78 4.37
C ASP A 75 10.21 -4.83 3.28
N GLN A 76 9.89 -6.07 3.62
CA GLN A 76 9.96 -7.17 2.67
C GLN A 76 8.95 -6.99 1.55
N LEU A 77 7.76 -6.49 1.89
CA LEU A 77 6.71 -6.28 0.91
C LEU A 77 6.94 -5.00 0.13
N GLN A 78 7.33 -3.93 0.83
CA GLN A 78 7.59 -2.65 0.17
C GLN A 78 8.45 -2.88 -1.05
N LYS A 79 9.55 -3.60 -0.85
CA LYS A 79 10.44 -3.94 -1.95
C LYS A 79 9.75 -4.96 -2.85
N ALA A 80 8.92 -5.82 -2.24
CA ALA A 80 8.17 -6.82 -2.99
C ALA A 80 7.26 -6.14 -3.99
N MET A 81 6.82 -4.93 -3.65
CA MET A 81 5.96 -4.15 -4.53
C MET A 81 6.79 -3.67 -5.71
N LYS A 82 7.96 -3.11 -5.40
CA LYS A 82 8.86 -2.64 -6.42
C LYS A 82 9.36 -3.83 -7.25
N GLU A 83 9.33 -5.01 -6.64
CA GLU A 83 9.76 -6.24 -7.29
C GLU A 83 8.99 -6.47 -8.58
N THR A 84 7.68 -6.69 -8.44
CA THR A 84 6.81 -6.94 -9.59
C THR A 84 6.96 -5.84 -10.65
N LYS A 85 6.52 -6.17 -11.87
CA LYS A 85 6.59 -5.24 -13.01
C LYS A 85 6.45 -3.78 -12.56
N GLY A 86 5.23 -3.38 -12.24
CA GLY A 86 4.98 -2.02 -11.82
C GLY A 86 3.57 -1.82 -11.28
N MET A 87 2.63 -2.54 -11.85
CA MET A 87 1.23 -2.45 -11.43
C MET A 87 0.98 -3.27 -10.17
N ILE A 88 0.66 -2.61 -9.08
CA ILE A 88 0.41 -3.30 -7.81
C ILE A 88 -1.05 -3.20 -7.40
N SER A 89 -1.53 -4.27 -6.76
CA SER A 89 -2.91 -4.34 -6.29
C SER A 89 -2.93 -4.66 -4.79
N LEU A 90 -3.09 -3.63 -3.97
CA LEU A 90 -3.11 -3.81 -2.52
C LEU A 90 -4.52 -4.00 -2.00
N LYS A 91 -4.68 -5.01 -1.14
CA LYS A 91 -5.98 -5.30 -0.53
C LYS A 91 -6.08 -4.61 0.82
N VAL A 92 -7.01 -3.68 0.95
CA VAL A 92 -7.18 -2.94 2.20
C VAL A 92 -8.62 -3.01 2.67
N ILE A 93 -8.84 -2.65 3.94
CA ILE A 93 -10.18 -2.67 4.50
C ILE A 93 -10.74 -1.26 4.63
N PRO A 94 -12.05 -1.08 4.35
CA PRO A 94 -12.71 0.22 4.43
C PRO A 94 -12.76 0.75 5.87
N ASN A 95 -12.46 2.03 6.03
CA ASN A 95 -12.48 2.66 7.34
C ASN A 95 -13.64 3.63 7.47
N GLN A 96 -14.83 3.09 7.70
CA GLN A 96 -16.04 3.90 7.84
C GLN A 96 -16.28 4.27 9.30
N GLN A 97 -15.24 4.76 9.96
CA GLN A 97 -15.34 5.14 11.37
C GLN A 97 -14.67 6.49 11.61
N VAL A 13 -12.91 -5.99 2.09
CA VAL A 13 -11.59 -5.41 1.72
C VAL A 13 -11.75 -4.35 0.62
N ARG A 14 -10.61 -3.83 0.14
CA ARG A 14 -10.62 -2.82 -0.89
C ARG A 14 -9.31 -2.84 -1.68
N LEU A 15 -9.39 -3.18 -2.97
CA LEU A 15 -8.19 -3.24 -3.80
C LEU A 15 -7.91 -1.90 -4.46
N ILE A 16 -6.62 -1.63 -4.67
CA ILE A 16 -6.18 -0.39 -5.31
C ILE A 16 -5.15 -0.70 -6.39
N GLN A 17 -5.48 -0.38 -7.64
CA GLN A 17 -4.59 -0.64 -8.74
C GLN A 17 -3.95 0.65 -9.25
N PHE A 18 -2.63 0.71 -9.16
CA PHE A 18 -1.90 1.89 -9.62
C PHE A 18 -0.69 1.48 -10.46
N GLU A 19 0.02 2.48 -10.98
CA GLU A 19 1.19 2.23 -11.81
C GLU A 19 2.48 2.58 -11.09
N LYS A 20 3.43 1.65 -11.09
CA LYS A 20 4.73 1.87 -10.46
C LYS A 20 5.82 1.82 -11.53
N VAL A 21 6.20 2.99 -12.01
CA VAL A 21 7.23 3.13 -13.05
C VAL A 21 7.29 4.57 -13.52
N THR A 22 8.01 5.39 -12.77
CA THR A 22 8.12 6.81 -13.10
C THR A 22 9.51 7.37 -12.83
N GLU A 23 10.46 6.47 -12.53
CA GLU A 23 11.83 6.91 -12.22
C GLU A 23 11.80 7.93 -11.08
N GLU A 24 10.68 7.96 -10.37
CA GLU A 24 10.47 8.87 -9.25
C GLU A 24 9.00 8.80 -8.83
N PRO A 25 8.56 7.60 -8.42
CA PRO A 25 7.17 7.37 -8.00
C PRO A 25 6.65 8.46 -7.06
N MET A 26 5.36 8.39 -6.77
CA MET A 26 4.73 9.36 -5.88
C MET A 26 5.46 9.44 -4.54
N GLY A 27 5.19 8.49 -3.67
CA GLY A 27 5.82 8.47 -2.36
C GLY A 27 4.86 8.09 -1.25
N ILE A 28 4.79 6.81 -0.94
CA ILE A 28 3.90 6.32 0.10
C ILE A 28 4.60 5.36 1.04
N THR A 29 4.17 5.35 2.30
CA THR A 29 4.76 4.48 3.31
C THR A 29 3.70 3.99 4.29
N LEU A 30 3.98 2.85 4.94
CA LEU A 30 3.05 2.29 5.91
C LEU A 30 3.75 1.86 7.19
N LYS A 31 3.03 1.93 8.30
CA LYS A 31 3.58 1.55 9.60
C LYS A 31 2.65 0.57 10.30
N LEU A 32 3.22 -0.39 11.02
CA LEU A 32 2.44 -1.37 11.73
C LEU A 32 2.89 -1.51 13.19
N ASN A 33 1.99 -1.99 14.04
CA ASN A 33 2.30 -2.17 15.45
C ASN A 33 2.83 -3.57 15.73
N GLU A 34 2.84 -3.97 17.00
CA GLU A 34 3.33 -5.28 17.39
C GLU A 34 2.61 -6.38 16.61
N LYS A 35 1.36 -6.12 16.25
CA LYS A 35 0.56 -7.07 15.49
C LYS A 35 1.12 -7.27 14.08
N GLN A 36 1.93 -6.31 13.63
CA GLN A 36 2.52 -6.37 12.29
C GLN A 36 1.44 -6.59 11.24
N SER A 37 0.54 -5.62 11.12
CA SER A 37 -0.57 -5.71 10.16
C SER A 37 -0.42 -4.73 9.01
N CYS A 38 0.80 -4.23 8.81
CA CYS A 38 1.10 -3.28 7.75
C CYS A 38 -0.01 -2.25 7.58
N THR A 39 -0.07 -1.29 8.51
CA THR A 39 -1.08 -0.25 8.45
C THR A 39 -0.55 0.96 7.70
N VAL A 40 -1.24 1.34 6.63
CA VAL A 40 -0.85 2.48 5.82
C VAL A 40 -0.46 3.66 6.72
N ALA A 41 0.53 4.44 6.28
CA ALA A 41 1.01 5.57 7.07
C ALA A 41 0.96 6.88 6.30
N ARG A 42 1.80 7.00 5.28
CA ARG A 42 1.85 8.23 4.49
C ARG A 42 1.38 8.02 3.06
N ILE A 43 1.10 9.11 2.37
CA ILE A 43 0.63 9.08 1.00
C ILE A 43 0.87 10.44 0.32
N LEU A 44 1.91 10.52 -0.50
CA LEU A 44 2.23 11.75 -1.20
C LEU A 44 1.03 12.27 -1.98
N HIS A 45 0.61 13.50 -1.69
CA HIS A 45 -0.53 14.11 -2.37
C HIS A 45 -0.10 14.70 -3.71
N GLY A 46 -1.05 14.77 -4.65
CA GLY A 46 -0.75 15.32 -5.95
C GLY A 46 -0.01 14.33 -6.84
N GLY A 47 -0.13 13.04 -6.53
CA GLY A 47 0.54 12.03 -7.30
C GLY A 47 -0.43 11.06 -7.96
N MET A 48 -0.87 10.06 -7.21
CA MET A 48 -1.82 9.07 -7.71
C MET A 48 -2.57 8.40 -6.58
N ILE A 49 -1.84 8.01 -5.54
CA ILE A 49 -2.44 7.35 -4.37
C ILE A 49 -3.43 8.28 -3.68
N HIS A 50 -2.94 9.39 -3.14
CA HIS A 50 -3.79 10.36 -2.47
C HIS A 50 -4.93 10.82 -3.37
N ARG A 51 -4.73 10.70 -4.68
CA ARG A 51 -5.74 11.10 -5.65
C ARG A 51 -6.74 9.98 -5.92
N GLN A 52 -6.31 8.74 -5.71
CA GLN A 52 -7.18 7.58 -5.94
C GLN A 52 -8.52 7.75 -5.22
N GLY A 53 -8.49 8.40 -4.06
CA GLY A 53 -9.71 8.62 -3.30
C GLY A 53 -10.08 7.42 -2.45
N SER A 54 -10.25 6.27 -3.10
CA SER A 54 -10.61 5.03 -2.41
C SER A 54 -9.62 4.73 -1.29
N LEU A 55 -8.41 5.26 -1.41
CA LEU A 55 -7.38 5.04 -0.40
C LEU A 55 -7.78 5.68 0.94
N HIS A 56 -7.27 5.11 2.03
CA HIS A 56 -7.58 5.63 3.35
C HIS A 56 -6.44 5.32 4.33
N VAL A 57 -5.58 6.31 4.54
CA VAL A 57 -4.44 6.16 5.45
C VAL A 57 -4.90 5.68 6.82
N GLY A 58 -4.04 4.90 7.48
CA GLY A 58 -4.37 4.39 8.79
C GLY A 58 -5.02 3.02 8.73
N ASP A 59 -5.52 2.66 7.55
CA ASP A 59 -6.18 1.37 7.36
C ASP A 59 -5.15 0.24 7.43
N GLU A 60 -5.58 -0.98 7.14
CA GLU A 60 -4.68 -2.13 7.17
C GLU A 60 -4.60 -2.78 5.79
N ILE A 61 -3.42 -3.33 5.49
CA ILE A 61 -3.18 -3.99 4.22
C ILE A 61 -3.00 -5.49 4.44
N LEU A 62 -3.83 -6.30 3.76
CA LEU A 62 -3.75 -7.75 3.90
C LEU A 62 -2.82 -8.36 2.86
N GLU A 63 -2.83 -7.81 1.65
CA GLU A 63 -1.99 -8.31 0.57
C GLU A 63 -1.99 -7.35 -0.60
N ILE A 64 -0.81 -7.12 -1.15
CA ILE A 64 -0.64 -6.23 -2.29
C ILE A 64 -0.22 -6.99 -3.54
N ASN A 65 -0.70 -6.53 -4.68
CA ASN A 65 -0.38 -7.15 -5.97
C ASN A 65 -0.42 -8.68 -5.89
N GLY A 66 -1.27 -9.21 -5.00
CA GLY A 66 -1.39 -10.65 -4.86
C GLY A 66 -0.30 -11.23 -3.97
N THR A 67 0.18 -10.44 -3.02
CA THR A 67 1.23 -10.89 -2.10
C THR A 67 0.74 -10.84 -0.67
N ASN A 68 0.76 -11.99 0.00
CA ASN A 68 0.32 -12.07 1.39
C ASN A 68 1.22 -11.24 2.30
N VAL A 69 0.91 -9.95 2.40
CA VAL A 69 1.69 -9.04 3.24
C VAL A 69 1.40 -9.25 4.72
N THR A 70 0.50 -10.17 5.03
CA THR A 70 0.12 -10.44 6.41
C THR A 70 1.12 -11.37 7.11
N ASN A 71 2.28 -11.60 6.49
CA ASN A 71 3.30 -12.47 7.09
C ASN A 71 4.71 -12.01 6.72
N HIS A 72 4.85 -10.75 6.32
CA HIS A 72 6.15 -10.20 5.96
C HIS A 72 6.28 -8.76 6.44
N SER A 73 7.51 -8.38 6.79
CA SER A 73 7.76 -7.02 7.26
C SER A 73 7.40 -6.01 6.18
N VAL A 74 7.10 -4.79 6.60
CA VAL A 74 6.74 -3.74 5.65
C VAL A 74 7.82 -3.54 4.59
N ASP A 75 9.07 -3.46 5.04
CA ASP A 75 10.19 -3.27 4.11
C ASP A 75 10.17 -4.34 3.02
N GLN A 76 9.72 -5.53 3.40
CA GLN A 76 9.64 -6.64 2.45
C GLN A 76 8.58 -6.34 1.38
N LEU A 77 7.46 -5.75 1.81
CA LEU A 77 6.38 -5.43 0.89
C LEU A 77 6.74 -4.22 0.03
N GLN A 78 7.24 -3.16 0.68
CA GLN A 78 7.63 -1.96 -0.03
C GLN A 78 8.42 -2.33 -1.27
N LYS A 79 9.41 -3.20 -1.08
CA LYS A 79 10.21 -3.68 -2.18
C LYS A 79 9.38 -4.66 -3.00
N ALA A 80 8.51 -5.41 -2.32
CA ALA A 80 7.64 -6.38 -2.98
C ALA A 80 6.78 -5.67 -4.02
N MET A 81 6.48 -4.41 -3.75
CA MET A 81 5.69 -3.60 -4.67
C MET A 81 6.55 -3.21 -5.85
N LYS A 82 7.75 -2.74 -5.55
CA LYS A 82 8.71 -2.37 -6.58
C LYS A 82 9.10 -3.59 -7.39
N GLU A 83 8.99 -4.76 -6.75
CA GLU A 83 9.31 -6.03 -7.38
C GLU A 83 8.61 -6.18 -8.73
N THR A 84 7.29 -6.11 -8.71
CA THR A 84 6.50 -6.23 -9.94
C THR A 84 6.75 -5.04 -10.86
N LYS A 85 6.42 -5.23 -12.14
CA LYS A 85 6.61 -4.18 -13.14
C LYS A 85 6.14 -2.82 -12.63
N GLY A 86 4.89 -2.75 -12.16
CA GLY A 86 4.37 -1.50 -11.66
C GLY A 86 2.93 -1.62 -11.20
N MET A 87 2.14 -2.43 -11.88
CA MET A 87 0.74 -2.62 -11.53
C MET A 87 0.59 -3.30 -10.17
N ILE A 88 0.19 -2.53 -9.16
CA ILE A 88 0.03 -3.07 -7.82
C ILE A 88 -1.44 -3.05 -7.39
N SER A 89 -1.83 -4.07 -6.63
CA SER A 89 -3.20 -4.19 -6.13
C SER A 89 -3.19 -4.33 -4.62
N LEU A 90 -3.41 -3.23 -3.91
CA LEU A 90 -3.41 -3.23 -2.46
C LEU A 90 -4.81 -3.46 -1.91
N LYS A 91 -4.97 -4.54 -1.17
CA LYS A 91 -6.26 -4.86 -0.56
C LYS A 91 -6.29 -4.37 0.88
N VAL A 92 -6.90 -3.21 1.09
CA VAL A 92 -7.00 -2.64 2.42
C VAL A 92 -8.41 -2.77 2.97
N ILE A 93 -8.58 -2.50 4.25
CA ILE A 93 -9.89 -2.61 4.87
C ILE A 93 -10.52 -1.23 5.07
N PRO A 94 -11.85 -1.12 4.93
CA PRO A 94 -12.56 0.15 5.09
C PRO A 94 -12.32 0.78 6.46
N ASN A 95 -12.07 2.09 6.45
CA ASN A 95 -11.81 2.81 7.70
C ASN A 95 -13.12 3.08 8.45
N GLN A 96 -13.56 2.08 9.20
CA GLN A 96 -14.80 2.20 9.98
C GLN A 96 -14.51 2.68 11.40
N GLN A 97 -13.68 3.71 11.51
CA GLN A 97 -13.33 4.28 12.80
C GLN A 97 -12.68 3.23 13.70
N VAL A 13 -14.26 -5.21 1.61
CA VAL A 13 -12.84 -4.96 1.28
C VAL A 13 -12.70 -3.99 0.12
N ARG A 14 -11.47 -3.70 -0.25
CA ARG A 14 -11.17 -2.77 -1.34
C ARG A 14 -9.80 -3.07 -1.91
N LEU A 15 -9.52 -2.58 -3.12
CA LEU A 15 -8.22 -2.82 -3.74
C LEU A 15 -7.70 -1.57 -4.42
N ILE A 16 -6.37 -1.48 -4.53
CA ILE A 16 -5.73 -0.34 -5.17
C ILE A 16 -4.71 -0.83 -6.19
N GLN A 17 -4.93 -0.48 -7.46
CA GLN A 17 -4.04 -0.91 -8.52
C GLN A 17 -3.29 0.27 -9.13
N PHE A 18 -1.97 0.22 -9.07
CA PHE A 18 -1.15 1.28 -9.62
C PHE A 18 0.02 0.70 -10.42
N GLU A 19 0.79 1.58 -11.06
CA GLU A 19 1.93 1.15 -11.87
C GLU A 19 3.22 1.86 -11.45
N LYS A 20 4.35 1.22 -11.72
CA LYS A 20 5.64 1.80 -11.38
C LYS A 20 6.03 2.90 -12.36
N VAL A 21 7.20 3.50 -12.14
CA VAL A 21 7.70 4.57 -12.99
C VAL A 21 6.84 5.83 -12.82
N THR A 22 5.75 5.90 -13.58
CA THR A 22 4.83 7.04 -13.50
C THR A 22 5.57 8.37 -13.61
N GLU A 23 4.80 9.46 -13.70
CA GLU A 23 5.37 10.80 -13.79
C GLU A 23 5.38 11.44 -12.40
N GLU A 24 5.26 10.59 -11.39
CA GLU A 24 5.25 11.02 -10.00
C GLU A 24 5.01 9.80 -9.10
N PRO A 25 6.07 9.01 -8.88
CA PRO A 25 5.99 7.79 -8.07
C PRO A 25 5.10 7.94 -6.83
N MET A 26 4.60 6.82 -6.33
CA MET A 26 3.74 6.81 -5.16
C MET A 26 4.42 7.45 -3.96
N GLY A 27 5.47 6.79 -3.45
CA GLY A 27 6.18 7.31 -2.30
C GLY A 27 5.34 7.27 -1.05
N ILE A 28 4.80 6.10 -0.74
CA ILE A 28 3.96 5.93 0.44
C ILE A 28 4.63 5.02 1.46
N THR A 29 4.13 5.05 2.70
CA THR A 29 4.67 4.23 3.77
C THR A 29 3.57 3.78 4.72
N LEU A 30 3.80 2.69 5.43
CA LEU A 30 2.81 2.17 6.38
C LEU A 30 3.49 1.71 7.66
N LYS A 31 2.72 1.74 8.75
CA LYS A 31 3.23 1.34 10.06
C LYS A 31 2.36 0.25 10.68
N LEU A 32 3.00 -0.79 11.19
CA LEU A 32 2.28 -1.88 11.83
C LEU A 32 2.88 -2.23 13.19
N ASN A 33 2.07 -2.80 14.06
CA ASN A 33 2.52 -3.17 15.41
C ASN A 33 3.13 -4.57 15.42
N GLU A 34 3.48 -5.05 16.62
CA GLU A 34 4.08 -6.37 16.78
C GLU A 34 3.27 -7.44 16.04
N LYS A 35 1.96 -7.19 15.90
CA LYS A 35 1.09 -8.13 15.21
C LYS A 35 1.45 -8.25 13.73
N GLN A 36 2.28 -7.33 13.25
CA GLN A 36 2.70 -7.32 11.86
C GLN A 36 1.54 -7.01 10.93
N SER A 37 0.66 -6.14 11.38
CA SER A 37 -0.50 -5.74 10.58
C SER A 37 -0.22 -4.43 9.87
N CYS A 38 0.28 -4.54 8.66
CA CYS A 38 0.63 -3.38 7.83
C CYS A 38 -0.48 -2.34 7.81
N THR A 39 -0.44 -1.41 8.75
CA THR A 39 -1.44 -0.35 8.79
C THR A 39 -0.88 0.90 8.12
N VAL A 40 -1.52 1.29 7.02
CA VAL A 40 -1.08 2.45 6.26
C VAL A 40 -0.66 3.60 7.18
N ALA A 41 0.38 4.32 6.80
CA ALA A 41 0.91 5.41 7.61
C ALA A 41 0.82 6.76 6.91
N ARG A 42 1.56 6.92 5.82
CA ARG A 42 1.57 8.18 5.10
C ARG A 42 1.48 7.97 3.59
N ILE A 43 1.26 9.06 2.87
CA ILE A 43 1.15 9.03 1.42
C ILE A 43 1.65 10.35 0.82
N LEU A 44 2.75 10.26 0.07
CA LEU A 44 3.34 11.44 -0.57
C LEU A 44 2.29 12.20 -1.39
N HIS A 45 2.26 13.51 -1.23
CA HIS A 45 1.31 14.35 -1.95
C HIS A 45 1.76 14.56 -3.39
N GLY A 46 1.00 14.03 -4.33
CA GLY A 46 1.33 14.19 -5.74
C GLY A 46 0.15 13.94 -6.65
N GLY A 47 0.24 12.91 -7.49
CA GLY A 47 -0.84 12.59 -8.40
C GLY A 47 -0.96 11.10 -8.65
N MET A 48 -0.66 10.30 -7.64
CA MET A 48 -0.75 8.84 -7.76
C MET A 48 -1.65 8.27 -6.68
N ILE A 49 -1.10 8.06 -5.49
CA ILE A 49 -1.88 7.51 -4.38
C ILE A 49 -2.81 8.56 -3.79
N HIS A 50 -2.22 9.60 -3.21
CA HIS A 50 -3.01 10.69 -2.60
C HIS A 50 -4.10 11.16 -3.55
N ARG A 51 -3.85 11.01 -4.86
CA ARG A 51 -4.82 11.43 -5.88
C ARG A 51 -5.82 10.32 -6.18
N GLN A 52 -5.42 9.08 -5.96
CA GLN A 52 -6.30 7.93 -6.24
C GLN A 52 -7.71 8.17 -5.70
N GLY A 53 -7.79 8.57 -4.43
CA GLY A 53 -9.08 8.83 -3.82
C GLY A 53 -9.62 7.63 -3.07
N SER A 54 -9.17 6.44 -3.45
CA SER A 54 -9.61 5.21 -2.81
C SER A 54 -8.64 4.77 -1.72
N LEU A 55 -7.90 5.74 -1.16
CA LEU A 55 -6.94 5.46 -0.11
C LEU A 55 -7.27 6.23 1.15
N HIS A 56 -7.15 5.56 2.30
CA HIS A 56 -7.44 6.18 3.58
C HIS A 56 -6.47 5.72 4.65
N VAL A 57 -5.46 6.54 4.92
CA VAL A 57 -4.45 6.23 5.92
C VAL A 57 -5.09 5.70 7.20
N GLY A 58 -4.41 4.75 7.84
CA GLY A 58 -4.91 4.17 9.05
C GLY A 58 -5.66 2.88 8.79
N ASP A 59 -6.06 2.68 7.54
CA ASP A 59 -6.78 1.47 7.16
C ASP A 59 -5.88 0.26 7.33
N GLU A 60 -6.37 -0.91 6.94
CA GLU A 60 -5.60 -2.13 7.05
C GLU A 60 -5.39 -2.79 5.69
N ILE A 61 -4.20 -3.34 5.50
CA ILE A 61 -3.83 -4.01 4.26
C ILE A 61 -3.63 -5.50 4.51
N LEU A 62 -4.26 -6.34 3.68
CA LEU A 62 -4.17 -7.78 3.86
C LEU A 62 -3.18 -8.42 2.89
N GLU A 63 -3.13 -7.91 1.66
CA GLU A 63 -2.23 -8.45 0.65
C GLU A 63 -2.08 -7.50 -0.52
N ILE A 64 -0.85 -7.31 -0.93
CA ILE A 64 -0.53 -6.44 -2.04
C ILE A 64 -0.11 -7.25 -3.27
N ASN A 65 -0.63 -6.87 -4.43
CA ASN A 65 -0.31 -7.57 -5.67
C ASN A 65 -0.41 -9.09 -5.49
N GLY A 66 -1.27 -9.52 -4.58
CA GLY A 66 -1.43 -10.94 -4.33
C GLY A 66 -0.34 -11.51 -3.46
N THR A 67 0.21 -10.66 -2.59
CA THR A 67 1.28 -11.07 -1.68
C THR A 67 0.87 -10.85 -0.23
N ASN A 68 1.25 -11.80 0.63
CA ASN A 68 0.92 -11.71 2.05
C ASN A 68 1.63 -10.52 2.68
N VAL A 69 1.03 -9.34 2.53
CA VAL A 69 1.59 -8.12 3.08
C VAL A 69 1.37 -8.04 4.60
N THR A 70 0.57 -8.96 5.12
CA THR A 70 0.27 -9.01 6.54
C THR A 70 1.30 -9.84 7.29
N ASN A 71 1.99 -10.73 6.57
CA ASN A 71 2.99 -11.60 7.18
C ASN A 71 4.38 -10.97 7.13
N HIS A 72 5.00 -10.99 5.96
CA HIS A 72 6.33 -10.42 5.78
C HIS A 72 6.38 -8.99 6.29
N SER A 73 7.56 -8.55 6.74
CA SER A 73 7.73 -7.19 7.23
C SER A 73 7.40 -6.19 6.14
N VAL A 74 6.99 -5.00 6.54
CA VAL A 74 6.65 -3.97 5.57
C VAL A 74 7.82 -3.67 4.63
N ASP A 75 9.02 -3.60 5.18
CA ASP A 75 10.20 -3.32 4.37
C ASP A 75 10.30 -4.32 3.23
N GLN A 76 9.84 -5.54 3.49
CA GLN A 76 9.86 -6.60 2.48
C GLN A 76 8.85 -6.32 1.38
N LEU A 77 7.64 -5.94 1.77
CA LEU A 77 6.58 -5.64 0.82
C LEU A 77 6.90 -4.38 0.02
N GLN A 78 7.28 -3.32 0.72
CA GLN A 78 7.63 -2.07 0.05
C GLN A 78 8.58 -2.37 -1.10
N LYS A 79 9.63 -3.12 -0.80
CA LYS A 79 10.58 -3.52 -1.82
C LYS A 79 9.89 -4.52 -2.75
N ALA A 80 8.99 -5.32 -2.18
CA ALA A 80 8.23 -6.30 -2.96
C ALA A 80 7.44 -5.59 -4.05
N MET A 81 7.07 -4.34 -3.77
CA MET A 81 6.34 -3.53 -4.73
C MET A 81 7.28 -3.14 -5.86
N LYS A 82 8.46 -2.67 -5.46
CA LYS A 82 9.48 -2.31 -6.43
C LYS A 82 9.98 -3.56 -7.15
N GLU A 83 9.70 -4.72 -6.55
CA GLU A 83 10.11 -5.99 -7.11
C GLU A 83 9.29 -6.34 -8.35
N THR A 84 7.97 -6.33 -8.20
CA THR A 84 7.06 -6.64 -9.30
C THR A 84 7.36 -5.80 -10.53
N LYS A 85 6.90 -6.26 -11.68
CA LYS A 85 7.11 -5.54 -12.94
C LYS A 85 6.75 -4.07 -12.81
N GLY A 86 5.78 -3.78 -11.94
CA GLY A 86 5.36 -2.41 -11.74
C GLY A 86 3.92 -2.29 -11.29
N MET A 87 3.13 -3.33 -11.54
CA MET A 87 1.72 -3.33 -11.17
C MET A 87 1.52 -3.94 -9.78
N ILE A 88 0.80 -3.22 -8.93
CA ILE A 88 0.52 -3.69 -7.58
C ILE A 88 -0.97 -3.60 -7.27
N SER A 89 -1.44 -4.49 -6.38
CA SER A 89 -2.84 -4.52 -5.99
C SER A 89 -2.96 -4.58 -4.47
N LEU A 90 -3.20 -3.43 -3.85
CA LEU A 90 -3.32 -3.35 -2.41
C LEU A 90 -4.76 -3.53 -1.94
N LYS A 91 -5.03 -4.66 -1.29
CA LYS A 91 -6.36 -4.94 -0.77
C LYS A 91 -6.48 -4.38 0.64
N VAL A 92 -7.41 -3.45 0.84
CA VAL A 92 -7.59 -2.82 2.14
C VAL A 92 -9.05 -2.79 2.54
N ILE A 93 -9.29 -2.52 3.82
CA ILE A 93 -10.65 -2.45 4.35
C ILE A 93 -11.11 -1.00 4.48
N PRO A 94 -12.43 -0.76 4.44
CA PRO A 94 -13.01 0.58 4.56
C PRO A 94 -12.49 1.33 5.79
N ASN A 95 -12.22 2.61 5.62
CA ASN A 95 -11.71 3.44 6.72
C ASN A 95 -12.83 3.80 7.69
N GLN A 96 -13.13 2.89 8.60
CA GLN A 96 -14.18 3.11 9.59
C GLN A 96 -13.59 3.61 10.91
N GLN A 97 -12.62 4.50 10.81
CA GLN A 97 -11.97 5.07 11.99
C GLN A 97 -11.91 6.59 11.90
N VAL A 13 -14.04 -5.27 1.49
CA VAL A 13 -12.61 -5.07 1.12
C VAL A 13 -12.45 -3.97 0.07
N ARG A 14 -11.22 -3.74 -0.34
CA ARG A 14 -10.92 -2.72 -1.34
C ARG A 14 -9.56 -2.98 -1.97
N LEU A 15 -9.34 -2.46 -3.18
CA LEU A 15 -8.06 -2.67 -3.84
C LEU A 15 -7.62 -1.41 -4.58
N ILE A 16 -6.31 -1.16 -4.54
CA ILE A 16 -5.72 -0.02 -5.23
C ILE A 16 -4.71 -0.50 -6.24
N GLN A 17 -4.88 -0.13 -7.51
CA GLN A 17 -3.98 -0.56 -8.55
C GLN A 17 -3.17 0.61 -9.09
N PHE A 18 -1.86 0.52 -8.93
CA PHE A 18 -0.98 1.58 -9.42
C PHE A 18 0.27 0.99 -10.06
N GLU A 19 0.85 1.72 -11.01
CA GLU A 19 2.04 1.24 -11.71
C GLU A 19 3.30 1.90 -11.14
N LYS A 20 4.39 1.16 -11.15
CA LYS A 20 5.67 1.66 -10.64
C LYS A 20 6.44 2.36 -11.75
N VAL A 21 7.39 3.21 -11.37
CA VAL A 21 8.19 3.96 -12.35
C VAL A 21 7.32 4.96 -13.09
N THR A 22 7.43 6.23 -12.71
CA THR A 22 6.64 7.28 -13.35
C THR A 22 7.21 8.65 -13.03
N GLU A 23 6.63 9.68 -13.66
CA GLU A 23 7.06 11.05 -13.41
C GLU A 23 6.27 11.66 -12.26
N GLU A 24 5.63 10.78 -11.49
CA GLU A 24 4.82 11.17 -10.35
C GLU A 24 4.40 9.90 -9.60
N PRO A 25 5.40 9.12 -9.13
CA PRO A 25 5.16 7.87 -8.42
C PRO A 25 4.03 7.97 -7.40
N MET A 26 3.63 6.82 -6.87
CA MET A 26 2.56 6.74 -5.87
C MET A 26 2.95 7.50 -4.60
N GLY A 27 3.96 6.98 -3.91
CA GLY A 27 4.42 7.62 -2.70
C GLY A 27 3.50 7.36 -1.52
N ILE A 28 3.80 6.32 -0.75
CA ILE A 28 3.00 5.97 0.42
C ILE A 28 3.77 5.03 1.33
N THR A 29 3.66 5.27 2.63
CA THR A 29 4.34 4.45 3.62
C THR A 29 3.35 3.93 4.65
N LEU A 30 3.59 2.72 5.14
CA LEU A 30 2.70 2.12 6.13
C LEU A 30 3.42 1.85 7.44
N LYS A 31 2.67 1.96 8.53
CA LYS A 31 3.21 1.73 9.86
C LYS A 31 2.49 0.55 10.51
N LEU A 32 3.26 -0.45 10.91
CA LEU A 32 2.69 -1.64 11.54
C LEU A 32 3.44 -2.00 12.82
N ASN A 33 2.74 -2.63 13.76
CA ASN A 33 3.32 -3.02 15.02
C ASN A 33 4.01 -4.38 14.90
N GLU A 34 4.52 -4.89 16.02
CA GLU A 34 5.19 -6.18 16.04
C GLU A 34 4.32 -7.26 15.38
N LYS A 35 3.01 -7.07 15.43
CA LYS A 35 2.07 -8.01 14.84
C LYS A 35 2.21 -8.05 13.32
N GLN A 36 2.83 -7.01 12.76
CA GLN A 36 3.03 -6.92 11.32
C GLN A 36 1.67 -6.86 10.61
N SER A 37 0.87 -5.84 10.95
CA SER A 37 -0.46 -5.69 10.37
C SER A 37 -0.48 -4.67 9.24
N CYS A 38 0.69 -4.23 8.81
CA CYS A 38 0.83 -3.25 7.72
C CYS A 38 -0.33 -2.27 7.67
N THR A 39 -0.25 -1.20 8.45
CA THR A 39 -1.32 -0.20 8.45
C THR A 39 -0.86 1.07 7.74
N VAL A 40 -1.48 1.36 6.61
CA VAL A 40 -1.15 2.55 5.82
C VAL A 40 -0.89 3.75 6.74
N ALA A 41 -0.12 4.72 6.25
CA ALA A 41 0.21 5.88 7.08
C ALA A 41 0.27 7.19 6.31
N ARG A 42 1.40 7.42 5.63
CA ARG A 42 1.60 8.67 4.90
C ARG A 42 1.58 8.48 3.38
N ILE A 43 1.36 9.59 2.68
CA ILE A 43 1.32 9.61 1.23
C ILE A 43 1.96 10.89 0.69
N LEU A 44 2.87 10.73 -0.27
CA LEU A 44 3.55 11.87 -0.86
C LEU A 44 2.54 12.79 -1.56
N HIS A 45 2.53 14.06 -1.16
CA HIS A 45 1.61 15.03 -1.75
C HIS A 45 1.87 15.18 -3.24
N GLY A 46 0.83 14.97 -4.04
CA GLY A 46 0.97 15.08 -5.48
C GLY A 46 1.39 13.78 -6.12
N GLY A 47 1.03 12.66 -5.50
CA GLY A 47 1.40 11.36 -6.03
C GLY A 47 0.18 10.59 -6.52
N MET A 48 0.42 9.37 -7.00
CA MET A 48 -0.66 8.52 -7.49
C MET A 48 -1.69 8.25 -6.41
N ILE A 49 -1.20 7.93 -5.21
CA ILE A 49 -2.10 7.65 -4.08
C ILE A 49 -2.96 8.86 -3.76
N HIS A 50 -2.32 9.93 -3.32
CA HIS A 50 -3.04 11.16 -2.97
C HIS A 50 -3.93 11.62 -4.12
N ARG A 51 -3.56 11.24 -5.34
CA ARG A 51 -4.33 11.60 -6.52
C ARG A 51 -5.45 10.60 -6.79
N GLN A 52 -5.25 9.37 -6.35
CA GLN A 52 -6.25 8.31 -6.54
C GLN A 52 -7.61 8.75 -6.03
N GLY A 53 -7.62 9.61 -5.02
CA GLY A 53 -8.87 10.09 -4.45
C GLY A 53 -9.79 8.96 -4.02
N SER A 54 -9.20 7.80 -3.75
CA SER A 54 -9.97 6.64 -3.33
C SER A 54 -9.20 5.83 -2.28
N LEU A 55 -8.37 6.52 -1.51
CA LEU A 55 -7.58 5.86 -0.48
C LEU A 55 -7.69 6.60 0.85
N HIS A 56 -7.43 5.89 1.94
CA HIS A 56 -7.50 6.48 3.28
C HIS A 56 -6.49 5.81 4.20
N VAL A 57 -5.42 6.54 4.53
CA VAL A 57 -4.38 6.01 5.41
C VAL A 57 -4.95 5.55 6.74
N GLY A 58 -4.18 4.73 7.44
CA GLY A 58 -4.63 4.22 8.72
C GLY A 58 -5.31 2.88 8.61
N ASP A 59 -5.81 2.57 7.42
CA ASP A 59 -6.48 1.30 7.18
C ASP A 59 -5.48 0.16 7.17
N GLU A 60 -5.98 -1.07 7.12
CA GLU A 60 -5.13 -2.25 7.11
C GLU A 60 -5.15 -2.94 5.76
N ILE A 61 -4.03 -3.55 5.40
CA ILE A 61 -3.90 -4.25 4.13
C ILE A 61 -3.58 -5.73 4.38
N LEU A 62 -4.41 -6.61 3.84
CA LEU A 62 -4.23 -8.04 4.04
C LEU A 62 -3.23 -8.63 3.05
N GLU A 63 -3.28 -8.19 1.81
CA GLU A 63 -2.38 -8.70 0.79
C GLU A 63 -2.29 -7.75 -0.39
N ILE A 64 -1.07 -7.53 -0.83
CA ILE A 64 -0.81 -6.66 -1.97
C ILE A 64 -0.25 -7.46 -3.14
N ASN A 65 -0.65 -7.07 -4.33
CA ASN A 65 -0.22 -7.74 -5.57
C ASN A 65 -0.22 -9.26 -5.42
N GLY A 66 -1.11 -9.77 -4.56
CA GLY A 66 -1.19 -11.21 -4.36
C GLY A 66 -0.11 -11.73 -3.42
N THR A 67 0.32 -10.90 -2.48
CA THR A 67 1.35 -11.28 -1.52
C THR A 67 0.87 -11.06 -0.09
N ASN A 68 1.20 -12.00 0.80
CA ASN A 68 0.81 -11.89 2.20
C ASN A 68 1.55 -10.75 2.87
N VAL A 69 0.96 -9.55 2.77
CA VAL A 69 1.56 -8.36 3.37
C VAL A 69 1.31 -8.30 4.86
N THR A 70 0.40 -9.13 5.36
CA THR A 70 0.09 -9.17 6.77
C THR A 70 0.86 -10.28 7.47
N ASN A 71 2.11 -10.49 7.07
CA ASN A 71 2.95 -11.52 7.65
C ASN A 71 4.42 -11.09 7.67
N HIS A 72 4.96 -10.79 6.50
CA HIS A 72 6.35 -10.36 6.38
C HIS A 72 6.51 -8.90 6.82
N SER A 73 7.74 -8.50 7.11
CA SER A 73 8.02 -7.14 7.52
C SER A 73 7.63 -6.17 6.41
N VAL A 74 7.21 -4.97 6.80
CA VAL A 74 6.80 -3.97 5.83
C VAL A 74 7.91 -3.70 4.81
N ASP A 75 9.15 -3.75 5.26
CA ASP A 75 10.28 -3.52 4.36
C ASP A 75 10.30 -4.58 3.27
N GLN A 76 9.89 -5.80 3.64
CA GLN A 76 9.86 -6.90 2.70
C GLN A 76 8.79 -6.69 1.64
N LEU A 77 7.64 -6.18 2.07
CA LEU A 77 6.53 -5.93 1.14
C LEU A 77 6.79 -4.70 0.29
N GLN A 78 7.25 -3.62 0.93
CA GLN A 78 7.55 -2.39 0.20
C GLN A 78 8.39 -2.73 -1.01
N LYS A 79 9.44 -3.50 -0.80
CA LYS A 79 10.29 -3.93 -1.90
C LYS A 79 9.54 -4.96 -2.73
N ALA A 80 8.68 -5.74 -2.07
CA ALA A 80 7.88 -6.75 -2.74
C ALA A 80 6.99 -6.08 -3.79
N MET A 81 6.59 -4.85 -3.50
CA MET A 81 5.77 -4.08 -4.42
C MET A 81 6.61 -3.68 -5.61
N LYS A 82 7.80 -3.17 -5.32
CA LYS A 82 8.74 -2.78 -6.35
C LYS A 82 9.21 -4.00 -7.12
N GLU A 83 9.14 -5.16 -6.45
CA GLU A 83 9.54 -6.43 -7.03
C GLU A 83 8.83 -6.67 -8.37
N THR A 84 7.51 -6.77 -8.31
CA THR A 84 6.70 -7.00 -9.50
C THR A 84 6.95 -5.92 -10.56
N LYS A 85 6.58 -6.23 -11.80
CA LYS A 85 6.76 -5.32 -12.92
C LYS A 85 6.51 -3.86 -12.51
N GLY A 86 5.35 -3.60 -11.92
CA GLY A 86 5.04 -2.24 -11.49
C GLY A 86 3.61 -2.10 -11.01
N MET A 87 2.69 -2.87 -11.60
CA MET A 87 1.28 -2.81 -11.22
C MET A 87 1.04 -3.59 -9.93
N ILE A 88 0.63 -2.89 -8.88
CA ILE A 88 0.35 -3.52 -7.60
C ILE A 88 -1.12 -3.41 -7.22
N SER A 89 -1.63 -4.45 -6.58
CA SER A 89 -3.01 -4.52 -6.14
C SER A 89 -3.06 -4.75 -4.63
N LEU A 90 -3.23 -3.68 -3.87
CA LEU A 90 -3.28 -3.78 -2.42
C LEU A 90 -4.70 -3.95 -1.91
N LYS A 91 -4.93 -5.01 -1.16
CA LYS A 91 -6.25 -5.29 -0.60
C LYS A 91 -6.39 -4.62 0.76
N VAL A 92 -7.23 -3.59 0.82
CA VAL A 92 -7.44 -2.86 2.06
C VAL A 92 -8.88 -2.97 2.52
N ILE A 93 -9.09 -2.74 3.81
CA ILE A 93 -10.43 -2.81 4.39
C ILE A 93 -10.97 -1.41 4.66
N PRO A 94 -12.31 -1.24 4.58
CA PRO A 94 -12.96 0.05 4.82
C PRO A 94 -12.61 0.65 6.17
N ASN A 95 -12.23 1.91 6.18
CA ASN A 95 -11.88 2.61 7.40
C ASN A 95 -13.07 2.71 8.35
N GLN A 96 -13.34 1.63 9.07
CA GLN A 96 -14.45 1.60 10.01
C GLN A 96 -14.10 2.28 11.32
N GLN A 97 -13.72 3.56 11.24
CA GLN A 97 -13.35 4.33 12.41
C GLN A 97 -13.47 5.83 12.14
N VAL A 13 -14.19 -5.59 1.80
CA VAL A 13 -12.79 -5.26 1.48
C VAL A 13 -12.69 -4.22 0.37
N ARG A 14 -11.47 -3.83 0.05
CA ARG A 14 -11.23 -2.84 -0.99
C ARG A 14 -9.85 -3.07 -1.60
N LEU A 15 -9.62 -2.53 -2.79
CA LEU A 15 -8.33 -2.70 -3.45
C LEU A 15 -7.87 -1.42 -4.12
N ILE A 16 -6.56 -1.27 -4.25
CA ILE A 16 -5.97 -0.09 -4.88
C ILE A 16 -4.92 -0.52 -5.90
N GLN A 17 -5.14 -0.17 -7.16
CA GLN A 17 -4.22 -0.53 -8.22
C GLN A 17 -3.54 0.70 -8.80
N PHE A 18 -2.21 0.71 -8.75
CA PHE A 18 -1.44 1.82 -9.28
C PHE A 18 -0.25 1.32 -10.10
N GLU A 19 0.55 2.26 -10.63
CA GLU A 19 1.70 1.90 -11.44
C GLU A 19 3.00 2.35 -10.78
N LYS A 20 4.09 1.67 -11.12
CA LYS A 20 5.41 2.00 -10.59
C LYS A 20 6.29 2.53 -11.71
N VAL A 21 7.41 3.13 -11.34
CA VAL A 21 8.33 3.69 -12.33
C VAL A 21 7.69 4.87 -13.03
N THR A 22 8.12 6.07 -12.69
CA THR A 22 7.55 7.27 -13.29
C THR A 22 8.37 8.51 -12.94
N GLU A 23 7.93 9.66 -13.45
CA GLU A 23 8.61 10.92 -13.16
C GLU A 23 8.03 11.56 -11.89
N GLU A 24 7.33 10.74 -11.13
CA GLU A 24 6.71 11.14 -9.88
C GLU A 24 6.12 9.91 -9.20
N PRO A 25 6.99 8.92 -8.89
CA PRO A 25 6.58 7.67 -8.27
C PRO A 25 5.59 7.87 -7.12
N MET A 26 5.07 6.76 -6.60
CA MET A 26 4.11 6.80 -5.51
C MET A 26 4.79 6.46 -4.18
N GLY A 27 5.63 7.38 -3.70
CA GLY A 27 6.32 7.16 -2.45
C GLY A 27 5.38 6.98 -1.28
N ILE A 28 4.85 5.79 -1.13
CA ILE A 28 3.93 5.48 -0.04
C ILE A 28 4.61 4.66 1.05
N THR A 29 4.14 4.80 2.28
CA THR A 29 4.71 4.07 3.40
C THR A 29 3.62 3.63 4.38
N LEU A 30 3.90 2.58 5.14
CA LEU A 30 2.95 2.07 6.12
C LEU A 30 3.63 1.78 7.45
N LYS A 31 2.86 1.85 8.52
CA LYS A 31 3.38 1.60 9.86
C LYS A 31 2.48 0.61 10.59
N LEU A 32 3.09 -0.42 11.18
CA LEU A 32 2.34 -1.43 11.90
C LEU A 32 2.95 -1.69 13.27
N ASN A 33 2.13 -2.22 14.19
CA ASN A 33 2.58 -2.52 15.54
C ASN A 33 3.64 -3.63 15.51
N GLU A 34 3.83 -4.29 16.65
CA GLU A 34 4.82 -5.37 16.73
C GLU A 34 4.28 -6.68 16.14
N LYS A 35 3.09 -6.61 15.54
CA LYS A 35 2.48 -7.80 14.94
C LYS A 35 2.57 -7.77 13.41
N GLN A 36 3.20 -6.73 12.87
CA GLN A 36 3.34 -6.59 11.42
C GLN A 36 1.97 -6.54 10.76
N SER A 37 1.08 -5.72 11.31
CA SER A 37 -0.27 -5.57 10.79
C SER A 37 -0.35 -4.58 9.63
N CYS A 38 0.81 -4.21 9.09
CA CYS A 38 0.91 -3.27 7.98
C CYS A 38 -0.26 -2.28 7.92
N THR A 39 -0.19 -1.20 8.69
CA THR A 39 -1.23 -0.20 8.68
C THR A 39 -0.78 1.01 7.89
N VAL A 40 -1.47 1.27 6.78
CA VAL A 40 -1.15 2.41 5.92
C VAL A 40 -0.70 3.62 6.74
N ALA A 41 0.38 4.27 6.32
CA ALA A 41 0.92 5.40 7.05
C ALA A 41 0.86 6.70 6.26
N ARG A 42 1.77 6.85 5.30
CA ARG A 42 1.81 8.08 4.50
C ARG A 42 1.86 7.79 3.00
N ILE A 43 1.64 8.84 2.22
CA ILE A 43 1.66 8.75 0.76
C ILE A 43 2.37 9.97 0.17
N LEU A 44 3.20 9.73 -0.84
CA LEU A 44 3.94 10.81 -1.49
C LEU A 44 2.99 11.94 -1.91
N HIS A 45 3.52 13.16 -1.96
CA HIS A 45 2.72 14.32 -2.36
C HIS A 45 2.74 14.50 -3.87
N GLY A 46 1.64 14.13 -4.52
CA GLY A 46 1.55 14.25 -5.95
C GLY A 46 0.25 13.70 -6.51
N GLY A 47 0.10 12.37 -6.45
CA GLY A 47 -1.10 11.75 -6.95
C GLY A 47 -1.06 10.23 -6.83
N MET A 48 -1.59 9.54 -7.84
CA MET A 48 -1.63 8.09 -7.85
C MET A 48 -2.50 7.56 -6.71
N ILE A 49 -1.90 7.43 -5.52
CA ILE A 49 -2.64 6.93 -4.36
C ILE A 49 -3.55 8.02 -3.80
N HIS A 50 -2.95 9.09 -3.29
CA HIS A 50 -3.70 10.19 -2.73
C HIS A 50 -4.74 10.71 -3.73
N ARG A 51 -4.47 10.50 -5.01
CA ARG A 51 -5.38 10.93 -6.06
C ARG A 51 -6.45 9.89 -6.33
N GLN A 52 -6.12 8.63 -6.03
CA GLN A 52 -7.06 7.52 -6.25
C GLN A 52 -8.46 7.86 -5.70
N GLY A 53 -8.51 8.25 -4.44
CA GLY A 53 -9.78 8.60 -3.83
C GLY A 53 -10.44 7.43 -3.12
N SER A 54 -10.05 6.21 -3.51
CA SER A 54 -10.61 5.02 -2.90
C SER A 54 -9.70 4.48 -1.80
N LEU A 55 -8.93 5.37 -1.19
CA LEU A 55 -8.01 4.98 -0.11
C LEU A 55 -8.28 5.81 1.14
N HIS A 56 -7.76 5.33 2.27
CA HIS A 56 -7.92 6.02 3.54
C HIS A 56 -6.85 5.58 4.53
N VAL A 57 -5.80 6.37 4.65
CA VAL A 57 -4.70 6.06 5.57
C VAL A 57 -5.22 5.64 6.94
N GLY A 58 -4.53 4.68 7.54
CA GLY A 58 -4.94 4.18 8.84
C GLY A 58 -5.67 2.86 8.75
N ASP A 59 -6.09 2.48 7.55
CA ASP A 59 -6.79 1.23 7.34
C ASP A 59 -5.82 0.06 7.43
N GLU A 60 -6.32 -1.14 7.17
CA GLU A 60 -5.48 -2.33 7.23
C GLU A 60 -5.29 -2.96 5.85
N ILE A 61 -4.11 -3.51 5.62
CA ILE A 61 -3.78 -4.15 4.36
C ILE A 61 -3.54 -5.64 4.57
N LEU A 62 -4.28 -6.47 3.82
CA LEU A 62 -4.17 -7.92 3.94
C LEU A 62 -3.19 -8.49 2.94
N GLU A 63 -3.26 -8.01 1.70
CA GLU A 63 -2.39 -8.49 0.65
C GLU A 63 -2.29 -7.47 -0.48
N ILE A 64 -1.05 -7.24 -0.91
CA ILE A 64 -0.78 -6.31 -1.99
C ILE A 64 -0.30 -7.04 -3.24
N ASN A 65 -0.75 -6.58 -4.40
CA ASN A 65 -0.37 -7.19 -5.67
C ASN A 65 -0.45 -8.72 -5.62
N GLY A 66 -1.35 -9.23 -4.79
CA GLY A 66 -1.50 -10.67 -4.66
C GLY A 66 -0.41 -11.27 -3.80
N THR A 67 0.09 -10.50 -2.85
CA THR A 67 1.14 -10.95 -1.95
C THR A 67 0.71 -10.80 -0.50
N ASN A 68 1.23 -11.67 0.36
CA ASN A 68 0.89 -11.63 1.78
C ASN A 68 1.63 -10.49 2.47
N VAL A 69 1.07 -9.29 2.38
CA VAL A 69 1.66 -8.11 3.00
C VAL A 69 1.48 -8.16 4.52
N THR A 70 0.65 -9.10 4.99
CA THR A 70 0.40 -9.23 6.41
C THR A 70 1.45 -10.13 7.06
N ASN A 71 2.00 -11.06 6.30
CA ASN A 71 3.01 -11.98 6.81
C ASN A 71 4.41 -11.38 6.72
N HIS A 72 4.85 -11.10 5.50
CA HIS A 72 6.18 -10.53 5.29
C HIS A 72 6.26 -9.13 5.89
N SER A 73 7.45 -8.76 6.37
CA SER A 73 7.65 -7.45 6.97
C SER A 73 7.37 -6.35 5.94
N VAL A 74 7.01 -5.17 6.42
CA VAL A 74 6.72 -4.06 5.55
C VAL A 74 7.88 -3.76 4.61
N ASP A 75 9.11 -3.87 5.13
CA ASP A 75 10.29 -3.63 4.31
C ASP A 75 10.33 -4.60 3.14
N GLN A 76 9.81 -5.80 3.36
CA GLN A 76 9.77 -6.82 2.33
C GLN A 76 8.77 -6.44 1.24
N LEU A 77 7.59 -5.99 1.66
CA LEU A 77 6.54 -5.60 0.72
C LEU A 77 6.96 -4.34 -0.04
N GLN A 78 7.43 -3.34 0.70
CA GLN A 78 7.87 -2.09 0.08
C GLN A 78 8.77 -2.42 -1.11
N LYS A 79 9.76 -3.26 -0.87
CA LYS A 79 10.65 -3.69 -1.92
C LYS A 79 9.87 -4.59 -2.87
N ALA A 80 8.93 -5.36 -2.32
CA ALA A 80 8.09 -6.24 -3.11
C ALA A 80 7.32 -5.43 -4.14
N MET A 81 7.06 -4.16 -3.81
CA MET A 81 6.37 -3.26 -4.71
C MET A 81 7.30 -2.90 -5.84
N LYS A 82 8.53 -2.54 -5.48
CA LYS A 82 9.56 -2.22 -6.46
C LYS A 82 9.93 -3.47 -7.24
N GLU A 83 9.58 -4.62 -6.67
CA GLU A 83 9.85 -5.91 -7.29
C GLU A 83 8.95 -6.16 -8.50
N THR A 84 7.65 -6.02 -8.28
CA THR A 84 6.66 -6.24 -9.33
C THR A 84 6.99 -5.40 -10.57
N LYS A 85 6.43 -5.78 -11.71
CA LYS A 85 6.66 -5.07 -12.96
C LYS A 85 6.34 -3.59 -12.80
N GLY A 86 5.42 -3.27 -11.91
CA GLY A 86 5.05 -1.89 -11.69
C GLY A 86 3.62 -1.72 -11.20
N MET A 87 2.77 -2.71 -11.47
CA MET A 87 1.38 -2.66 -11.06
C MET A 87 1.17 -3.37 -9.72
N ILE A 88 0.65 -2.62 -8.74
CA ILE A 88 0.38 -3.17 -7.42
C ILE A 88 -1.11 -3.14 -7.12
N SER A 89 -1.54 -4.03 -6.24
CA SER A 89 -2.95 -4.13 -5.85
C SER A 89 -3.05 -4.25 -4.34
N LEU A 90 -3.30 -3.13 -3.67
CA LEU A 90 -3.39 -3.13 -2.22
C LEU A 90 -4.81 -3.35 -1.74
N LYS A 91 -5.05 -4.52 -1.15
CA LYS A 91 -6.36 -4.85 -0.62
C LYS A 91 -6.46 -4.35 0.81
N VAL A 92 -7.42 -3.47 1.07
CA VAL A 92 -7.59 -2.92 2.40
C VAL A 92 -9.05 -2.92 2.83
N ILE A 93 -9.27 -2.74 4.13
CA ILE A 93 -10.62 -2.73 4.67
C ILE A 93 -11.11 -1.29 4.86
N PRO A 94 -12.41 -1.04 4.66
CA PRO A 94 -13.00 0.28 4.80
C PRO A 94 -12.62 0.96 6.11
N ASN A 95 -12.83 2.26 6.19
CA ASN A 95 -12.50 3.02 7.39
C ASN A 95 -13.76 3.56 8.06
N GLN A 96 -14.20 2.85 9.10
CA GLN A 96 -15.39 3.26 9.83
C GLN A 96 -15.11 4.54 10.62
N GLN A 97 -15.58 4.58 11.84
CA GLN A 97 -15.39 5.75 12.70
C GLN A 97 -13.99 5.73 13.32
N VAL A 13 -14.00 -5.56 1.98
CA VAL A 13 -12.60 -5.33 1.54
C VAL A 13 -12.52 -4.27 0.45
N ARG A 14 -11.32 -4.02 -0.04
CA ARG A 14 -11.11 -3.03 -1.08
C ARG A 14 -9.74 -3.24 -1.70
N LEU A 15 -9.50 -2.62 -2.86
CA LEU A 15 -8.20 -2.76 -3.51
C LEU A 15 -7.75 -1.44 -4.14
N ILE A 16 -6.44 -1.27 -4.24
CA ILE A 16 -5.86 -0.07 -4.82
C ILE A 16 -4.87 -0.46 -5.91
N GLN A 17 -5.19 -0.11 -7.15
CA GLN A 17 -4.33 -0.45 -8.28
C GLN A 17 -3.62 0.79 -8.81
N PHE A 18 -2.29 0.77 -8.75
CA PHE A 18 -1.50 1.89 -9.23
C PHE A 18 -0.38 1.42 -10.15
N GLU A 19 0.27 2.36 -10.82
CA GLU A 19 1.36 2.05 -11.73
C GLU A 19 2.70 2.52 -11.17
N LYS A 20 3.61 1.59 -10.96
CA LYS A 20 4.94 1.92 -10.45
C LYS A 20 6.00 1.72 -11.52
N VAL A 21 6.34 2.80 -12.20
CA VAL A 21 7.36 2.78 -13.26
C VAL A 21 7.87 4.19 -13.53
N THR A 22 6.97 5.16 -13.45
CA THR A 22 7.28 6.57 -13.67
C THR A 22 8.66 6.94 -13.11
N GLU A 23 9.21 8.06 -13.59
CA GLU A 23 10.51 8.53 -13.12
C GLU A 23 10.34 9.39 -11.87
N GLU A 24 9.17 9.29 -11.26
CA GLU A 24 8.83 10.04 -10.07
C GLU A 24 7.56 9.45 -9.46
N PRO A 25 7.61 8.16 -9.10
CA PRO A 25 6.46 7.44 -8.53
C PRO A 25 5.73 8.25 -7.46
N MET A 26 4.59 7.73 -7.02
CA MET A 26 3.79 8.40 -6.00
C MET A 26 4.62 8.65 -4.74
N GLY A 27 4.95 7.58 -4.03
CA GLY A 27 5.73 7.72 -2.81
C GLY A 27 4.87 7.64 -1.56
N ILE A 28 4.66 6.43 -1.07
CA ILE A 28 3.84 6.22 0.12
C ILE A 28 4.53 5.29 1.13
N THR A 29 4.04 5.30 2.36
CA THR A 29 4.61 4.46 3.41
C THR A 29 3.52 3.97 4.36
N LEU A 30 3.75 2.83 4.99
CA LEU A 30 2.79 2.26 5.93
C LEU A 30 3.47 1.86 7.23
N LYS A 31 2.70 1.92 8.32
CA LYS A 31 3.21 1.56 9.64
C LYS A 31 2.25 0.60 10.33
N LEU A 32 2.80 -0.42 10.98
CA LEU A 32 1.98 -1.40 11.68
C LEU A 32 2.50 -1.63 13.10
N ASN A 33 1.62 -2.11 13.97
CA ASN A 33 1.98 -2.38 15.36
C ASN A 33 2.99 -3.52 15.44
N GLU A 34 3.09 -4.15 16.62
CA GLU A 34 4.04 -5.25 16.83
C GLU A 34 3.53 -6.56 16.21
N LYS A 35 2.42 -6.50 15.48
CA LYS A 35 1.86 -7.69 14.84
C LYS A 35 2.01 -7.65 13.32
N GLN A 36 2.79 -6.69 12.83
CA GLN A 36 2.99 -6.55 11.39
C GLN A 36 1.65 -6.49 10.66
N SER A 37 0.75 -5.68 11.18
CA SER A 37 -0.59 -5.53 10.61
C SER A 37 -0.61 -4.58 9.41
N CYS A 38 0.57 -4.23 8.91
CA CYS A 38 0.71 -3.34 7.76
C CYS A 38 -0.43 -2.33 7.65
N THR A 39 -0.35 -1.25 8.42
CA THR A 39 -1.39 -0.22 8.38
C THR A 39 -0.87 1.01 7.64
N VAL A 40 -1.53 1.32 6.52
CA VAL A 40 -1.16 2.47 5.72
C VAL A 40 -0.82 3.67 6.60
N ALA A 41 0.21 4.42 6.24
CA ALA A 41 0.65 5.56 7.05
C ALA A 41 0.54 6.89 6.30
N ARG A 42 1.52 7.17 5.45
CA ARG A 42 1.54 8.43 4.72
C ARG A 42 1.51 8.22 3.21
N ILE A 43 1.21 9.31 2.49
CA ILE A 43 1.16 9.28 1.04
C ILE A 43 1.67 10.61 0.47
N LEU A 44 2.61 10.52 -0.47
CA LEU A 44 3.18 11.70 -1.08
C LEU A 44 2.09 12.59 -1.68
N HIS A 45 2.29 13.90 -1.60
CA HIS A 45 1.33 14.86 -2.12
C HIS A 45 1.37 14.91 -3.65
N GLY A 46 0.23 14.69 -4.27
CA GLY A 46 0.16 14.71 -5.73
C GLY A 46 0.32 13.33 -6.33
N GLY A 47 0.84 12.39 -5.56
CA GLY A 47 1.02 11.03 -6.05
C GLY A 47 -0.28 10.40 -6.51
N MET A 48 -0.17 9.34 -7.29
CA MET A 48 -1.34 8.63 -7.80
C MET A 48 -2.23 8.16 -6.65
N ILE A 49 -1.62 7.81 -5.53
CA ILE A 49 -2.36 7.34 -4.37
C ILE A 49 -3.28 8.43 -3.83
N HIS A 50 -2.67 9.52 -3.34
CA HIS A 50 -3.44 10.64 -2.80
C HIS A 50 -4.49 11.11 -3.80
N ARG A 51 -4.24 10.87 -5.08
CA ARG A 51 -5.16 11.29 -6.13
C ARG A 51 -6.30 10.27 -6.30
N GLN A 52 -6.07 9.03 -5.86
CA GLN A 52 -7.07 7.99 -5.96
C GLN A 52 -8.39 8.42 -5.32
N GLY A 53 -8.33 8.80 -4.05
CA GLY A 53 -9.52 9.22 -3.34
C GLY A 53 -10.15 8.11 -2.54
N SER A 54 -10.08 6.89 -3.07
CA SER A 54 -10.65 5.73 -2.41
C SER A 54 -9.78 5.30 -1.23
N LEU A 55 -8.54 5.78 -1.19
CA LEU A 55 -7.62 5.45 -0.11
C LEU A 55 -8.10 6.01 1.22
N HIS A 56 -7.50 5.53 2.31
CA HIS A 56 -7.86 5.97 3.65
C HIS A 56 -6.75 5.67 4.64
N VAL A 57 -5.88 6.65 4.89
CA VAL A 57 -4.77 6.50 5.82
C VAL A 57 -5.20 5.78 7.10
N GLY A 58 -4.34 4.87 7.54
CA GLY A 58 -4.64 4.12 8.74
C GLY A 58 -5.27 2.78 8.45
N ASP A 59 -5.85 2.65 7.26
CA ASP A 59 -6.49 1.40 6.85
C ASP A 59 -5.52 0.23 7.01
N GLU A 60 -6.03 -0.97 6.77
CA GLU A 60 -5.20 -2.16 6.90
C GLU A 60 -5.06 -2.86 5.55
N ILE A 61 -3.89 -3.45 5.30
CA ILE A 61 -3.62 -4.15 4.07
C ILE A 61 -3.39 -5.64 4.33
N LEU A 62 -4.11 -6.49 3.63
CA LEU A 62 -3.99 -7.94 3.81
C LEU A 62 -3.03 -8.57 2.82
N GLU A 63 -3.06 -8.10 1.58
CA GLU A 63 -2.20 -8.64 0.54
C GLU A 63 -2.13 -7.69 -0.64
N ILE A 64 -0.91 -7.47 -1.11
CA ILE A 64 -0.68 -6.58 -2.24
C ILE A 64 -0.18 -7.35 -3.44
N ASN A 65 -0.62 -6.93 -4.60
CA ASN A 65 -0.23 -7.56 -5.87
C ASN A 65 -0.24 -9.08 -5.76
N GLY A 66 -1.09 -9.62 -4.90
CA GLY A 66 -1.18 -11.06 -4.72
C GLY A 66 -0.10 -11.60 -3.80
N THR A 67 0.34 -10.78 -2.85
CA THR A 67 1.37 -11.18 -1.90
C THR A 67 0.86 -11.05 -0.47
N ASN A 68 1.27 -12.00 0.39
CA ASN A 68 0.86 -11.99 1.78
C ASN A 68 1.59 -10.92 2.58
N VAL A 69 1.09 -9.69 2.50
CA VAL A 69 1.69 -8.57 3.22
C VAL A 69 1.34 -8.61 4.71
N THR A 70 0.47 -9.55 5.09
CA THR A 70 0.06 -9.70 6.48
C THR A 70 1.22 -10.17 7.35
N ASN A 71 1.65 -11.41 7.15
CA ASN A 71 2.75 -11.99 7.91
C ASN A 71 4.09 -11.71 7.23
N HIS A 72 4.32 -10.45 6.87
CA HIS A 72 5.55 -10.05 6.21
C HIS A 72 6.00 -8.67 6.69
N SER A 73 7.31 -8.44 6.70
CA SER A 73 7.83 -7.15 7.12
C SER A 73 7.47 -6.10 6.08
N VAL A 74 7.06 -4.93 6.54
CA VAL A 74 6.68 -3.88 5.62
C VAL A 74 7.80 -3.56 4.64
N ASP A 75 9.04 -3.63 5.09
CA ASP A 75 10.17 -3.37 4.23
C ASP A 75 10.22 -4.41 3.10
N GLN A 76 9.80 -5.62 3.43
CA GLN A 76 9.78 -6.72 2.47
C GLN A 76 8.76 -6.45 1.37
N LEU A 77 7.59 -5.93 1.76
CA LEU A 77 6.54 -5.63 0.79
C LEU A 77 6.83 -4.35 0.03
N GLN A 78 7.28 -3.32 0.75
CA GLN A 78 7.61 -2.04 0.13
C GLN A 78 8.45 -2.30 -1.12
N LYS A 79 9.51 -3.10 -0.96
CA LYS A 79 10.35 -3.45 -2.07
C LYS A 79 9.61 -4.43 -2.98
N ALA A 80 8.74 -5.25 -2.36
CA ALA A 80 7.96 -6.22 -3.12
C ALA A 80 7.07 -5.49 -4.13
N MET A 81 6.65 -4.29 -3.76
CA MET A 81 5.82 -3.47 -4.64
C MET A 81 6.68 -2.97 -5.79
N LYS A 82 7.85 -2.46 -5.44
CA LYS A 82 8.80 -1.96 -6.44
C LYS A 82 9.31 -3.13 -7.27
N GLU A 83 9.25 -4.33 -6.68
CA GLU A 83 9.70 -5.55 -7.35
C GLU A 83 8.97 -5.75 -8.68
N THR A 84 7.67 -5.97 -8.60
CA THR A 84 6.84 -6.19 -9.79
C THR A 84 7.03 -5.05 -10.79
N LYS A 85 6.67 -5.32 -12.05
CA LYS A 85 6.80 -4.33 -13.12
C LYS A 85 6.32 -2.95 -12.67
N GLY A 86 5.35 -2.93 -11.76
CA GLY A 86 4.83 -1.66 -11.27
C GLY A 86 3.38 -1.74 -10.82
N MET A 87 2.56 -2.44 -11.60
CA MET A 87 1.14 -2.58 -11.28
C MET A 87 0.95 -3.37 -9.98
N ILE A 88 0.44 -2.69 -8.95
CA ILE A 88 0.20 -3.34 -7.67
C ILE A 88 -1.26 -3.24 -7.26
N SER A 89 -1.74 -4.29 -6.60
CA SER A 89 -3.12 -4.37 -6.13
C SER A 89 -3.15 -4.69 -4.63
N LEU A 90 -3.31 -3.65 -3.82
CA LEU A 90 -3.34 -3.83 -2.37
C LEU A 90 -4.75 -4.00 -1.86
N LYS A 91 -4.99 -5.10 -1.15
CA LYS A 91 -6.30 -5.38 -0.59
C LYS A 91 -6.40 -4.76 0.79
N VAL A 92 -7.26 -3.76 0.93
CA VAL A 92 -7.44 -3.09 2.20
C VAL A 92 -8.87 -3.20 2.71
N ILE A 93 -9.06 -2.88 3.98
CA ILE A 93 -10.39 -2.95 4.58
C ILE A 93 -10.94 -1.55 4.84
N PRO A 94 -12.27 -1.41 4.90
CA PRO A 94 -12.93 -0.12 5.14
C PRO A 94 -12.42 0.55 6.41
N ASN A 95 -12.09 1.83 6.30
CA ASN A 95 -11.58 2.59 7.44
C ASN A 95 -12.63 2.67 8.55
N GLN A 96 -12.74 1.60 9.34
CA GLN A 96 -13.69 1.55 10.42
C GLN A 96 -13.13 2.21 11.68
N GLN A 97 -13.39 3.50 11.80
CA GLN A 97 -12.92 4.27 12.94
C GLN A 97 -13.90 5.37 13.30
N VAL A 13 -14.06 -5.73 2.18
CA VAL A 13 -12.68 -5.45 1.70
C VAL A 13 -12.70 -4.47 0.54
N ARG A 14 -11.51 -4.15 0.03
CA ARG A 14 -11.37 -3.22 -1.08
C ARG A 14 -10.00 -3.40 -1.73
N LEU A 15 -9.85 -2.93 -2.97
CA LEU A 15 -8.58 -3.05 -3.66
C LEU A 15 -8.19 -1.73 -4.32
N ILE A 16 -6.89 -1.53 -4.49
CA ILE A 16 -6.37 -0.32 -5.11
C ILE A 16 -5.36 -0.67 -6.20
N GLN A 17 -5.68 -0.29 -7.43
CA GLN A 17 -4.79 -0.58 -8.55
C GLN A 17 -4.18 0.70 -9.08
N PHE A 18 -2.85 0.78 -9.02
CA PHE A 18 -2.15 1.96 -9.50
C PHE A 18 -0.84 1.59 -10.19
N GLU A 19 -0.35 2.50 -11.03
CA GLU A 19 0.90 2.26 -11.76
C GLU A 19 2.10 2.65 -10.90
N LYS A 20 2.92 1.66 -10.55
CA LYS A 20 4.10 1.91 -9.74
C LYS A 20 5.38 1.73 -10.56
N VAL A 21 5.88 2.85 -11.08
CA VAL A 21 7.11 2.86 -11.89
C VAL A 21 7.57 4.31 -12.09
N THR A 22 7.09 4.94 -13.17
CA THR A 22 7.42 6.33 -13.46
C THR A 22 8.93 6.59 -13.38
N GLU A 23 9.33 7.80 -13.74
CA GLU A 23 10.74 8.19 -13.69
C GLU A 23 11.03 8.94 -12.39
N GLU A 24 10.13 8.80 -11.43
CA GLU A 24 10.24 9.44 -10.14
C GLU A 24 9.02 9.08 -9.29
N PRO A 25 8.94 7.83 -8.83
CA PRO A 25 7.82 7.34 -8.02
C PRO A 25 7.28 8.38 -7.06
N MET A 26 5.97 8.34 -6.83
CA MET A 26 5.31 9.29 -5.94
C MET A 26 5.96 9.27 -4.56
N GLY A 27 5.72 8.20 -3.80
CA GLY A 27 6.29 8.10 -2.47
C GLY A 27 5.24 7.82 -1.41
N ILE A 28 5.29 6.62 -0.82
CA ILE A 28 4.33 6.24 0.21
C ILE A 28 4.96 5.27 1.21
N THR A 29 4.43 5.30 2.44
CA THR A 29 4.94 4.43 3.49
C THR A 29 3.81 4.00 4.43
N LEU A 30 3.98 2.85 5.06
CA LEU A 30 2.98 2.34 6.00
C LEU A 30 3.61 2.05 7.36
N LYS A 31 2.82 2.18 8.41
CA LYS A 31 3.29 1.94 9.75
C LYS A 31 2.46 0.84 10.42
N LEU A 32 3.13 -0.14 10.98
CA LEU A 32 2.45 -1.25 11.64
C LEU A 32 3.03 -1.51 13.02
N ASN A 33 2.22 -2.14 13.88
CA ASN A 33 2.65 -2.46 15.23
C ASN A 33 3.54 -3.70 15.21
N GLU A 34 3.67 -4.36 16.36
CA GLU A 34 4.49 -5.56 16.46
C GLU A 34 3.76 -6.79 15.93
N LYS A 35 2.57 -6.59 15.37
CA LYS A 35 1.78 -7.71 14.83
C LYS A 35 1.93 -7.83 13.32
N GLN A 36 2.60 -6.85 12.70
CA GLN A 36 2.79 -6.86 11.25
C GLN A 36 1.45 -6.70 10.54
N SER A 37 0.68 -5.70 10.96
CA SER A 37 -0.63 -5.45 10.37
C SER A 37 -0.57 -4.40 9.25
N CYS A 38 0.65 -4.06 8.84
CA CYS A 38 0.87 -3.07 7.77
C CYS A 38 -0.26 -2.04 7.70
N THR A 39 -0.24 -1.06 8.59
CA THR A 39 -1.26 -0.02 8.59
C THR A 39 -0.75 1.21 7.84
N VAL A 40 -1.37 1.49 6.71
CA VAL A 40 -1.01 2.64 5.89
C VAL A 40 -0.61 3.83 6.76
N ALA A 41 0.43 4.54 6.36
CA ALA A 41 0.92 5.68 7.14
C ALA A 41 0.86 7.00 6.37
N ARG A 42 1.85 7.23 5.52
CA ARG A 42 1.92 8.47 4.77
C ARG A 42 1.84 8.24 3.26
N ILE A 43 1.44 9.29 2.54
CA ILE A 43 1.33 9.23 1.09
C ILE A 43 1.68 10.59 0.48
N LEU A 44 2.82 10.64 -0.18
CA LEU A 44 3.29 11.87 -0.82
C LEU A 44 2.17 12.57 -1.58
N HIS A 45 2.14 13.90 -1.48
CA HIS A 45 1.11 14.70 -2.15
C HIS A 45 1.19 14.52 -3.66
N GLY A 46 0.04 14.56 -4.31
CA GLY A 46 0.00 14.40 -5.76
C GLY A 46 0.66 13.13 -6.23
N GLY A 47 -0.10 12.04 -6.26
CA GLY A 47 0.45 10.77 -6.69
C GLY A 47 -0.60 9.84 -7.27
N MET A 48 -0.60 8.59 -6.81
CA MET A 48 -1.56 7.61 -7.29
C MET A 48 -2.54 7.22 -6.18
N ILE A 49 -2.03 7.09 -4.96
CA ILE A 49 -2.87 6.73 -3.82
C ILE A 49 -3.55 7.98 -3.26
N HIS A 50 -2.75 8.99 -2.95
CA HIS A 50 -3.28 10.24 -2.41
C HIS A 50 -4.35 10.81 -3.34
N ARG A 51 -4.18 10.58 -4.64
CA ARG A 51 -5.14 11.06 -5.63
C ARG A 51 -6.27 10.05 -5.83
N GLN A 52 -5.98 8.78 -5.57
CA GLN A 52 -6.97 7.72 -5.72
C GLN A 52 -8.30 8.09 -5.06
N GLY A 53 -8.21 8.55 -3.81
CA GLY A 53 -9.41 8.92 -3.08
C GLY A 53 -9.96 7.80 -2.24
N SER A 54 -10.03 6.60 -2.83
CA SER A 54 -10.54 5.43 -2.14
C SER A 54 -9.63 5.07 -0.95
N LEU A 55 -8.39 5.51 -1.00
CA LEU A 55 -7.43 5.24 0.06
C LEU A 55 -7.85 5.92 1.36
N HIS A 56 -7.29 5.48 2.48
CA HIS A 56 -7.61 6.05 3.78
C HIS A 56 -6.49 5.79 4.78
N VAL A 57 -5.61 6.77 4.95
CA VAL A 57 -4.50 6.66 5.89
C VAL A 57 -4.94 6.07 7.21
N GLY A 58 -4.29 4.97 7.60
CA GLY A 58 -4.63 4.31 8.84
C GLY A 58 -5.39 3.02 8.61
N ASP A 59 -5.86 2.81 7.38
CA ASP A 59 -6.60 1.59 7.04
C ASP A 59 -5.73 0.38 7.26
N GLU A 60 -6.22 -0.78 6.88
CA GLU A 60 -5.47 -2.02 7.02
C GLU A 60 -5.31 -2.73 5.68
N ILE A 61 -4.12 -3.28 5.46
CA ILE A 61 -3.82 -4.00 4.23
C ILE A 61 -3.55 -5.48 4.54
N LEU A 62 -4.15 -6.36 3.75
CA LEU A 62 -3.99 -7.79 3.95
C LEU A 62 -3.01 -8.41 2.96
N GLU A 63 -3.03 -7.92 1.73
CA GLU A 63 -2.15 -8.43 0.70
C GLU A 63 -2.11 -7.49 -0.49
N ILE A 64 -0.91 -7.24 -0.96
CA ILE A 64 -0.72 -6.35 -2.11
C ILE A 64 -0.19 -7.12 -3.31
N ASN A 65 -0.64 -6.71 -4.49
CA ASN A 65 -0.24 -7.34 -5.75
C ASN A 65 -0.23 -8.87 -5.63
N GLY A 66 -1.08 -9.41 -4.76
CA GLY A 66 -1.13 -10.85 -4.58
C GLY A 66 -0.05 -11.38 -3.66
N THR A 67 0.38 -10.54 -2.72
CA THR A 67 1.43 -10.93 -1.78
C THR A 67 0.95 -10.76 -0.34
N ASN A 68 1.36 -11.67 0.53
CA ASN A 68 0.98 -11.61 1.94
C ASN A 68 1.72 -10.47 2.65
N VAL A 69 1.10 -9.30 2.65
CA VAL A 69 1.70 -8.13 3.28
C VAL A 69 1.43 -8.10 4.78
N THR A 70 0.66 -9.07 5.27
CA THR A 70 0.35 -9.15 6.69
C THR A 70 1.23 -10.19 7.37
N ASN A 71 2.48 -10.29 6.94
CA ASN A 71 3.42 -11.24 7.51
C ASN A 71 4.86 -10.73 7.43
N HIS A 72 5.38 -10.66 6.21
CA HIS A 72 6.75 -10.20 6.00
C HIS A 72 6.90 -8.75 6.47
N SER A 73 8.14 -8.33 6.70
CA SER A 73 8.40 -6.96 7.14
C SER A 73 7.90 -5.97 6.10
N VAL A 74 7.46 -4.81 6.57
CA VAL A 74 6.96 -3.79 5.68
C VAL A 74 7.96 -3.46 4.57
N ASP A 75 9.23 -3.44 4.91
CA ASP A 75 10.27 -3.15 3.93
C ASP A 75 10.28 -4.21 2.85
N GLN A 76 9.95 -5.44 3.24
CA GLN A 76 9.91 -6.56 2.31
C GLN A 76 8.78 -6.36 1.30
N LEU A 77 7.65 -5.85 1.78
CA LEU A 77 6.50 -5.61 0.92
C LEU A 77 6.69 -4.36 0.08
N GLN A 78 7.20 -3.30 0.71
CA GLN A 78 7.44 -2.04 0.01
C GLN A 78 8.17 -2.32 -1.30
N LYS A 79 9.23 -3.11 -1.21
CA LYS A 79 9.98 -3.50 -2.40
C LYS A 79 9.21 -4.56 -3.16
N ALA A 80 8.44 -5.36 -2.43
CA ALA A 80 7.62 -6.39 -3.05
C ALA A 80 6.71 -5.76 -4.11
N MET A 81 6.41 -4.48 -3.90
CA MET A 81 5.59 -3.73 -4.83
C MET A 81 6.48 -3.20 -5.96
N LYS A 82 7.62 -2.64 -5.56
CA LYS A 82 8.59 -2.13 -6.52
C LYS A 82 9.14 -3.29 -7.35
N GLU A 83 8.95 -4.50 -6.83
CA GLU A 83 9.40 -5.72 -7.49
C GLU A 83 8.65 -5.96 -8.79
N THR A 84 7.34 -6.16 -8.68
CA THR A 84 6.48 -6.40 -9.83
C THR A 84 6.66 -5.31 -10.88
N LYS A 85 6.26 -5.62 -12.12
CA LYS A 85 6.37 -4.68 -13.23
C LYS A 85 6.03 -3.25 -12.81
N GLY A 86 4.93 -3.10 -12.08
CA GLY A 86 4.54 -1.78 -11.63
C GLY A 86 3.14 -1.74 -11.04
N MET A 87 2.15 -2.16 -11.82
CA MET A 87 0.77 -2.17 -11.38
C MET A 87 0.60 -2.98 -10.10
N ILE A 88 0.21 -2.33 -9.02
CA ILE A 88 0.00 -3.01 -7.73
C ILE A 88 -1.46 -3.03 -7.36
N SER A 89 -1.85 -4.09 -6.65
CA SER A 89 -3.23 -4.27 -6.20
C SER A 89 -3.25 -4.56 -4.70
N LEU A 90 -3.44 -3.51 -3.90
CA LEU A 90 -3.46 -3.66 -2.45
C LEU A 90 -4.88 -3.86 -1.93
N LYS A 91 -5.06 -4.90 -1.13
CA LYS A 91 -6.36 -5.21 -0.55
C LYS A 91 -6.48 -4.53 0.82
N VAL A 92 -7.41 -3.60 0.94
CA VAL A 92 -7.59 -2.89 2.20
C VAL A 92 -9.05 -2.91 2.64
N ILE A 93 -9.28 -2.63 3.92
CA ILE A 93 -10.61 -2.61 4.48
C ILE A 93 -11.15 -1.18 4.57
N PRO A 94 -12.47 -1.00 4.39
CA PRO A 94 -13.09 0.32 4.46
C PRO A 94 -12.87 1.00 5.80
N ASN A 95 -12.26 2.19 5.77
CA ASN A 95 -11.97 2.95 6.99
C ASN A 95 -13.26 3.48 7.63
N GLN A 96 -14.11 2.56 8.08
CA GLN A 96 -15.37 2.93 8.72
C GLN A 96 -15.46 2.36 10.12
N GLN A 97 -14.32 2.29 10.81
CA GLN A 97 -14.27 1.76 12.16
C GLN A 97 -14.71 0.30 12.20
#